data_4ENE
#
_entry.id   4ENE
#
_cell.length_a   232.260
_cell.length_b   97.520
_cell.length_c   173.960
_cell.angle_alpha   90.00
_cell.angle_beta   132.87
_cell.angle_gamma   90.00
#
_symmetry.space_group_name_H-M   'C 1 2 1'
#
loop_
_entity.id
_entity.type
_entity.pdbx_description
1 polymer 'H(+)/Cl(-) exchange transporter ClcA'
2 polymer 'heavy chain of Fab fragment'
3 polymer 'light chain of Fab fragment'
4 branched alpha-D-glucopyranose-(1-4)-alpha-D-glucopyranose
5 non-polymer 'CHLORIDE ION'
6 non-polymer DECYL-BETA-D-MALTOPYRANOSIDE
7 water water
#
loop_
_entity_poly.entity_id
_entity_poly.type
_entity_poly.pdbx_seq_one_letter_code
_entity_poly.pdbx_strand_id
1 'polypeptide(L)'
;MRRRQLIRQLLERDKTPLAILFMAAVVGTLVGLAAVAFDKGVAWLQNQRMGALVHTADNYPLLLTVAFLCSAVLAMFGYF
LVRKYAPEAGGSGIPEIEGALEDQRPVRWWRVLPVKFFGGLGTLGGGMVLGREGPTVQIGGNIGRMVLDIFRLKGDEARH
TLLATGAAAGLAAAFNAPLAGILFIIEEMRPQFRYTLISIKAVFIGVIMSTIMYRIFNHEVALIDVGKLSDAPLNTLWLY
LILGIIFGIFGPIFNKWVLGMQDLLHRVHGGNITKWVLMGGAIGGLCGLLGFVAPATSGGGFNLIPIATAGNFSMGMLVF
IFVARVITTLLCFSSGAPGGIFAPMLALGTVLGTAFGMVAVELFPQYHLEAGTFAIAGMGALLAASIRAPLTGIILVLEM
TDNYQLILPMIITGLGATLLAQFTGGKPLYSAILARTLAKQEAEQK
;
A,B
2 'polypeptide(L)'
;EVRLLESGGGLVQPGGSLKLSCAASGFDYSRYWMSWVRQAPGKGLKWIGEINPVSSTINYTPSLKDKFIISRDNAKDTLY
LQISKVRSEDTALYYCARLYYGYGYWYFDVWGAGTTVTVSSAKTTPPSVYPLAPGSAAAAASMVTLGCLVKGYFPEPVTV
TWNSGSLAAGVHTFPAVLQAALYTLSSSVTVPSSSWPSETVTCNVAHPASSTKVDKKIVPRA
;
C,E
3 'polypeptide(L)'
;DIVLTQSPAIMSAAPGDKVTMTCSASSSVSYIHWYQQKSGTSPKRWIYDTSKLTSGVPVRFSGSGSGTSYSLTINTMEAE
DAATYYCQQWSSHPQTFGGGTKLEILRADAAPTVSIFPPSSEQLTSGGASVVCFLNNFYPKDINVKWKIDGSERQNGVLN
SWTDQDSKDSTYSMSSTLTLTKDEYERHNSYTCEATHKTSTSPIVKSFNRA
;
D,F
#
# COMPACT_ATOMS: atom_id res chain seq x y z
N ARG A 2 -36.17 -33.71 23.71
CA ARG A 2 -34.92 -33.44 24.41
C ARG A 2 -34.79 -31.97 24.81
N ARG A 3 -35.91 -31.26 24.88
CA ARG A 3 -35.90 -29.84 25.17
C ARG A 3 -35.23 -29.50 26.50
N ARG A 4 -35.62 -30.19 27.57
CA ARG A 4 -35.08 -29.86 28.88
C ARG A 4 -33.60 -30.23 28.99
N GLN A 5 -33.15 -31.21 28.20
CA GLN A 5 -31.74 -31.56 28.15
C GLN A 5 -30.95 -30.43 27.50
N LEU A 6 -31.35 -30.05 26.29
CA LEU A 6 -30.83 -28.88 25.61
C LEU A 6 -30.72 -27.67 26.54
N ILE A 7 -31.82 -27.30 27.18
CA ILE A 7 -31.79 -26.14 28.06
C ILE A 7 -30.66 -26.27 29.07
N ARG A 8 -30.36 -27.49 29.47
CA ARG A 8 -29.32 -27.71 30.46
C ARG A 8 -27.96 -27.45 29.81
N GLN A 9 -27.75 -28.09 28.67
CA GLN A 9 -26.54 -27.95 27.91
C GLN A 9 -26.22 -26.49 27.46
N LEU A 10 -27.23 -25.76 27.00
CA LEU A 10 -27.03 -24.38 26.61
C LEU A 10 -26.45 -23.58 27.76
N LEU A 11 -26.99 -23.78 28.94
CA LEU A 11 -26.60 -22.99 30.10
C LEU A 11 -25.21 -23.38 30.59
N GLU A 12 -24.69 -24.49 30.07
CA GLU A 12 -23.37 -24.99 30.47
C GLU A 12 -22.35 -24.97 29.32
N ARG A 13 -22.65 -24.22 28.27
CA ARG A 13 -21.81 -24.20 27.08
C ARG A 13 -20.49 -23.49 27.34
N ASP A 14 -19.43 -24.00 26.72
CA ASP A 14 -18.10 -23.37 26.76
C ASP A 14 -17.54 -23.27 28.19
N LYS A 15 -17.39 -24.41 28.85
CA LYS A 15 -16.75 -24.43 30.18
C LYS A 15 -15.62 -25.46 30.21
N THR A 16 -14.66 -25.28 29.31
CA THR A 16 -13.47 -26.14 29.30
C THR A 16 -12.81 -26.09 30.67
N PRO A 17 -12.48 -27.28 31.21
CA PRO A 17 -11.76 -27.45 32.48
C PRO A 17 -10.42 -26.71 32.49
N LEU A 18 -10.19 -25.88 33.49
CA LEU A 18 -8.95 -25.13 33.60
C LEU A 18 -7.69 -25.99 33.39
N ALA A 19 -7.74 -27.24 33.79
CA ALA A 19 -6.59 -28.12 33.63
C ALA A 19 -6.24 -28.25 32.15
N ILE A 20 -7.26 -28.46 31.33
CA ILE A 20 -7.06 -28.62 29.90
C ILE A 20 -6.56 -27.31 29.24
N LEU A 21 -7.06 -26.18 29.68
CA LEU A 21 -6.65 -24.89 29.13
C LEU A 21 -5.16 -24.61 29.34
N PHE A 22 -4.72 -24.74 30.60
CA PHE A 22 -3.32 -24.57 30.97
C PHE A 22 -2.40 -25.56 30.25
N MET A 23 -2.82 -26.81 30.17
CA MET A 23 -2.01 -27.82 29.51
C MET A 23 -1.97 -27.58 28.01
N ALA A 24 -3.01 -26.93 27.49
CA ALA A 24 -3.06 -26.57 26.08
C ALA A 24 -1.95 -25.56 25.82
N ALA A 25 -1.74 -24.68 26.80
CA ALA A 25 -0.71 -23.66 26.74
C ALA A 25 0.69 -24.25 26.70
N VAL A 26 0.99 -25.21 27.57
CA VAL A 26 2.31 -25.82 27.57
C VAL A 26 2.53 -26.70 26.34
N VAL A 27 1.48 -27.32 25.84
CA VAL A 27 1.59 -28.12 24.61
C VAL A 27 2.03 -27.23 23.43
N GLY A 28 1.42 -26.07 23.32
CA GLY A 28 1.69 -25.17 22.22
C GLY A 28 3.08 -24.58 22.30
N THR A 29 3.48 -24.20 23.51
CA THR A 29 4.81 -23.65 23.73
C THR A 29 5.86 -24.66 23.29
N LEU A 30 5.69 -25.92 23.66
CA LEU A 30 6.66 -26.94 23.32
C LEU A 30 6.69 -27.17 21.82
N VAL A 31 5.53 -27.14 21.19
CA VAL A 31 5.45 -27.44 19.77
C VAL A 31 6.11 -26.35 18.95
N GLY A 32 5.93 -25.12 19.42
CA GLY A 32 6.50 -23.96 18.78
C GLY A 32 8.01 -24.08 18.77
N LEU A 33 8.56 -24.33 19.95
CA LEU A 33 10.01 -24.51 20.13
C LEU A 33 10.54 -25.65 19.28
N ALA A 34 9.80 -26.75 19.23
CA ALA A 34 10.24 -27.89 18.45
C ALA A 34 10.22 -27.56 16.98
N ALA A 35 9.21 -26.82 16.55
CA ALA A 35 9.08 -26.43 15.14
C ALA A 35 10.17 -25.46 14.75
N VAL A 36 10.45 -24.51 15.64
CA VAL A 36 11.55 -23.59 15.43
C VAL A 36 12.86 -24.38 15.26
N ALA A 37 13.17 -25.22 16.24
CA ALA A 37 14.36 -26.03 16.22
C ALA A 37 14.44 -26.86 14.95
N PHE A 38 13.32 -27.43 14.54
CA PHE A 38 13.32 -28.29 13.36
C PHE A 38 13.68 -27.44 12.14
N ASP A 39 13.11 -26.25 12.11
CA ASP A 39 13.31 -25.30 11.03
C ASP A 39 14.77 -24.83 10.93
N LYS A 40 15.33 -24.42 12.06
CA LYS A 40 16.73 -24.02 12.13
C LYS A 40 17.66 -25.15 11.65
N GLY A 41 17.38 -26.38 12.08
CA GLY A 41 18.17 -27.53 11.69
C GLY A 41 18.17 -27.79 10.19
N VAL A 42 16.99 -27.77 9.58
CA VAL A 42 16.88 -27.99 8.15
C VAL A 42 17.70 -26.97 7.39
N ALA A 43 17.59 -25.71 7.78
CA ALA A 43 18.32 -24.65 7.10
C ALA A 43 19.83 -24.82 7.26
N TRP A 44 20.25 -25.18 8.48
CA TRP A 44 21.68 -25.37 8.77
C TRP A 44 22.32 -26.46 7.92
N LEU A 45 21.56 -27.50 7.61
CA LEU A 45 22.04 -28.58 6.77
C LEU A 45 22.07 -28.21 5.29
N GLN A 46 21.09 -27.41 4.84
CA GLN A 46 21.07 -26.97 3.47
C GLN A 46 22.26 -26.07 3.21
N ASN A 47 22.65 -25.32 4.24
CA ASN A 47 23.85 -24.51 4.19
C ASN A 47 25.10 -25.36 4.03
N GLN A 48 25.39 -26.18 5.04
CA GLN A 48 26.52 -27.09 4.96
C GLN A 48 26.64 -27.64 3.56
N ARG A 49 25.54 -28.11 3.02
CA ARG A 49 25.56 -28.65 1.67
C ARG A 49 26.01 -27.61 0.66
N MET A 50 25.62 -26.35 0.86
CA MET A 50 26.03 -25.29 -0.05
C MET A 50 27.53 -25.00 0.08
N GLY A 51 28.01 -24.88 1.31
CA GLY A 51 29.42 -24.63 1.56
C GLY A 51 30.32 -25.72 1.03
N ALA A 52 29.78 -26.93 0.89
CA ALA A 52 30.52 -28.06 0.37
C ALA A 52 30.76 -27.92 -1.13
N LEU A 53 29.70 -27.58 -1.86
CA LEU A 53 29.82 -27.37 -3.30
C LEU A 53 30.78 -26.25 -3.62
N VAL A 54 31.16 -25.48 -2.60
CA VAL A 54 32.16 -24.43 -2.77
C VAL A 54 33.57 -25.01 -2.81
N HIS A 55 33.91 -25.82 -1.82
CA HIS A 55 35.23 -26.46 -1.78
C HIS A 55 35.49 -27.30 -3.04
N THR A 56 34.45 -27.53 -3.83
CA THR A 56 34.56 -28.39 -5.01
C THR A 56 33.81 -27.83 -6.22
N ALA A 57 33.82 -26.52 -6.38
CA ALA A 57 33.09 -25.86 -7.47
C ALA A 57 33.88 -25.80 -8.78
N ASP A 58 35.08 -26.38 -8.76
CA ASP A 58 35.95 -26.37 -9.93
C ASP A 58 35.72 -27.60 -10.80
N ASN A 59 35.71 -28.77 -10.18
CA ASN A 59 35.54 -30.03 -10.87
C ASN A 59 34.07 -30.40 -11.08
N TYR A 60 33.44 -29.77 -12.07
CA TYR A 60 32.00 -29.94 -12.31
C TYR A 60 31.45 -31.35 -12.05
N PRO A 61 32.21 -32.39 -12.43
CA PRO A 61 31.83 -33.76 -12.07
C PRO A 61 31.90 -34.03 -10.57
N LEU A 62 32.99 -33.62 -9.91
CA LEU A 62 33.10 -33.78 -8.45
C LEU A 62 32.02 -32.97 -7.75
N LEU A 63 31.69 -31.83 -8.36
CA LEU A 63 30.62 -30.95 -7.89
C LEU A 63 29.30 -31.72 -7.88
N LEU A 64 28.92 -32.26 -9.03
CA LEU A 64 27.67 -33.00 -9.15
C LEU A 64 27.64 -34.23 -8.24
N THR A 65 28.83 -34.70 -7.87
CA THR A 65 28.95 -35.92 -7.09
C THR A 65 28.77 -35.65 -5.61
N VAL A 66 29.36 -34.56 -5.13
CA VAL A 66 29.25 -34.21 -3.71
C VAL A 66 27.85 -33.68 -3.40
N ALA A 67 27.12 -33.25 -4.42
CA ALA A 67 25.75 -32.82 -4.25
C ALA A 67 24.89 -34.04 -4.06
N PHE A 68 25.06 -35.03 -4.93
CA PHE A 68 24.29 -36.26 -4.86
C PHE A 68 24.58 -37.03 -3.58
N LEU A 69 25.85 -37.25 -3.26
CA LEU A 69 26.22 -38.02 -2.08
C LEU A 69 25.82 -37.33 -0.78
N CYS A 70 26.11 -36.05 -0.66
CA CYS A 70 25.74 -35.31 0.55
C CYS A 70 24.25 -35.46 0.88
N SER A 71 23.41 -35.49 -0.15
CA SER A 71 21.97 -35.58 0.03
C SER A 71 21.49 -37.02 0.09
N ALA A 72 22.26 -37.91 -0.52
CA ALA A 72 21.97 -39.34 -0.47
C ALA A 72 22.13 -39.82 0.95
N VAL A 73 23.28 -39.48 1.55
CA VAL A 73 23.56 -39.85 2.92
C VAL A 73 22.51 -39.31 3.88
N LEU A 74 22.22 -38.02 3.79
CA LEU A 74 21.23 -37.40 4.66
C LEU A 74 19.88 -38.08 4.47
N ALA A 75 19.53 -38.38 3.21
CA ALA A 75 18.27 -39.04 2.91
C ALA A 75 18.17 -40.40 3.60
N MET A 76 19.13 -41.27 3.28
CA MET A 76 19.15 -42.62 3.83
C MET A 76 19.02 -42.61 5.34
N PHE A 77 19.85 -41.79 5.99
CA PHE A 77 19.75 -41.62 7.42
C PHE A 77 18.31 -41.44 7.89
N GLY A 78 17.52 -40.68 7.14
CA GLY A 78 16.15 -40.42 7.54
C GLY A 78 15.22 -41.60 7.30
N TYR A 79 15.37 -42.23 6.13
CA TYR A 79 14.61 -43.43 5.79
C TYR A 79 14.87 -44.51 6.83
N PHE A 80 16.14 -44.73 7.12
CA PHE A 80 16.51 -45.73 8.10
C PHE A 80 15.85 -45.47 9.45
N LEU A 81 16.09 -44.29 10.01
CA LEU A 81 15.51 -43.91 11.29
C LEU A 81 14.01 -44.22 11.36
N VAL A 82 13.35 -44.24 10.21
CA VAL A 82 11.90 -44.46 10.17
C VAL A 82 11.56 -45.94 10.16
N ARG A 83 12.11 -46.64 9.18
CA ARG A 83 11.93 -48.09 9.03
C ARG A 83 12.33 -48.85 10.30
N LYS A 84 13.38 -48.37 10.97
CA LYS A 84 13.93 -49.09 12.11
C LYS A 84 13.15 -48.89 13.40
N TYR A 85 12.84 -47.64 13.75
CA TYR A 85 12.28 -47.37 15.09
C TYR A 85 10.84 -46.84 15.10
N ALA A 86 10.35 -46.38 13.95
CA ALA A 86 9.01 -45.78 13.91
C ALA A 86 8.46 -45.66 12.50
N PRO A 87 7.92 -46.77 11.97
CA PRO A 87 7.37 -46.84 10.60
C PRO A 87 6.16 -45.94 10.36
N GLU A 88 5.48 -45.52 11.42
CA GLU A 88 4.33 -44.66 11.22
C GLU A 88 4.73 -43.19 11.24
N ALA A 89 6.04 -42.96 11.27
CA ALA A 89 6.60 -41.62 11.11
C ALA A 89 7.06 -41.41 9.67
N GLY A 90 6.67 -42.33 8.80
CA GLY A 90 6.94 -42.17 7.38
C GLY A 90 5.92 -41.24 6.74
N GLY A 91 6.26 -40.71 5.57
CA GLY A 91 5.36 -39.83 4.84
C GLY A 91 4.95 -38.63 5.69
N SER A 92 3.70 -38.20 5.50
CA SER A 92 3.23 -36.98 6.15
C SER A 92 3.13 -37.14 7.65
N GLY A 93 2.15 -37.92 8.09
CA GLY A 93 1.91 -38.08 9.52
C GLY A 93 0.61 -37.41 9.93
N ILE A 94 0.06 -36.61 9.04
CA ILE A 94 -1.27 -36.08 9.28
C ILE A 94 -2.30 -37.20 9.25
N PRO A 95 -2.15 -38.15 8.30
CA PRO A 95 -3.06 -39.31 8.28
C PRO A 95 -2.99 -40.09 9.58
N GLU A 96 -1.79 -40.25 10.13
CA GLU A 96 -1.64 -40.90 11.45
C GLU A 96 -2.31 -40.14 12.57
N ILE A 97 -2.07 -38.83 12.69
CA ILE A 97 -2.70 -38.05 13.77
C ILE A 97 -4.21 -38.03 13.64
N GLU A 98 -4.70 -38.09 12.40
CA GLU A 98 -6.14 -38.19 12.19
C GLU A 98 -6.65 -39.52 12.76
N GLY A 99 -5.92 -40.60 12.45
CA GLY A 99 -6.15 -41.90 13.03
C GLY A 99 -6.28 -41.82 14.53
N ALA A 100 -5.26 -41.28 15.19
CA ALA A 100 -5.24 -41.16 16.66
C ALA A 100 -6.46 -40.44 17.22
N LEU A 101 -6.97 -39.45 16.49
CA LEU A 101 -8.15 -38.71 16.93
C LEU A 101 -9.41 -39.57 16.81
N GLU A 102 -9.37 -40.57 15.93
CA GLU A 102 -10.46 -41.53 15.80
C GLU A 102 -10.31 -42.62 16.85
N ASP A 103 -9.17 -42.62 17.55
CA ASP A 103 -8.82 -43.66 18.51
C ASP A 103 -8.56 -44.96 17.78
N GLN A 104 -7.97 -44.87 16.59
CA GLN A 104 -7.68 -46.06 15.80
C GLN A 104 -6.19 -46.26 15.52
N ARG A 105 -5.37 -45.39 16.09
CA ARG A 105 -3.92 -45.49 15.88
C ARG A 105 -3.25 -44.97 17.13
N PRO A 106 -2.12 -45.59 17.47
CA PRO A 106 -1.37 -45.21 18.67
C PRO A 106 -0.49 -43.98 18.44
N VAL A 107 -0.39 -43.16 19.48
CA VAL A 107 0.56 -42.05 19.52
C VAL A 107 1.84 -42.44 20.28
N ARG A 108 2.77 -43.11 19.61
CA ARG A 108 4.00 -43.56 20.23
C ARG A 108 5.04 -42.46 20.38
N TRP A 109 4.75 -41.50 21.25
CA TRP A 109 5.59 -40.32 21.34
C TRP A 109 7.03 -40.59 21.76
N TRP A 110 7.25 -41.63 22.55
CA TRP A 110 8.63 -41.99 22.93
C TRP A 110 9.43 -42.39 21.70
N ARG A 111 8.75 -42.73 20.61
CA ARG A 111 9.42 -43.20 19.38
C ARG A 111 9.40 -42.19 18.25
N VAL A 112 8.27 -41.52 18.05
CA VAL A 112 8.08 -40.66 16.89
C VAL A 112 8.81 -39.32 17.02
N LEU A 113 8.68 -38.67 18.18
CA LEU A 113 9.37 -37.41 18.41
C LEU A 113 10.80 -37.45 17.89
N PRO A 114 11.62 -38.36 18.44
CA PRO A 114 13.01 -38.45 17.94
C PRO A 114 13.08 -38.89 16.50
N VAL A 115 12.30 -39.89 16.10
CA VAL A 115 12.40 -40.37 14.73
C VAL A 115 12.01 -39.30 13.72
N LYS A 116 10.82 -38.73 13.89
CA LYS A 116 10.30 -37.75 12.93
C LYS A 116 11.20 -36.51 12.89
N PHE A 117 11.50 -35.94 14.07
CA PHE A 117 12.40 -34.80 14.19
C PHE A 117 13.72 -35.02 13.47
N PHE A 118 14.52 -35.97 13.95
CA PHE A 118 15.81 -36.26 13.31
C PHE A 118 15.67 -36.87 11.91
N GLY A 119 14.62 -37.67 11.72
CA GLY A 119 14.35 -38.24 10.42
C GLY A 119 14.11 -37.15 9.39
N GLY A 120 13.23 -36.20 9.72
CA GLY A 120 12.88 -35.11 8.82
C GLY A 120 14.04 -34.20 8.48
N LEU A 121 14.83 -33.81 9.49
CA LEU A 121 16.05 -33.06 9.25
C LEU A 121 16.84 -33.66 8.11
N GLY A 122 16.87 -34.98 8.03
CA GLY A 122 17.64 -35.66 7.01
C GLY A 122 17.04 -35.55 5.62
N THR A 123 15.73 -35.72 5.52
CA THR A 123 15.07 -35.67 4.22
C THR A 123 14.93 -34.23 3.76
N LEU A 124 14.45 -33.37 4.66
CA LEU A 124 14.27 -31.96 4.36
C LEU A 124 15.62 -31.25 4.11
N GLY A 125 16.57 -31.53 4.97
CA GLY A 125 17.88 -30.90 4.93
C GLY A 125 18.74 -31.32 3.75
N GLY A 126 18.42 -32.47 3.16
CA GLY A 126 19.06 -32.91 1.94
C GLY A 126 18.47 -32.27 0.70
N GLY A 127 17.39 -31.51 0.90
CA GLY A 127 16.76 -30.77 -0.18
C GLY A 127 15.72 -31.54 -0.96
N MET A 128 15.04 -32.50 -0.31
CA MET A 128 13.98 -33.23 -0.97
C MET A 128 12.72 -32.38 -1.07
N VAL A 129 11.92 -32.66 -2.08
CA VAL A 129 10.63 -32.02 -2.25
C VAL A 129 9.64 -32.50 -1.21
N LEU A 130 9.70 -31.92 -0.01
CA LEU A 130 8.78 -32.28 1.06
C LEU A 130 8.54 -31.09 2.01
N GLY A 131 7.40 -31.06 2.66
CA GLY A 131 7.08 -29.92 3.52
C GLY A 131 7.38 -30.15 4.99
N ARG A 132 7.57 -29.06 5.73
CA ARG A 132 7.80 -29.12 7.17
C ARG A 132 6.55 -29.51 7.96
N GLU A 133 5.37 -29.20 7.40
CA GLU A 133 4.11 -29.38 8.13
C GLU A 133 3.81 -30.84 8.50
N GLY A 134 4.17 -31.77 7.63
CA GLY A 134 4.05 -33.18 7.97
C GLY A 134 4.67 -33.41 9.33
N PRO A 135 6.00 -33.31 9.40
CA PRO A 135 6.75 -33.39 10.65
C PRO A 135 6.14 -32.56 11.77
N THR A 136 5.92 -31.26 11.55
CA THR A 136 5.47 -30.43 12.66
C THR A 136 4.09 -30.84 13.16
N VAL A 137 3.23 -31.35 12.27
CA VAL A 137 1.90 -31.79 12.72
C VAL A 137 2.01 -33.09 13.52
N GLN A 138 2.76 -34.07 13.01
CA GLN A 138 2.91 -35.31 13.77
C GLN A 138 3.70 -35.08 15.06
N ILE A 139 4.87 -34.48 14.94
CA ILE A 139 5.63 -34.07 16.11
C ILE A 139 4.75 -33.36 17.14
N GLY A 140 3.86 -32.48 16.67
CA GLY A 140 3.06 -31.69 17.59
C GLY A 140 1.95 -32.52 18.24
N GLY A 141 1.44 -33.48 17.50
CA GLY A 141 0.43 -34.38 18.04
C GLY A 141 1.06 -35.23 19.13
N ASN A 142 2.14 -35.90 18.77
CA ASN A 142 2.90 -36.65 19.73
C ASN A 142 3.23 -35.85 20.98
N ILE A 143 3.60 -34.59 20.81
CA ILE A 143 3.91 -33.76 21.96
C ILE A 143 2.67 -33.58 22.80
N GLY A 144 1.52 -33.61 22.15
CA GLY A 144 0.26 -33.46 22.85
C GLY A 144 -0.04 -34.66 23.73
N ARG A 145 0.25 -35.85 23.21
CA ARG A 145 0.09 -37.09 23.97
C ARG A 145 1.11 -37.13 25.11
N MET A 146 2.34 -36.75 24.80
CA MET A 146 3.42 -36.79 25.78
C MET A 146 3.08 -36.02 27.06
N VAL A 147 2.46 -34.85 26.95
CA VAL A 147 2.15 -34.10 28.17
C VAL A 147 0.85 -34.56 28.82
N LEU A 148 0.06 -35.33 28.06
CA LEU A 148 -1.14 -35.94 28.61
C LEU A 148 -0.67 -37.05 29.56
N ASP A 149 0.33 -37.79 29.11
CA ASP A 149 0.91 -38.89 29.87
C ASP A 149 1.76 -38.42 31.05
N ILE A 150 2.72 -37.54 30.80
CA ILE A 150 3.52 -37.00 31.90
C ILE A 150 2.66 -36.55 33.08
N PHE A 151 1.61 -35.81 32.78
CA PHE A 151 0.74 -35.26 33.84
C PHE A 151 -0.48 -36.12 34.09
N ARG A 152 -0.49 -37.32 33.50
CA ARG A 152 -1.58 -38.27 33.66
C ARG A 152 -2.96 -37.62 33.79
N LEU A 153 -3.32 -36.80 32.80
CA LEU A 153 -4.67 -36.25 32.74
C LEU A 153 -5.60 -37.28 32.11
N LYS A 154 -6.82 -37.36 32.60
CA LYS A 154 -7.71 -38.44 32.19
C LYS A 154 -8.95 -37.93 31.47
N GLY A 155 -9.55 -38.81 30.67
CA GLY A 155 -10.78 -38.48 29.98
C GLY A 155 -10.62 -38.40 28.49
N ASP A 156 -11.72 -38.48 27.76
CA ASP A 156 -11.72 -38.33 26.32
C ASP A 156 -11.41 -36.90 25.89
N GLU A 157 -12.03 -35.94 26.56
CA GLU A 157 -11.79 -34.54 26.24
C GLU A 157 -10.29 -34.26 26.17
N ALA A 158 -9.61 -34.38 27.31
CA ALA A 158 -8.19 -34.11 27.39
C ALA A 158 -7.33 -34.82 26.32
N ARG A 159 -7.66 -36.07 26.00
CA ARG A 159 -6.84 -36.83 25.05
C ARG A 159 -7.01 -36.25 23.65
N HIS A 160 -8.26 -35.89 23.33
CA HIS A 160 -8.59 -35.39 22.01
C HIS A 160 -8.19 -33.93 21.86
N THR A 161 -8.53 -33.12 22.86
CA THR A 161 -8.07 -31.76 22.90
C THR A 161 -6.55 -31.65 22.77
N LEU A 162 -5.81 -32.07 23.79
CA LEU A 162 -4.34 -31.97 23.76
C LEU A 162 -3.73 -32.48 22.46
N LEU A 163 -4.32 -33.52 21.88
CA LEU A 163 -3.81 -34.09 20.64
C LEU A 163 -4.06 -33.14 19.45
N ALA A 164 -5.25 -32.55 19.45
CA ALA A 164 -5.66 -31.60 18.43
C ALA A 164 -4.87 -30.30 18.49
N THR A 165 -4.71 -29.73 19.69
CA THR A 165 -3.97 -28.47 19.78
C THR A 165 -2.51 -28.66 19.38
N GLY A 166 -1.92 -29.79 19.74
CA GLY A 166 -0.56 -30.07 19.35
C GLY A 166 -0.41 -30.10 17.84
N ALA A 167 -1.42 -30.60 17.14
CA ALA A 167 -1.35 -30.68 15.69
C ALA A 167 -1.59 -29.31 15.04
N ALA A 168 -2.51 -28.55 15.61
CA ALA A 168 -2.79 -27.21 15.16
C ALA A 168 -1.58 -26.29 15.37
N ALA A 169 -1.06 -26.26 16.60
CA ALA A 169 0.16 -25.53 16.90
C ALA A 169 1.29 -25.97 15.96
N GLY A 170 1.20 -27.19 15.45
CA GLY A 170 2.19 -27.71 14.53
C GLY A 170 2.09 -27.14 13.13
N LEU A 171 0.86 -26.97 12.64
CA LEU A 171 0.63 -26.38 11.34
C LEU A 171 0.92 -24.88 11.40
N ALA A 172 0.36 -24.22 12.41
CA ALA A 172 0.66 -22.82 12.68
C ALA A 172 2.16 -22.50 12.65
N ALA A 173 2.95 -23.21 13.43
CA ALA A 173 4.37 -22.91 13.54
C ALA A 173 5.13 -23.17 12.24
N ALA A 174 4.59 -24.01 11.38
CA ALA A 174 5.24 -24.32 10.12
C ALA A 174 5.02 -23.23 9.06
N PHE A 175 3.92 -22.51 9.15
CA PHE A 175 3.61 -21.54 8.12
C PHE A 175 3.49 -20.15 8.73
N ASN A 176 3.69 -20.03 10.03
CA ASN A 176 3.37 -18.78 10.73
C ASN A 176 1.92 -18.37 10.40
N ALA A 177 1.00 -19.31 10.58
CA ALA A 177 -0.40 -19.17 10.17
C ALA A 177 -1.30 -19.72 11.25
N PRO A 178 -1.49 -18.95 12.32
CA PRO A 178 -2.35 -19.39 13.41
C PRO A 178 -3.77 -19.71 12.98
N LEU A 179 -4.40 -18.85 12.17
CA LEU A 179 -5.79 -19.11 11.78
C LEU A 179 -5.91 -20.40 11.00
N ALA A 180 -4.92 -20.70 10.18
CA ALA A 180 -5.00 -21.92 9.39
C ALA A 180 -4.82 -23.12 10.30
N GLY A 181 -4.07 -22.93 11.39
CA GLY A 181 -3.83 -24.00 12.33
C GLY A 181 -5.11 -24.50 12.95
N ILE A 182 -5.94 -23.57 13.43
CA ILE A 182 -7.22 -23.89 14.04
C ILE A 182 -8.24 -24.41 13.04
N LEU A 183 -8.32 -23.78 11.88
CA LEU A 183 -9.28 -24.18 10.86
C LEU A 183 -8.98 -25.59 10.36
N PHE A 184 -7.71 -25.95 10.33
CA PHE A 184 -7.31 -27.25 9.84
C PHE A 184 -7.88 -28.36 10.72
N ILE A 185 -7.91 -28.10 12.02
CA ILE A 185 -8.46 -29.04 12.99
C ILE A 185 -9.96 -29.09 12.84
N ILE A 186 -10.59 -27.91 12.84
CA ILE A 186 -12.05 -27.80 12.74
C ILE A 186 -12.62 -28.33 11.43
N GLU A 187 -11.89 -28.23 10.35
CA GLU A 187 -12.41 -28.69 9.06
C GLU A 187 -11.88 -30.05 8.63
N GLU A 188 -10.62 -30.35 8.93
CA GLU A 188 -9.98 -31.51 8.34
C GLU A 188 -9.63 -32.68 9.28
N MET A 189 -9.16 -32.38 10.48
CA MET A 189 -8.44 -33.37 11.24
C MET A 189 -9.28 -33.97 12.35
N ARG A 190 -10.28 -33.20 12.80
CA ARG A 190 -11.22 -33.71 13.78
C ARG A 190 -11.89 -34.95 13.22
N PRO A 191 -12.43 -35.80 14.13
CA PRO A 191 -13.26 -36.94 13.71
C PRO A 191 -14.40 -36.45 12.83
N GLN A 192 -14.44 -36.98 11.61
CA GLN A 192 -15.29 -36.44 10.57
C GLN A 192 -16.77 -36.87 10.65
N PHE A 193 -17.06 -37.95 11.38
CA PHE A 193 -18.37 -38.58 11.29
C PHE A 193 -19.14 -38.66 12.60
N ARG A 194 -18.59 -38.09 13.67
CA ARG A 194 -19.29 -38.07 14.96
C ARG A 194 -18.81 -36.92 15.82
N TYR A 195 -19.63 -36.54 16.78
CA TYR A 195 -19.28 -35.48 17.73
C TYR A 195 -17.95 -35.77 18.47
N THR A 196 -17.27 -34.71 18.90
CA THR A 196 -16.09 -34.83 19.75
C THR A 196 -16.05 -33.78 20.84
N LEU A 197 -15.24 -34.04 21.85
CA LEU A 197 -15.15 -33.16 22.99
C LEU A 197 -13.94 -32.24 22.89
N ILE A 198 -13.29 -32.24 21.72
CA ILE A 198 -12.24 -31.29 21.43
C ILE A 198 -12.67 -29.89 21.80
N SER A 199 -11.94 -29.25 22.71
CA SER A 199 -12.24 -27.89 23.10
C SER A 199 -11.58 -26.89 22.14
N ILE A 200 -12.38 -26.02 21.54
CA ILE A 200 -11.88 -25.04 20.58
C ILE A 200 -11.05 -23.95 21.26
N LYS A 201 -11.50 -23.51 22.42
CA LYS A 201 -10.78 -22.49 23.17
C LYS A 201 -9.38 -22.98 23.55
N ALA A 202 -9.25 -24.27 23.78
CA ALA A 202 -7.96 -24.80 24.18
C ALA A 202 -7.06 -24.88 22.96
N VAL A 203 -7.61 -25.28 21.83
CA VAL A 203 -6.83 -25.32 20.60
C VAL A 203 -6.31 -23.93 20.22
N PHE A 204 -7.13 -22.93 20.45
CA PHE A 204 -6.77 -21.54 20.19
C PHE A 204 -5.56 -21.16 21.02
N ILE A 205 -5.63 -21.40 22.33
CA ILE A 205 -4.52 -21.10 23.24
C ILE A 205 -3.17 -21.71 22.80
N GLY A 206 -3.19 -22.95 22.35
CA GLY A 206 -1.96 -23.63 21.97
C GLY A 206 -1.39 -23.04 20.71
N VAL A 207 -2.27 -22.55 19.84
CA VAL A 207 -1.84 -22.01 18.57
C VAL A 207 -1.20 -20.66 18.79
N ILE A 208 -1.83 -19.84 19.65
CA ILE A 208 -1.21 -18.59 20.07
C ILE A 208 0.22 -18.80 20.55
N MET A 209 0.37 -19.61 21.60
CA MET A 209 1.67 -19.89 22.20
C MET A 209 2.68 -20.38 21.15
N SER A 210 2.27 -21.33 20.33
CA SER A 210 3.12 -21.85 19.26
C SER A 210 3.59 -20.74 18.32
N THR A 211 2.67 -19.85 17.96
CA THR A 211 2.94 -18.78 17.00
C THR A 211 3.86 -17.74 17.61
N ILE A 212 3.68 -17.49 18.90
CA ILE A 212 4.55 -16.57 19.61
C ILE A 212 5.98 -17.12 19.62
N MET A 213 6.13 -18.41 19.90
CA MET A 213 7.44 -19.05 19.85
C MET A 213 8.08 -18.85 18.49
N TYR A 214 7.29 -19.01 17.44
CA TYR A 214 7.79 -18.82 16.10
C TYR A 214 8.26 -17.39 15.88
N ARG A 215 7.49 -16.42 16.35
CA ARG A 215 7.80 -15.01 16.11
C ARG A 215 9.08 -14.58 16.85
N ILE A 216 9.32 -15.22 18.00
CA ILE A 216 10.46 -14.89 18.81
C ILE A 216 11.78 -15.23 18.11
N PHE A 217 11.74 -16.22 17.22
CA PHE A 217 12.93 -16.63 16.48
C PHE A 217 12.87 -16.38 14.97
N ASN A 218 11.92 -15.55 14.51
CA ASN A 218 11.71 -15.43 13.07
C ASN A 218 11.28 -14.06 12.55
N HIS A 219 10.86 -13.18 13.45
CA HIS A 219 10.28 -11.89 13.05
C HIS A 219 11.13 -11.13 12.01
N GLU A 220 10.53 -10.08 11.45
CA GLU A 220 11.16 -9.24 10.43
C GLU A 220 11.32 -9.92 9.06
N VAL A 221 11.09 -11.23 8.99
CA VAL A 221 11.18 -11.95 7.71
C VAL A 221 9.99 -12.87 7.48
N ALA A 222 9.33 -12.75 6.32
CA ALA A 222 8.13 -13.53 6.02
C ALA A 222 8.44 -14.70 5.11
N LEU A 223 7.76 -15.82 5.33
CA LEU A 223 7.97 -17.02 4.52
C LEU A 223 7.81 -16.72 3.04
N ILE A 224 6.75 -16.00 2.71
CA ILE A 224 6.45 -15.66 1.32
C ILE A 224 6.03 -14.21 1.22
N ASP A 225 6.80 -13.40 0.51
CA ASP A 225 6.43 -12.00 0.30
C ASP A 225 6.14 -11.78 -1.19
N VAL A 226 4.91 -11.40 -1.48
CA VAL A 226 4.45 -11.30 -2.85
C VAL A 226 4.05 -9.86 -3.13
N GLY A 227 4.12 -9.01 -2.11
CA GLY A 227 3.67 -7.63 -2.24
C GLY A 227 2.16 -7.50 -2.32
N LYS A 228 1.68 -6.30 -2.69
CA LYS A 228 0.26 -6.08 -2.93
C LYS A 228 -0.01 -6.19 -4.43
N LEU A 229 -0.92 -7.08 -4.81
CA LEU A 229 -1.24 -7.27 -6.21
C LEU A 229 -2.45 -6.40 -6.52
N SER A 230 -2.95 -6.48 -7.75
CA SER A 230 -4.14 -5.71 -8.07
C SER A 230 -5.42 -6.36 -7.53
N ASP A 231 -6.52 -5.64 -7.71
CA ASP A 231 -7.84 -6.10 -7.35
C ASP A 231 -8.40 -6.99 -8.45
N ALA A 232 -9.62 -7.50 -8.25
CA ALA A 232 -10.24 -8.35 -9.25
C ALA A 232 -11.64 -7.84 -9.56
N PRO A 233 -11.84 -7.36 -10.78
CA PRO A 233 -13.16 -6.87 -11.19
C PRO A 233 -14.20 -7.99 -11.26
N LEU A 234 -15.45 -7.65 -10.94
CA LEU A 234 -16.53 -8.62 -11.00
C LEU A 234 -16.57 -9.41 -12.31
N ASN A 235 -16.31 -8.73 -13.43
CA ASN A 235 -16.47 -9.34 -14.76
C ASN A 235 -15.28 -10.23 -15.07
N THR A 236 -14.42 -10.36 -14.08
CA THR A 236 -13.22 -11.18 -14.16
C THR A 236 -13.41 -12.53 -13.43
N LEU A 237 -14.42 -12.60 -12.55
CA LEU A 237 -14.60 -13.77 -11.68
C LEU A 237 -14.73 -15.11 -12.43
N TRP A 238 -15.48 -15.12 -13.52
CA TRP A 238 -15.71 -16.35 -14.26
C TRP A 238 -14.41 -17.02 -14.64
N LEU A 239 -13.35 -16.23 -14.78
CA LEU A 239 -12.04 -16.77 -15.14
C LEU A 239 -11.43 -17.60 -14.01
N TYR A 240 -11.77 -17.23 -12.77
CA TYR A 240 -11.26 -17.96 -11.60
C TYR A 240 -12.02 -19.27 -11.44
N LEU A 241 -13.30 -19.25 -11.82
CA LEU A 241 -14.13 -20.43 -11.79
C LEU A 241 -13.57 -21.46 -12.75
N ILE A 242 -13.14 -21.00 -13.91
CA ILE A 242 -12.59 -21.91 -14.88
C ILE A 242 -11.35 -22.56 -14.30
N LEU A 243 -10.48 -21.74 -13.71
CA LEU A 243 -9.22 -22.24 -13.16
C LEU A 243 -9.50 -23.29 -12.10
N GLY A 244 -10.52 -23.04 -11.28
CA GLY A 244 -10.94 -23.98 -10.26
C GLY A 244 -11.33 -25.32 -10.86
N ILE A 245 -12.05 -25.26 -11.97
CA ILE A 245 -12.52 -26.45 -12.63
C ILE A 245 -11.35 -27.29 -13.14
N ILE A 246 -10.32 -26.62 -13.63
CA ILE A 246 -9.09 -27.31 -14.01
C ILE A 246 -8.43 -27.99 -12.81
N PHE A 247 -8.40 -27.29 -11.67
CA PHE A 247 -7.80 -27.87 -10.48
C PHE A 247 -8.63 -29.04 -10.00
N GLY A 248 -9.94 -28.94 -10.21
CA GLY A 248 -10.90 -29.94 -9.80
C GLY A 248 -10.77 -31.27 -10.50
N ILE A 249 -10.38 -31.26 -11.77
CA ILE A 249 -10.23 -32.50 -12.51
C ILE A 249 -8.82 -33.05 -12.31
N PHE A 250 -7.88 -32.15 -12.06
CA PHE A 250 -6.50 -32.56 -11.83
C PHE A 250 -6.31 -33.11 -10.42
N GLY A 251 -7.04 -32.53 -9.47
CA GLY A 251 -6.94 -32.95 -8.09
C GLY A 251 -6.85 -34.46 -7.91
N PRO A 252 -7.95 -35.16 -8.21
CA PRO A 252 -8.11 -36.61 -8.02
C PRO A 252 -7.05 -37.41 -8.79
N ILE A 253 -6.82 -37.02 -10.05
CA ILE A 253 -5.79 -37.62 -10.90
C ILE A 253 -4.41 -37.60 -10.25
N PHE A 254 -4.12 -36.50 -9.57
CA PHE A 254 -2.86 -36.37 -8.85
C PHE A 254 -2.91 -37.29 -7.63
N ASN A 255 -4.07 -37.40 -7.00
CA ASN A 255 -4.25 -38.34 -5.89
C ASN A 255 -3.95 -39.79 -6.29
N LYS A 256 -4.55 -40.24 -7.40
CA LYS A 256 -4.26 -41.57 -7.94
C LYS A 256 -2.77 -41.80 -8.00
N TRP A 257 -2.06 -40.86 -8.61
CA TRP A 257 -0.61 -40.99 -8.81
C TRP A 257 0.15 -41.14 -7.51
N VAL A 258 -0.19 -40.34 -6.50
CA VAL A 258 0.51 -40.46 -5.22
C VAL A 258 0.28 -41.85 -4.63
N LEU A 259 -0.98 -42.28 -4.57
CA LEU A 259 -1.32 -43.60 -4.04
C LEU A 259 -0.69 -44.71 -4.88
N GLY A 260 -0.88 -44.65 -6.19
CA GLY A 260 -0.35 -45.65 -7.08
C GLY A 260 1.16 -45.72 -7.04
N MET A 261 1.78 -44.57 -6.78
CA MET A 261 3.24 -44.49 -6.74
C MET A 261 3.77 -45.05 -5.42
N GLN A 262 2.94 -45.00 -4.37
CA GLN A 262 3.26 -45.67 -3.11
C GLN A 262 3.37 -47.17 -3.38
N ASP A 263 2.46 -47.65 -4.22
CA ASP A 263 2.41 -49.05 -4.62
C ASP A 263 3.60 -49.41 -5.47
N LEU A 264 3.82 -48.61 -6.51
CA LEU A 264 4.87 -48.89 -7.47
C LEU A 264 6.24 -48.89 -6.80
N LEU A 265 6.46 -47.94 -5.90
CA LEU A 265 7.76 -47.84 -5.24
C LEU A 265 7.98 -48.96 -4.22
N HIS A 266 6.88 -49.53 -3.73
CA HIS A 266 7.00 -50.59 -2.74
C HIS A 266 7.55 -51.85 -3.38
N ARG A 267 6.99 -52.18 -4.54
CA ARG A 267 7.48 -53.29 -5.34
C ARG A 267 8.99 -53.26 -5.50
N VAL A 268 9.57 -52.07 -5.52
CA VAL A 268 11.01 -51.95 -5.75
C VAL A 268 11.82 -52.55 -4.62
N HIS A 269 11.44 -52.28 -3.38
CA HIS A 269 12.16 -52.78 -2.22
C HIS A 269 11.42 -53.93 -1.52
N GLY A 270 10.22 -54.23 -2.02
CA GLY A 270 9.41 -55.31 -1.49
C GLY A 270 8.99 -55.08 -0.05
N GLY A 271 9.70 -54.19 0.64
CA GLY A 271 9.40 -53.87 2.03
C GLY A 271 10.68 -53.97 2.83
N ASN A 272 11.77 -54.27 2.13
CA ASN A 272 13.04 -54.58 2.79
C ASN A 272 13.88 -53.35 3.18
N ILE A 273 14.06 -53.18 4.49
CA ILE A 273 14.71 -52.00 5.05
C ILE A 273 16.07 -51.66 4.44
N THR A 274 16.65 -52.57 3.68
CA THR A 274 17.95 -52.26 3.07
C THR A 274 17.77 -51.72 1.66
N LYS A 275 16.91 -52.36 0.87
CA LYS A 275 16.59 -51.87 -0.45
C LYS A 275 15.87 -50.53 -0.34
N TRP A 276 14.97 -50.43 0.64
CA TRP A 276 14.21 -49.22 0.89
C TRP A 276 15.15 -48.05 1.17
N VAL A 277 16.02 -48.21 2.16
CA VAL A 277 16.95 -47.14 2.52
C VAL A 277 17.82 -46.75 1.33
N LEU A 278 18.22 -47.73 0.54
CA LEU A 278 19.03 -47.44 -0.65
C LEU A 278 18.20 -46.75 -1.73
N MET A 279 16.90 -46.99 -1.72
CA MET A 279 16.05 -46.35 -2.71
C MET A 279 15.93 -44.87 -2.36
N GLY A 280 15.68 -44.60 -1.08
CA GLY A 280 15.59 -43.24 -0.59
C GLY A 280 16.91 -42.48 -0.72
N GLY A 281 18.01 -43.22 -0.76
CA GLY A 281 19.31 -42.61 -0.90
C GLY A 281 19.50 -42.10 -2.31
N ALA A 282 18.86 -42.78 -3.26
CA ALA A 282 18.97 -42.40 -4.68
C ALA A 282 18.00 -41.27 -5.01
N ILE A 283 16.83 -41.30 -4.39
CA ILE A 283 15.88 -40.22 -4.58
C ILE A 283 16.42 -38.97 -3.89
N GLY A 284 17.00 -39.14 -2.71
CA GLY A 284 17.59 -38.03 -1.98
C GLY A 284 18.80 -37.43 -2.68
N GLY A 285 19.50 -38.24 -3.47
CA GLY A 285 20.66 -37.78 -4.21
C GLY A 285 20.24 -37.09 -5.49
N LEU A 286 19.17 -37.59 -6.09
CA LEU A 286 18.57 -36.95 -7.24
C LEU A 286 18.19 -35.51 -6.87
N CYS A 287 17.62 -35.35 -5.68
CA CYS A 287 17.13 -34.05 -5.27
C CYS A 287 18.25 -33.05 -4.95
N GLY A 288 19.28 -33.49 -4.24
CA GLY A 288 20.41 -32.63 -3.92
C GLY A 288 21.17 -32.24 -5.17
N LEU A 289 21.05 -33.07 -6.20
CA LEU A 289 21.70 -32.83 -7.49
C LEU A 289 20.86 -31.84 -8.31
N LEU A 290 19.60 -32.18 -8.52
CA LEU A 290 18.64 -31.27 -9.14
C LEU A 290 18.66 -29.92 -8.44
N GLY A 291 19.02 -29.93 -7.16
CA GLY A 291 19.08 -28.72 -6.38
C GLY A 291 20.14 -27.76 -6.88
N PHE A 292 21.18 -28.31 -7.49
CA PHE A 292 22.24 -27.47 -8.05
C PHE A 292 22.04 -27.17 -9.52
N VAL A 293 21.53 -28.14 -10.27
CA VAL A 293 21.43 -28.00 -11.71
C VAL A 293 20.08 -27.45 -12.18
N ALA A 294 19.13 -27.31 -11.26
CA ALA A 294 17.81 -26.75 -11.57
C ALA A 294 16.96 -26.64 -10.31
N PRO A 295 17.30 -25.67 -9.44
CA PRO A 295 16.71 -25.56 -8.11
C PRO A 295 15.17 -25.61 -8.13
N ALA A 296 14.55 -25.02 -9.14
CA ALA A 296 13.09 -24.95 -9.18
C ALA A 296 12.39 -26.31 -9.26
N THR A 297 13.12 -27.34 -9.66
CA THR A 297 12.57 -28.70 -9.76
C THR A 297 12.65 -29.43 -8.45
N SER A 298 13.28 -28.83 -7.46
CA SER A 298 13.57 -29.51 -6.22
C SER A 298 13.26 -28.64 -5.00
N GLY A 299 13.49 -29.18 -3.80
CA GLY A 299 13.34 -28.44 -2.57
C GLY A 299 11.89 -28.13 -2.22
N GLY A 300 11.69 -27.46 -1.08
CA GLY A 300 10.35 -27.11 -0.61
C GLY A 300 9.51 -26.30 -1.59
N GLY A 301 10.17 -25.40 -2.32
CA GLY A 301 9.52 -24.66 -3.38
C GLY A 301 9.01 -23.28 -3.01
N PHE A 302 9.21 -22.90 -1.75
CA PHE A 302 8.77 -21.59 -1.29
C PHE A 302 9.49 -20.46 -2.00
N ASN A 303 10.73 -20.72 -2.39
CA ASN A 303 11.55 -19.71 -3.05
C ASN A 303 10.99 -19.26 -4.38
N LEU A 304 10.46 -20.21 -5.14
CA LEU A 304 9.97 -19.90 -6.47
C LEU A 304 8.54 -19.34 -6.49
N ILE A 305 7.90 -19.22 -5.34
CA ILE A 305 6.53 -18.73 -5.32
C ILE A 305 6.42 -17.24 -5.67
N PRO A 306 7.10 -16.37 -4.91
CA PRO A 306 7.15 -14.94 -5.24
C PRO A 306 7.63 -14.64 -6.67
N ILE A 307 8.58 -15.44 -7.16
CA ILE A 307 9.09 -15.31 -8.52
C ILE A 307 8.02 -15.64 -9.54
N ALA A 308 7.29 -16.73 -9.29
CA ALA A 308 6.20 -17.14 -10.19
C ALA A 308 5.08 -16.10 -10.20
N THR A 309 4.73 -15.61 -9.02
CA THR A 309 3.63 -14.67 -8.86
C THR A 309 3.91 -13.35 -9.57
N ALA A 310 5.17 -12.95 -9.62
CA ALA A 310 5.54 -11.68 -10.24
C ALA A 310 5.69 -11.78 -11.75
N GLY A 311 5.24 -12.89 -12.33
CA GLY A 311 5.32 -13.11 -13.77
C GLY A 311 6.73 -13.19 -14.34
N ASN A 312 7.72 -13.49 -13.51
CA ASN A 312 9.14 -13.50 -13.93
C ASN A 312 9.64 -14.80 -14.55
N PHE A 313 8.75 -15.77 -14.75
CA PHE A 313 9.10 -17.00 -15.44
C PHE A 313 8.43 -16.98 -16.79
N SER A 314 9.11 -17.50 -17.82
CA SER A 314 8.48 -17.68 -19.11
C SER A 314 7.50 -18.84 -19.03
N MET A 315 6.53 -18.86 -19.92
CA MET A 315 5.59 -19.98 -20.01
C MET A 315 6.34 -21.31 -20.11
N GLY A 316 7.36 -21.35 -20.98
CA GLY A 316 8.18 -22.54 -21.13
C GLY A 316 8.69 -23.06 -19.80
N MET A 317 9.30 -22.17 -19.01
CA MET A 317 9.81 -22.51 -17.69
C MET A 317 8.72 -23.06 -16.75
N LEU A 318 7.56 -22.41 -16.73
CA LEU A 318 6.48 -22.83 -15.85
C LEU A 318 6.03 -24.24 -16.15
N VAL A 319 5.89 -24.57 -17.43
CA VAL A 319 5.51 -25.91 -17.81
C VAL A 319 6.58 -26.90 -17.35
N PHE A 320 7.83 -26.61 -17.73
CA PHE A 320 8.96 -27.39 -17.25
C PHE A 320 8.84 -27.63 -15.75
N ILE A 321 8.88 -26.55 -14.99
CA ILE A 321 8.82 -26.62 -13.53
C ILE A 321 7.65 -27.47 -13.04
N PHE A 322 6.47 -27.24 -13.57
CA PHE A 322 5.29 -27.99 -13.14
C PHE A 322 5.48 -29.48 -13.31
N VAL A 323 5.85 -29.89 -14.52
CA VAL A 323 6.03 -31.29 -14.83
C VAL A 323 7.13 -31.88 -13.96
N ALA A 324 8.30 -31.28 -14.00
CA ALA A 324 9.42 -31.68 -13.15
C ALA A 324 8.95 -31.90 -11.73
N ARG A 325 8.28 -30.89 -11.16
CA ARG A 325 7.95 -30.89 -9.75
C ARG A 325 6.84 -31.84 -9.42
N VAL A 326 6.02 -32.16 -10.40
CA VAL A 326 5.03 -33.21 -10.19
C VAL A 326 5.79 -34.51 -10.01
N ILE A 327 6.78 -34.71 -10.86
CA ILE A 327 7.62 -35.89 -10.75
C ILE A 327 8.35 -35.94 -9.39
N THR A 328 9.22 -34.99 -9.11
CA THR A 328 9.98 -35.02 -7.86
C THR A 328 9.08 -34.95 -6.63
N THR A 329 7.84 -34.49 -6.78
CA THR A 329 6.94 -34.44 -5.64
C THR A 329 6.44 -35.85 -5.30
N LEU A 330 6.09 -36.60 -6.33
CA LEU A 330 5.59 -37.97 -6.16
C LEU A 330 6.70 -38.86 -5.63
N LEU A 331 7.84 -38.85 -6.32
CA LEU A 331 8.98 -39.67 -5.93
C LEU A 331 9.34 -39.52 -4.46
N CYS A 332 9.22 -38.29 -3.94
CA CYS A 332 9.64 -38.01 -2.57
C CYS A 332 8.60 -38.42 -1.56
N PHE A 333 7.34 -38.07 -1.82
CA PHE A 333 6.31 -38.35 -0.83
C PHE A 333 5.86 -39.80 -0.87
N SER A 334 5.64 -40.31 -2.07
CA SER A 334 5.22 -41.68 -2.27
C SER A 334 6.29 -42.68 -1.81
N SER A 335 7.55 -42.23 -1.75
CA SER A 335 8.67 -43.11 -1.41
C SER A 335 8.58 -43.51 0.04
N GLY A 336 7.94 -42.67 0.84
CA GLY A 336 7.77 -42.96 2.24
C GLY A 336 8.66 -42.13 3.15
N ALA A 337 9.50 -41.28 2.56
CA ALA A 337 10.35 -40.39 3.35
C ALA A 337 9.47 -39.54 4.27
N PRO A 338 9.98 -39.24 5.47
CA PRO A 338 9.19 -38.42 6.39
C PRO A 338 9.14 -36.97 5.91
N GLY A 339 7.94 -36.40 5.87
CA GLY A 339 7.76 -35.03 5.43
C GLY A 339 6.46 -34.83 4.66
N GLY A 340 5.99 -33.59 4.64
CA GLY A 340 4.70 -33.27 4.09
C GLY A 340 4.60 -33.24 2.57
N ILE A 341 3.39 -33.31 2.06
CA ILE A 341 3.12 -33.09 0.65
C ILE A 341 2.33 -31.79 0.53
N PHE A 342 1.91 -31.27 1.68
CA PHE A 342 1.07 -30.07 1.78
C PHE A 342 1.71 -28.82 1.13
N ALA A 343 2.89 -28.44 1.62
CA ALA A 343 3.62 -27.32 1.05
C ALA A 343 3.95 -27.49 -0.44
N PRO A 344 4.51 -28.65 -0.84
CA PRO A 344 4.79 -28.85 -2.27
C PRO A 344 3.56 -28.68 -3.17
N MET A 345 2.37 -28.95 -2.63
CA MET A 345 1.14 -28.72 -3.36
C MET A 345 0.82 -27.22 -3.51
N LEU A 346 1.35 -26.40 -2.60
CA LEU A 346 1.27 -24.95 -2.73
C LEU A 346 2.07 -24.47 -3.94
N ALA A 347 3.31 -24.91 -4.04
CA ALA A 347 4.16 -24.61 -5.18
C ALA A 347 3.51 -25.06 -6.50
N LEU A 348 2.93 -26.26 -6.52
CA LEU A 348 2.31 -26.73 -7.75
C LEU A 348 1.12 -25.85 -8.13
N GLY A 349 0.39 -25.38 -7.13
CA GLY A 349 -0.79 -24.56 -7.37
C GLY A 349 -0.42 -23.22 -7.97
N THR A 350 0.60 -22.59 -7.38
CA THR A 350 1.09 -21.31 -7.83
C THR A 350 1.53 -21.39 -9.28
N VAL A 351 2.45 -22.30 -9.56
CA VAL A 351 2.95 -22.48 -10.90
C VAL A 351 1.82 -22.68 -11.90
N LEU A 352 0.86 -23.55 -11.59
CA LEU A 352 -0.27 -23.77 -12.47
C LEU A 352 -1.09 -22.49 -12.63
N GLY A 353 -1.41 -21.84 -11.51
CA GLY A 353 -2.17 -20.60 -11.52
C GLY A 353 -1.55 -19.60 -12.50
N THR A 354 -0.26 -19.35 -12.33
CA THR A 354 0.47 -18.39 -13.13
C THR A 354 0.36 -18.68 -14.62
N ALA A 355 0.53 -19.94 -15.02
CA ALA A 355 0.43 -20.29 -16.43
C ALA A 355 -0.97 -19.96 -16.97
N PHE A 356 -2.00 -20.27 -16.21
CA PHE A 356 -3.38 -19.90 -16.59
C PHE A 356 -3.50 -18.38 -16.70
N GLY A 357 -2.84 -17.68 -15.79
CA GLY A 357 -2.89 -16.23 -15.72
C GLY A 357 -2.24 -15.61 -16.94
N MET A 358 -1.11 -16.16 -17.34
CA MET A 358 -0.39 -15.69 -18.51
C MET A 358 -1.23 -15.84 -19.75
N VAL A 359 -1.98 -16.92 -19.83
CA VAL A 359 -2.91 -17.08 -20.94
C VAL A 359 -4.07 -16.10 -20.84
N ALA A 360 -4.59 -15.88 -19.64
CA ALA A 360 -5.73 -14.97 -19.49
C ALA A 360 -5.31 -13.55 -19.86
N VAL A 361 -4.08 -13.19 -19.48
CA VAL A 361 -3.55 -11.87 -19.77
C VAL A 361 -3.56 -11.58 -21.28
N GLU A 362 -3.19 -12.56 -22.09
CA GLU A 362 -3.12 -12.37 -23.54
C GLU A 362 -4.44 -12.51 -24.29
N LEU A 363 -5.44 -13.15 -23.70
CA LEU A 363 -6.71 -13.32 -24.40
C LEU A 363 -7.63 -12.16 -24.14
N PHE A 364 -7.42 -11.48 -23.01
CA PHE A 364 -8.31 -10.43 -22.59
C PHE A 364 -7.52 -9.22 -22.12
N PRO A 365 -6.94 -8.46 -23.06
CA PRO A 365 -6.30 -7.23 -22.63
C PRO A 365 -7.33 -6.25 -22.03
N GLN A 366 -8.60 -6.42 -22.39
CA GLN A 366 -9.63 -5.55 -21.81
C GLN A 366 -9.84 -5.75 -20.31
N TYR A 367 -9.31 -6.85 -19.75
CA TYR A 367 -9.50 -7.14 -18.32
C TYR A 367 -8.40 -6.54 -17.46
N HIS A 368 -7.28 -6.19 -18.09
CA HIS A 368 -6.16 -5.51 -17.42
C HIS A 368 -5.60 -6.39 -16.31
N LEU A 369 -5.36 -7.65 -16.67
CA LEU A 369 -4.98 -8.66 -15.70
C LEU A 369 -3.53 -8.64 -15.36
N GLU A 370 -3.23 -9.18 -14.18
CA GLU A 370 -1.88 -9.46 -13.76
C GLU A 370 -1.82 -10.98 -13.54
N ALA A 371 -0.81 -11.63 -14.10
CA ALA A 371 -0.68 -13.08 -13.93
C ALA A 371 -0.75 -13.48 -12.46
N GLY A 372 -0.17 -12.65 -11.59
CA GLY A 372 -0.10 -12.94 -10.17
C GLY A 372 -1.41 -13.23 -9.44
N THR A 373 -2.51 -12.60 -9.84
CA THR A 373 -3.74 -12.82 -9.11
C THR A 373 -4.24 -14.25 -9.29
N PHE A 374 -3.94 -14.85 -10.43
CA PHE A 374 -4.33 -16.23 -10.67
C PHE A 374 -3.37 -17.16 -9.94
N ALA A 375 -2.11 -16.75 -9.85
CA ALA A 375 -1.13 -17.52 -9.07
C ALA A 375 -1.59 -17.61 -7.61
N ILE A 376 -2.11 -16.51 -7.07
CA ILE A 376 -2.54 -16.46 -5.70
C ILE A 376 -3.78 -17.34 -5.53
N ALA A 377 -4.63 -17.37 -6.55
CA ALA A 377 -5.87 -18.15 -6.48
C ALA A 377 -5.62 -19.65 -6.66
N GLY A 378 -4.54 -20.00 -7.33
CA GLY A 378 -4.23 -21.39 -7.59
C GLY A 378 -3.42 -21.98 -6.46
N MET A 379 -2.74 -21.11 -5.71
CA MET A 379 -1.85 -21.53 -4.65
C MET A 379 -2.48 -22.56 -3.69
N GLY A 380 -3.68 -22.27 -3.22
CA GLY A 380 -4.38 -23.18 -2.33
C GLY A 380 -5.35 -24.10 -3.03
N ALA A 381 -5.29 -24.17 -4.36
CA ALA A 381 -6.27 -24.92 -5.12
C ALA A 381 -5.99 -26.42 -5.21
N LEU A 382 -4.71 -26.80 -5.26
CA LEU A 382 -4.40 -28.22 -5.26
C LEU A 382 -4.77 -28.78 -3.91
N LEU A 383 -4.42 -28.06 -2.84
CA LEU A 383 -4.92 -28.36 -1.52
C LEU A 383 -6.41 -28.65 -1.54
N ALA A 384 -7.19 -27.74 -2.12
CA ALA A 384 -8.65 -27.86 -2.09
C ALA A 384 -9.16 -29.03 -2.94
N ALA A 385 -8.54 -29.26 -4.09
CA ALA A 385 -8.95 -30.36 -4.96
C ALA A 385 -8.47 -31.74 -4.48
N SER A 386 -7.25 -31.81 -3.92
CA SER A 386 -6.62 -33.07 -3.54
C SER A 386 -6.88 -33.50 -2.10
N ILE A 387 -6.55 -32.65 -1.13
CA ILE A 387 -6.85 -32.98 0.26
C ILE A 387 -8.24 -32.51 0.73
N ARG A 388 -8.93 -31.74 -0.11
CA ARG A 388 -10.30 -31.34 0.16
C ARG A 388 -10.52 -30.55 1.45
N ALA A 389 -9.53 -29.78 1.87
CA ALA A 389 -9.71 -28.81 2.95
C ALA A 389 -9.59 -27.39 2.41
N PRO A 390 -10.63 -26.91 1.70
CA PRO A 390 -10.62 -25.64 0.97
C PRO A 390 -10.62 -24.42 1.88
N LEU A 391 -11.35 -24.46 2.99
CA LEU A 391 -11.39 -23.31 3.88
C LEU A 391 -10.03 -23.13 4.54
N THR A 392 -9.30 -24.22 4.70
CA THR A 392 -8.00 -24.17 5.36
C THR A 392 -6.97 -23.66 4.36
N GLY A 393 -7.02 -24.22 3.15
CA GLY A 393 -6.24 -23.72 2.04
C GLY A 393 -6.39 -22.22 1.83
N ILE A 394 -7.64 -21.76 1.76
CA ILE A 394 -7.92 -20.37 1.46
C ILE A 394 -7.40 -19.48 2.56
N ILE A 395 -7.68 -19.84 3.80
CA ILE A 395 -7.25 -19.01 4.92
C ILE A 395 -5.75 -19.09 5.12
N LEU A 396 -5.14 -20.17 4.65
CA LEU A 396 -3.70 -20.30 4.81
C LEU A 396 -3.01 -19.36 3.82
N VAL A 397 -3.48 -19.39 2.58
CA VAL A 397 -2.94 -18.55 1.53
C VAL A 397 -3.09 -17.07 1.90
N LEU A 398 -4.28 -16.68 2.31
CA LEU A 398 -4.50 -15.36 2.85
C LEU A 398 -3.45 -14.99 3.90
N GLU A 399 -3.25 -15.85 4.88
CA GLU A 399 -2.31 -15.55 5.94
C GLU A 399 -0.85 -15.40 5.44
N MET A 400 -0.50 -16.14 4.39
CA MET A 400 0.84 -16.10 3.87
C MET A 400 1.06 -15.00 2.84
N THR A 401 0.01 -14.58 2.14
CA THR A 401 0.21 -13.63 1.07
C THR A 401 -0.47 -12.28 1.31
N ASP A 402 -1.38 -12.23 2.27
CA ASP A 402 -1.95 -10.96 2.71
C ASP A 402 -2.49 -10.11 1.56
N ASN A 403 -3.17 -10.75 0.62
CA ASN A 403 -3.88 -10.05 -0.44
C ASN A 403 -5.40 -10.20 -0.32
N TYR A 404 -5.95 -9.65 0.75
CA TYR A 404 -7.37 -9.87 1.04
C TYR A 404 -8.34 -9.49 -0.09
N GLN A 405 -7.95 -8.53 -0.93
CA GLN A 405 -8.81 -8.09 -2.01
C GLN A 405 -9.06 -9.20 -3.03
N LEU A 406 -8.27 -10.26 -2.98
CA LEU A 406 -8.50 -11.40 -3.86
C LEU A 406 -9.37 -12.52 -3.21
N ILE A 407 -9.98 -12.24 -2.05
CA ILE A 407 -10.75 -13.26 -1.33
C ILE A 407 -11.79 -13.96 -2.21
N LEU A 408 -12.60 -13.20 -2.94
CA LEU A 408 -13.60 -13.79 -3.82
C LEU A 408 -13.04 -14.73 -4.88
N PRO A 409 -12.07 -14.25 -5.70
CA PRO A 409 -11.49 -15.20 -6.67
C PRO A 409 -10.76 -16.38 -6.03
N MET A 410 -10.17 -16.19 -4.86
CA MET A 410 -9.56 -17.32 -4.12
C MET A 410 -10.59 -18.36 -3.70
N ILE A 411 -11.74 -17.90 -3.26
CA ILE A 411 -12.79 -18.78 -2.79
C ILE A 411 -13.41 -19.51 -3.96
N ILE A 412 -13.53 -18.82 -5.09
CA ILE A 412 -14.21 -19.36 -6.27
C ILE A 412 -13.37 -20.46 -6.91
N THR A 413 -12.07 -20.24 -6.94
CA THR A 413 -11.15 -21.22 -7.49
C THR A 413 -11.11 -22.43 -6.60
N GLY A 414 -11.19 -22.19 -5.29
CA GLY A 414 -11.14 -23.25 -4.30
C GLY A 414 -12.40 -24.09 -4.31
N LEU A 415 -13.55 -23.44 -4.36
CA LEU A 415 -14.80 -24.17 -4.39
C LEU A 415 -14.92 -24.98 -5.66
N GLY A 416 -14.62 -24.33 -6.78
CA GLY A 416 -14.68 -25.01 -8.06
C GLY A 416 -13.79 -26.22 -8.05
N ALA A 417 -12.65 -26.12 -7.38
CA ALA A 417 -11.72 -27.23 -7.32
C ALA A 417 -12.32 -28.39 -6.53
N THR A 418 -12.91 -28.08 -5.37
CA THR A 418 -13.46 -29.11 -4.51
C THR A 418 -14.74 -29.70 -5.10
N LEU A 419 -15.44 -28.90 -5.89
CA LEU A 419 -16.67 -29.37 -6.54
C LEU A 419 -16.36 -30.32 -7.69
N LEU A 420 -15.35 -30.01 -8.48
CA LEU A 420 -15.02 -30.84 -9.62
C LEU A 420 -14.24 -32.09 -9.22
N ALA A 421 -13.58 -32.03 -8.07
CA ALA A 421 -12.92 -33.22 -7.54
C ALA A 421 -13.98 -34.20 -7.02
N GLN A 422 -14.94 -33.69 -6.26
CA GLN A 422 -16.09 -34.51 -5.91
C GLN A 422 -16.72 -35.16 -7.15
N PHE A 423 -17.18 -34.34 -8.09
CA PHE A 423 -17.93 -34.82 -9.26
C PHE A 423 -17.13 -35.71 -10.22
N THR A 424 -15.82 -35.77 -10.08
CA THR A 424 -15.02 -36.66 -10.92
C THR A 424 -14.54 -37.86 -10.11
N GLY A 425 -15.16 -38.06 -8.95
CA GLY A 425 -14.86 -39.22 -8.14
C GLY A 425 -13.45 -39.27 -7.57
N GLY A 426 -13.09 -38.24 -6.81
CA GLY A 426 -11.82 -38.22 -6.11
C GLY A 426 -12.11 -38.22 -4.63
N LYS A 427 -11.09 -38.40 -3.81
CA LYS A 427 -11.31 -38.46 -2.37
C LYS A 427 -10.35 -37.56 -1.62
N PRO A 428 -10.73 -37.16 -0.40
CA PRO A 428 -9.76 -36.43 0.44
C PRO A 428 -8.53 -37.30 0.62
N LEU A 429 -7.39 -36.83 0.14
CA LEU A 429 -6.15 -37.61 0.20
C LEU A 429 -5.81 -38.18 1.58
N TYR A 430 -5.90 -37.35 2.62
CA TYR A 430 -5.47 -37.78 3.94
C TYR A 430 -6.34 -38.94 4.38
N SER A 431 -7.63 -38.84 4.08
CA SER A 431 -8.58 -39.88 4.41
C SER A 431 -8.36 -41.16 3.58
N ALA A 432 -7.85 -41.03 2.36
CA ALA A 432 -7.58 -42.20 1.52
C ALA A 432 -6.30 -42.90 1.95
N ILE A 433 -5.43 -42.17 2.65
CA ILE A 433 -4.20 -42.74 3.13
C ILE A 433 -4.46 -43.46 4.47
N LEU A 434 -5.24 -42.83 5.34
CA LEU A 434 -5.68 -43.48 6.58
C LEU A 434 -6.46 -44.75 6.26
N ALA A 435 -7.43 -44.64 5.37
CA ALA A 435 -8.24 -45.78 4.96
C ALA A 435 -7.37 -46.96 4.56
N ARG A 436 -6.43 -46.73 3.67
CA ARG A 436 -5.61 -47.82 3.15
C ARG A 436 -4.70 -48.38 4.23
N THR A 437 -4.36 -47.54 5.21
CA THR A 437 -3.52 -47.96 6.32
C THR A 437 -4.34 -48.80 7.30
N LEU A 438 -5.58 -48.38 7.54
CA LEU A 438 -6.50 -49.14 8.36
C LEU A 438 -6.97 -50.45 7.68
N ALA A 439 -6.85 -50.52 6.36
CA ALA A 439 -7.30 -51.70 5.61
C ALA A 439 -6.24 -52.78 5.58
N LYS A 440 -5.00 -52.38 5.82
CA LYS A 440 -3.93 -53.34 5.93
C LYS A 440 -3.80 -53.82 7.38
N GLN A 441 -4.24 -52.99 8.31
CA GLN A 441 -4.19 -53.34 9.72
C GLN A 441 -5.41 -54.20 10.07
N GLU A 442 -5.73 -55.12 9.15
CA GLU A 442 -6.88 -56.00 9.29
C GLU A 442 -6.89 -57.09 8.22
N ALA A 443 -6.56 -56.72 6.99
CA ALA A 443 -6.43 -57.70 5.92
C ALA A 443 -5.35 -58.73 6.29
N GLU A 444 -4.63 -58.44 7.37
CA GLU A 444 -3.61 -59.33 7.89
C GLU A 444 -4.20 -60.26 8.95
N GLN A 445 -5.48 -60.58 8.78
CA GLN A 445 -6.20 -61.42 9.73
C GLN A 445 -7.19 -62.36 9.03
N ARG B 2 -15.81 -50.95 15.13
CA ARG B 2 -15.77 -49.61 14.56
C ARG B 2 -14.92 -49.51 13.30
N ARG B 3 -13.65 -49.89 13.40
CA ARG B 3 -12.72 -49.84 12.28
C ARG B 3 -13.34 -50.19 10.92
N ARG B 4 -14.31 -51.10 10.91
CA ARG B 4 -14.99 -51.43 9.67
C ARG B 4 -15.74 -50.20 9.15
N GLN B 5 -16.65 -49.72 9.99
CA GLN B 5 -17.52 -48.58 9.72
C GLN B 5 -16.76 -47.30 9.34
N LEU B 6 -15.73 -46.98 10.11
CA LEU B 6 -14.88 -45.83 9.80
C LEU B 6 -14.26 -45.95 8.41
N ILE B 7 -13.69 -47.10 8.10
CA ILE B 7 -13.05 -47.29 6.80
C ILE B 7 -14.00 -47.11 5.64
N ARG B 8 -15.27 -47.47 5.86
CA ARG B 8 -16.27 -47.29 4.83
C ARG B 8 -16.63 -45.80 4.72
N GLN B 9 -16.69 -45.12 5.86
CA GLN B 9 -17.01 -43.71 5.90
C GLN B 9 -15.90 -42.83 5.27
N LEU B 10 -14.65 -43.11 5.64
CA LEU B 10 -13.52 -42.36 5.08
C LEU B 10 -13.60 -42.35 3.55
N LEU B 11 -13.82 -43.53 2.99
CA LEU B 11 -13.88 -43.68 1.54
C LEU B 11 -15.08 -42.97 0.91
N GLU B 12 -16.04 -42.55 1.74
CA GLU B 12 -17.24 -41.89 1.25
C GLU B 12 -17.36 -40.44 1.75
N ARG B 13 -16.25 -39.89 2.23
CA ARG B 13 -16.27 -38.55 2.82
C ARG B 13 -16.49 -37.47 1.76
N ASP B 14 -17.21 -36.41 2.14
CA ASP B 14 -17.43 -35.25 1.27
C ASP B 14 -18.14 -35.60 -0.06
N LYS B 15 -19.33 -36.17 0.05
CA LYS B 15 -20.15 -36.42 -1.14
C LYS B 15 -21.56 -35.83 -0.96
N THR B 16 -21.60 -34.52 -0.72
CA THR B 16 -22.85 -33.81 -0.66
C THR B 16 -23.65 -34.04 -1.94
N PRO B 17 -24.93 -34.41 -1.80
CA PRO B 17 -25.87 -34.62 -2.91
C PRO B 17 -25.99 -33.38 -3.81
N LEU B 18 -25.80 -33.56 -5.10
CA LEU B 18 -25.92 -32.44 -6.04
C LEU B 18 -27.17 -31.58 -5.81
N ALA B 19 -28.26 -32.20 -5.37
CA ALA B 19 -29.48 -31.43 -5.20
C ALA B 19 -29.26 -30.36 -4.15
N ILE B 20 -28.60 -30.74 -3.06
CA ILE B 20 -28.34 -29.81 -1.97
C ILE B 20 -27.37 -28.70 -2.39
N LEU B 21 -26.34 -29.04 -3.16
CA LEU B 21 -25.37 -28.05 -3.63
C LEU B 21 -26.02 -26.95 -4.48
N PHE B 22 -26.78 -27.35 -5.50
CA PHE B 22 -27.49 -26.42 -6.38
C PHE B 22 -28.49 -25.56 -5.60
N MET B 23 -29.20 -26.18 -4.67
CA MET B 23 -30.20 -25.44 -3.92
C MET B 23 -29.53 -24.50 -2.93
N ALA B 24 -28.29 -24.83 -2.56
CA ALA B 24 -27.51 -23.97 -1.68
C ALA B 24 -27.19 -22.70 -2.44
N ALA B 25 -26.92 -22.87 -3.73
CA ALA B 25 -26.64 -21.74 -4.63
C ALA B 25 -27.82 -20.79 -4.75
N VAL B 26 -29.03 -21.33 -4.97
CA VAL B 26 -30.20 -20.46 -5.10
C VAL B 26 -30.58 -19.80 -3.77
N VAL B 27 -30.31 -20.49 -2.67
CA VAL B 27 -30.59 -19.95 -1.35
C VAL B 27 -29.77 -18.68 -1.11
N GLY B 28 -28.47 -18.80 -1.42
CA GLY B 28 -27.53 -17.71 -1.24
C GLY B 28 -27.80 -16.52 -2.14
N THR B 29 -28.09 -16.80 -3.41
CA THR B 29 -28.47 -15.74 -4.35
C THR B 29 -29.63 -14.93 -3.80
N LEU B 30 -30.66 -15.62 -3.32
CA LEU B 30 -31.84 -14.94 -2.83
C LEU B 30 -31.52 -14.12 -1.59
N VAL B 31 -30.67 -14.67 -0.73
CA VAL B 31 -30.38 -14.01 0.54
C VAL B 31 -29.57 -12.74 0.31
N GLY B 32 -28.66 -12.83 -0.65
CA GLY B 32 -27.87 -11.69 -1.06
C GLY B 32 -28.78 -10.55 -1.50
N LEU B 33 -29.66 -10.87 -2.45
CA LEU B 33 -30.59 -9.87 -2.99
C LEU B 33 -31.43 -9.27 -1.89
N ALA B 34 -31.92 -10.11 -0.98
CA ALA B 34 -32.76 -9.63 0.10
C ALA B 34 -31.98 -8.70 1.01
N ALA B 35 -30.72 -9.06 1.27
CA ALA B 35 -29.87 -8.29 2.17
C ALA B 35 -29.52 -6.96 1.52
N VAL B 36 -29.22 -7.01 0.23
CA VAL B 36 -29.03 -5.77 -0.52
C VAL B 36 -30.26 -4.87 -0.39
N ALA B 37 -31.43 -5.42 -0.76
CA ALA B 37 -32.69 -4.67 -0.72
C ALA B 37 -32.96 -4.12 0.67
N PHE B 38 -32.67 -4.91 1.69
CA PHE B 38 -32.93 -4.47 3.04
C PHE B 38 -32.06 -3.27 3.34
N ASP B 39 -30.80 -3.38 2.92
CA ASP B 39 -29.77 -2.35 3.11
C ASP B 39 -30.12 -1.04 2.41
N LYS B 40 -30.48 -1.14 1.13
CA LYS B 40 -30.92 0.02 0.35
C LYS B 40 -32.11 0.72 1.01
N GLY B 41 -33.06 -0.08 1.51
CA GLY B 41 -34.24 0.47 2.16
C GLY B 41 -33.90 1.26 3.41
N VAL B 42 -33.09 0.68 4.28
CA VAL B 42 -32.71 1.36 5.51
C VAL B 42 -32.08 2.72 5.22
N ALA B 43 -31.18 2.75 4.26
CA ALA B 43 -30.49 3.97 3.92
C ALA B 43 -31.46 5.01 3.36
N TRP B 44 -32.36 4.56 2.49
CA TRP B 44 -33.36 5.43 1.89
C TRP B 44 -34.25 6.15 2.93
N LEU B 45 -34.56 5.45 4.01
CA LEU B 45 -35.37 6.03 5.07
C LEU B 45 -34.56 6.98 5.95
N GLN B 46 -33.29 6.67 6.16
CA GLN B 46 -32.44 7.54 6.96
C GLN B 46 -32.27 8.86 6.24
N ASN B 47 -32.26 8.78 4.90
CA ASN B 47 -32.22 9.96 4.06
C ASN B 47 -33.47 10.80 4.23
N GLN B 48 -34.61 10.23 3.84
CA GLN B 48 -35.89 10.91 4.01
C GLN B 48 -35.91 11.68 5.32
N ARG B 49 -35.49 11.01 6.39
CA ARG B 49 -35.47 11.64 7.69
C ARG B 49 -34.54 12.85 7.71
N MET B 50 -33.42 12.76 6.99
CA MET B 50 -32.49 13.87 6.90
C MET B 50 -33.08 15.06 6.12
N GLY B 51 -33.65 14.76 4.95
CA GLY B 51 -34.29 15.78 4.13
C GLY B 51 -35.43 16.49 4.83
N ALA B 52 -36.05 15.80 5.80
CA ALA B 52 -37.14 16.38 6.58
C ALA B 52 -36.62 17.45 7.53
N LEU B 53 -35.55 17.14 8.25
CA LEU B 53 -34.95 18.10 9.17
C LEU B 53 -34.47 19.34 8.44
N VAL B 54 -34.42 19.26 7.11
CA VAL B 54 -34.05 20.41 6.28
C VAL B 54 -35.22 21.38 6.17
N HIS B 55 -36.38 20.88 5.75
CA HIS B 55 -37.57 21.72 5.63
C HIS B 55 -37.92 22.41 6.94
N THR B 56 -37.30 21.97 8.04
CA THR B 56 -37.61 22.49 9.37
C THR B 56 -36.37 22.74 10.23
N ALA B 57 -35.29 23.19 9.59
CA ALA B 57 -34.02 23.41 10.29
C ALA B 57 -33.93 24.79 10.94
N ASP B 58 -35.01 25.56 10.85
CA ASP B 58 -35.05 26.90 11.41
C ASP B 58 -35.58 26.89 12.84
N ASN B 59 -36.71 26.21 13.03
CA ASN B 59 -37.38 26.13 14.33
C ASN B 59 -36.82 25.00 15.21
N TYR B 60 -35.66 25.24 15.82
CA TYR B 60 -34.96 24.22 16.59
C TYR B 60 -35.86 23.28 17.40
N PRO B 61 -36.93 23.82 18.01
CA PRO B 61 -37.94 22.95 18.64
C PRO B 61 -38.69 22.08 17.62
N LEU B 62 -39.16 22.66 16.52
CA LEU B 62 -39.87 21.88 15.51
C LEU B 62 -38.91 20.86 14.90
N LEU B 63 -37.64 21.25 14.82
CA LEU B 63 -36.58 20.38 14.35
C LEU B 63 -36.50 19.13 15.23
N LEU B 64 -36.31 19.34 16.54
CA LEU B 64 -36.19 18.24 17.48
C LEU B 64 -37.45 17.39 17.51
N THR B 65 -38.57 17.98 17.09
CA THR B 65 -39.86 17.30 17.14
C THR B 65 -40.06 16.40 15.94
N VAL B 66 -39.71 16.88 14.76
CA VAL B 66 -39.85 16.08 13.54
C VAL B 66 -38.82 14.94 13.50
N ALA B 67 -37.78 15.06 14.31
CA ALA B 67 -36.78 14.01 14.39
C ALA B 67 -37.36 12.89 15.24
N PHE B 68 -37.91 13.27 16.40
CA PHE B 68 -38.48 12.31 17.32
C PHE B 68 -39.67 11.59 16.68
N LEU B 69 -40.61 12.35 16.13
CA LEU B 69 -41.81 11.76 15.55
C LEU B 69 -41.53 10.89 14.33
N CYS B 70 -40.72 11.40 13.41
CA CYS B 70 -40.38 10.62 12.22
C CYS B 70 -39.85 9.24 12.58
N SER B 71 -39.07 9.19 13.66
CA SER B 71 -38.46 7.93 14.09
C SER B 71 -39.35 7.15 15.03
N ALA B 72 -40.23 7.86 15.74
CA ALA B 72 -41.22 7.22 16.60
C ALA B 72 -42.18 6.40 15.73
N VAL B 73 -42.69 7.03 14.69
CA VAL B 73 -43.61 6.36 13.78
C VAL B 73 -42.98 5.15 13.11
N LEU B 74 -41.79 5.34 12.54
CA LEU B 74 -41.10 4.24 11.90
C LEU B 74 -40.84 3.11 12.90
N ALA B 75 -40.49 3.46 14.13
CA ALA B 75 -40.24 2.48 15.17
C ALA B 75 -41.51 1.66 15.46
N MET B 76 -42.57 2.36 15.85
CA MET B 76 -43.82 1.71 16.22
C MET B 76 -44.27 0.75 15.12
N PHE B 77 -44.25 1.23 13.89
CA PHE B 77 -44.58 0.38 12.75
C PHE B 77 -43.86 -0.96 12.80
N GLY B 78 -42.60 -0.96 13.21
CA GLY B 78 -41.80 -2.17 13.25
C GLY B 78 -42.15 -3.07 14.43
N TYR B 79 -42.25 -2.48 15.63
CA TYR B 79 -42.76 -3.18 16.81
C TYR B 79 -44.10 -3.85 16.55
N PHE B 80 -45.02 -3.09 15.99
CA PHE B 80 -46.35 -3.61 15.72
C PHE B 80 -46.27 -4.82 14.80
N LEU B 81 -45.64 -4.64 13.64
CA LEU B 81 -45.51 -5.71 12.66
C LEU B 81 -44.98 -7.01 13.28
N VAL B 82 -44.26 -6.88 14.39
CA VAL B 82 -43.68 -8.04 15.05
C VAL B 82 -44.67 -8.69 16.01
N ARG B 83 -45.14 -7.90 16.97
CA ARG B 83 -46.14 -8.31 17.94
C ARG B 83 -47.38 -8.93 17.28
N LYS B 84 -47.81 -8.35 16.16
CA LYS B 84 -49.04 -8.78 15.52
C LYS B 84 -48.92 -10.09 14.71
N TYR B 85 -47.91 -10.19 13.86
CA TYR B 85 -47.86 -11.31 12.91
C TYR B 85 -46.71 -12.29 13.09
N ALA B 86 -45.71 -11.92 13.88
CA ALA B 86 -44.53 -12.77 14.02
C ALA B 86 -43.66 -12.37 15.20
N PRO B 87 -44.06 -12.80 16.40
CA PRO B 87 -43.37 -12.45 17.66
C PRO B 87 -41.94 -13.02 17.76
N GLU B 88 -41.63 -14.06 16.98
CA GLU B 88 -40.29 -14.61 17.04
C GLU B 88 -39.35 -13.89 16.05
N ALA B 89 -39.86 -12.84 15.43
CA ALA B 89 -39.06 -11.95 14.60
C ALA B 89 -38.65 -10.72 15.41
N GLY B 90 -38.84 -10.77 16.73
CA GLY B 90 -38.36 -9.73 17.60
C GLY B 90 -36.86 -9.91 17.91
N GLY B 91 -36.23 -8.83 18.37
CA GLY B 91 -34.82 -8.86 18.72
C GLY B 91 -33.96 -9.37 17.56
N SER B 92 -32.94 -10.14 17.90
CA SER B 92 -31.96 -10.58 16.91
C SER B 92 -32.54 -11.56 15.92
N GLY B 93 -32.84 -12.77 16.38
CA GLY B 93 -33.31 -13.81 15.49
C GLY B 93 -32.27 -14.88 15.24
N ILE B 94 -31.02 -14.57 15.58
CA ILE B 94 -29.99 -15.60 15.60
C ILE B 94 -30.34 -16.69 16.64
N PRO B 95 -30.79 -16.29 17.85
CA PRO B 95 -31.23 -17.30 18.82
C PRO B 95 -32.35 -18.18 18.24
N GLU B 96 -33.29 -17.57 17.50
CA GLU B 96 -34.32 -18.35 16.84
C GLU B 96 -33.79 -19.33 15.79
N ILE B 97 -32.92 -18.88 14.89
CA ILE B 97 -32.37 -19.78 13.88
C ILE B 97 -31.56 -20.90 14.52
N GLU B 98 -30.90 -20.60 15.63
CA GLU B 98 -30.15 -21.62 16.34
C GLU B 98 -31.13 -22.67 16.84
N GLY B 99 -32.23 -22.20 17.43
CA GLY B 99 -33.32 -23.08 17.81
C GLY B 99 -33.71 -24.01 16.68
N ALA B 100 -34.04 -23.45 15.52
CA ALA B 100 -34.48 -24.23 14.38
C ALA B 100 -33.49 -25.31 13.96
N LEU B 101 -32.20 -25.03 14.11
CA LEU B 101 -31.17 -26.01 13.78
C LEU B 101 -31.14 -27.14 14.81
N GLU B 102 -31.60 -26.85 16.02
CA GLU B 102 -31.77 -27.88 17.04
C GLU B 102 -33.07 -28.66 16.81
N ASP B 103 -33.89 -28.17 15.88
CA ASP B 103 -35.21 -28.72 15.65
C ASP B 103 -36.12 -28.45 16.85
N GLN B 104 -35.96 -27.30 17.47
CA GLN B 104 -36.76 -26.93 18.65
C GLN B 104 -37.56 -25.66 18.44
N ARG B 105 -37.50 -25.10 17.23
CA ARG B 105 -38.25 -23.91 16.93
C ARG B 105 -38.66 -23.99 15.49
N PRO B 106 -39.84 -23.43 15.17
CA PRO B 106 -40.36 -23.43 13.81
C PRO B 106 -39.78 -22.28 12.97
N VAL B 107 -39.54 -22.56 11.68
CA VAL B 107 -39.17 -21.53 10.72
C VAL B 107 -40.40 -21.08 9.91
N ARG B 108 -41.13 -20.10 10.44
CA ARG B 108 -42.35 -19.63 9.83
C ARG B 108 -42.10 -18.61 8.71
N TRP B 109 -41.55 -19.09 7.61
CA TRP B 109 -41.07 -18.20 6.58
C TRP B 109 -42.17 -17.39 5.91
N TRP B 110 -43.38 -17.93 5.86
CA TRP B 110 -44.50 -17.19 5.28
C TRP B 110 -44.81 -15.96 6.14
N ARG B 111 -44.33 -15.96 7.38
CA ARG B 111 -44.63 -14.88 8.33
C ARG B 111 -43.42 -13.98 8.62
N VAL B 112 -42.25 -14.59 8.80
CA VAL B 112 -41.07 -13.83 9.23
C VAL B 112 -40.45 -12.97 8.11
N LEU B 113 -40.29 -13.55 6.92
CA LEU B 113 -39.74 -12.82 5.79
C LEU B 113 -40.33 -11.42 5.70
N PRO B 114 -41.66 -11.32 5.53
CA PRO B 114 -42.26 -9.98 5.45
C PRO B 114 -42.15 -9.20 6.76
N VAL B 115 -42.39 -9.85 7.90
CA VAL B 115 -42.34 -9.12 9.16
C VAL B 115 -40.95 -8.58 9.45
N LYS B 116 -39.95 -9.46 9.46
CA LYS B 116 -38.58 -9.07 9.76
C LYS B 116 -38.07 -8.00 8.75
N PHE B 117 -38.13 -8.32 7.46
CA PHE B 117 -37.78 -7.36 6.40
C PHE B 117 -38.38 -5.98 6.61
N PHE B 118 -39.71 -5.88 6.54
CA PHE B 118 -40.39 -4.59 6.72
C PHE B 118 -40.33 -4.07 8.16
N GLY B 119 -40.36 -4.99 9.11
CA GLY B 119 -40.20 -4.60 10.50
C GLY B 119 -38.86 -3.92 10.72
N GLY B 120 -37.78 -4.58 10.27
CA GLY B 120 -36.44 -4.04 10.43
C GLY B 120 -36.19 -2.69 9.74
N LEU B 121 -36.69 -2.55 8.52
CA LEU B 121 -36.67 -1.26 7.83
C LEU B 121 -37.11 -0.14 8.76
N GLY B 122 -38.13 -0.43 9.56
CA GLY B 122 -38.69 0.58 10.45
C GLY B 122 -37.81 0.93 11.64
N THR B 123 -37.25 -0.08 12.28
CA THR B 123 -36.39 0.16 13.45
C THR B 123 -35.03 0.69 13.00
N LEU B 124 -34.45 0.05 12.01
CA LEU B 124 -33.13 0.42 11.49
C LEU B 124 -33.17 1.79 10.79
N GLY B 125 -34.21 1.99 9.98
CA GLY B 125 -34.38 3.20 9.19
C GLY B 125 -34.69 4.42 10.05
N GLY B 126 -35.20 4.18 11.24
CA GLY B 126 -35.51 5.27 12.16
C GLY B 126 -34.29 5.68 12.94
N GLY B 127 -33.21 4.92 12.74
CA GLY B 127 -31.92 5.23 13.33
C GLY B 127 -31.73 4.67 14.73
N MET B 128 -32.32 3.52 15.00
CA MET B 128 -32.11 2.87 16.28
C MET B 128 -30.75 2.17 16.34
N VAL B 129 -30.18 2.08 17.54
CA VAL B 129 -28.97 1.32 17.77
C VAL B 129 -29.18 -0.18 17.60
N LEU B 130 -29.22 -0.65 16.36
CA LEU B 130 -29.40 -2.07 16.07
C LEU B 130 -28.69 -2.48 14.78
N GLY B 131 -28.36 -3.74 14.62
CA GLY B 131 -27.58 -4.16 13.47
C GLY B 131 -28.39 -4.86 12.40
N ARG B 132 -27.89 -4.84 11.17
CA ARG B 132 -28.57 -5.49 10.05
C ARG B 132 -28.48 -7.02 10.09
N GLU B 133 -27.45 -7.53 10.77
CA GLU B 133 -27.16 -8.96 10.79
C GLU B 133 -28.26 -9.82 11.45
N GLY B 134 -28.88 -9.29 12.49
CA GLY B 134 -30.04 -9.94 13.08
C GLY B 134 -31.01 -10.28 11.96
N PRO B 135 -31.68 -9.25 11.41
CA PRO B 135 -32.54 -9.39 10.25
C PRO B 135 -31.95 -10.30 9.17
N THR B 136 -30.76 -9.99 8.69
CA THR B 136 -30.25 -10.74 7.56
C THR B 136 -30.05 -12.21 7.90
N VAL B 137 -29.64 -12.52 9.12
CA VAL B 137 -29.49 -13.93 9.51
C VAL B 137 -30.85 -14.64 9.60
N GLN B 138 -31.81 -14.04 10.31
CA GLN B 138 -33.12 -14.65 10.37
C GLN B 138 -33.77 -14.73 8.99
N ILE B 139 -33.82 -13.59 8.31
CA ILE B 139 -34.37 -13.55 6.96
C ILE B 139 -33.73 -14.63 6.10
N GLY B 140 -32.43 -14.82 6.25
CA GLY B 140 -31.71 -15.76 5.41
C GLY B 140 -32.00 -17.19 5.76
N GLY B 141 -32.19 -17.46 7.05
CA GLY B 141 -32.59 -18.79 7.49
C GLY B 141 -33.97 -19.11 6.93
N ASN B 142 -34.90 -18.22 7.16
CA ASN B 142 -36.24 -18.40 6.64
C ASN B 142 -36.26 -18.64 5.14
N ILE B 143 -35.42 -17.91 4.42
CA ILE B 143 -35.32 -18.11 2.99
C ILE B 143 -34.83 -19.52 2.71
N GLY B 144 -34.01 -20.05 3.60
CA GLY B 144 -33.47 -21.39 3.44
C GLY B 144 -34.56 -22.43 3.58
N ARG B 145 -35.47 -22.20 4.51
CA ARG B 145 -36.60 -23.11 4.73
C ARG B 145 -37.56 -22.98 3.53
N MET B 146 -37.79 -21.74 3.12
CA MET B 146 -38.70 -21.46 2.02
C MET B 146 -38.41 -22.24 0.75
N VAL B 147 -37.13 -22.39 0.39
CA VAL B 147 -36.81 -23.12 -0.83
C VAL B 147 -36.73 -24.62 -0.59
N LEU B 148 -36.63 -25.01 0.68
CA LEU B 148 -36.69 -26.42 1.03
C LEU B 148 -38.12 -26.88 0.78
N ASP B 149 -39.06 -26.03 1.18
CA ASP B 149 -40.47 -26.31 1.05
C ASP B 149 -40.96 -26.19 -0.40
N ILE B 150 -40.71 -25.06 -1.05
CA ILE B 150 -41.09 -24.91 -2.45
C ILE B 150 -40.69 -26.15 -3.28
N PHE B 151 -39.46 -26.61 -3.12
CA PHE B 151 -38.94 -27.73 -3.91
C PHE B 151 -39.08 -29.07 -3.19
N ARG B 152 -39.77 -29.04 -2.05
CA ARG B 152 -40.04 -30.24 -1.26
C ARG B 152 -38.86 -31.21 -1.23
N LEU B 153 -37.70 -30.72 -0.83
CA LEU B 153 -36.54 -31.58 -0.61
C LEU B 153 -36.66 -32.22 0.76
N LYS B 154 -36.24 -33.48 0.87
CA LYS B 154 -36.47 -34.23 2.10
C LYS B 154 -35.18 -34.65 2.77
N GLY B 155 -35.27 -34.90 4.07
CA GLY B 155 -34.14 -35.38 4.84
C GLY B 155 -33.67 -34.37 5.85
N ASP B 156 -32.89 -34.84 6.82
CA ASP B 156 -32.30 -33.97 7.83
C ASP B 156 -31.18 -33.10 7.22
N GLU B 157 -30.36 -33.70 6.36
CA GLU B 157 -29.25 -32.98 5.76
C GLU B 157 -29.79 -31.71 5.12
N ALA B 158 -30.64 -31.87 4.11
CA ALA B 158 -31.21 -30.73 3.39
C ALA B 158 -31.84 -29.65 4.29
N ARG B 159 -32.53 -30.05 5.34
CA ARG B 159 -33.18 -29.08 6.20
C ARG B 159 -32.14 -28.28 6.98
N HIS B 160 -31.13 -28.98 7.46
CA HIS B 160 -30.10 -28.36 8.28
C HIS B 160 -29.14 -27.55 7.42
N THR B 161 -28.70 -28.16 6.33
CA THR B 161 -27.84 -27.47 5.37
C THR B 161 -28.49 -26.18 4.88
N LEU B 162 -29.59 -26.29 4.14
CA LEU B 162 -30.24 -25.11 3.57
C LEU B 162 -30.50 -24.03 4.59
N LEU B 163 -30.78 -24.45 5.82
CA LEU B 163 -31.08 -23.50 6.88
C LEU B 163 -29.80 -22.76 7.31
N ALA B 164 -28.72 -23.52 7.40
CA ALA B 164 -27.41 -23.02 7.78
C ALA B 164 -26.82 -22.08 6.71
N THR B 165 -26.91 -22.46 5.43
CA THR B 165 -26.34 -21.62 4.40
C THR B 165 -27.08 -20.30 4.30
N GLY B 166 -28.40 -20.35 4.45
CA GLY B 166 -29.19 -19.14 4.43
C GLY B 166 -28.79 -18.16 5.51
N ALA B 167 -28.44 -18.67 6.68
CA ALA B 167 -27.99 -17.83 7.79
C ALA B 167 -26.57 -17.30 7.57
N ALA B 168 -25.72 -18.12 6.98
CA ALA B 168 -24.34 -17.74 6.74
C ALA B 168 -24.29 -16.66 5.64
N ALA B 169 -24.96 -16.96 4.52
CA ALA B 169 -25.16 -15.99 3.45
C ALA B 169 -25.74 -14.71 4.00
N GLY B 170 -26.46 -14.81 5.12
CA GLY B 170 -27.09 -13.66 5.72
C GLY B 170 -26.13 -12.80 6.52
N LEU B 171 -25.16 -13.44 7.18
CA LEU B 171 -24.15 -12.69 7.92
C LEU B 171 -23.16 -12.09 6.91
N ALA B 172 -22.71 -12.93 6.00
CA ALA B 172 -21.86 -12.52 4.92
C ALA B 172 -22.36 -11.24 4.21
N ALA B 173 -23.61 -11.24 3.76
CA ALA B 173 -24.14 -10.13 2.99
C ALA B 173 -24.29 -8.85 3.84
N ALA B 174 -24.34 -8.99 5.15
CA ALA B 174 -24.51 -7.85 6.04
C ALA B 174 -23.19 -7.13 6.32
N PHE B 175 -22.07 -7.85 6.22
CA PHE B 175 -20.77 -7.26 6.54
C PHE B 175 -19.80 -7.35 5.36
N ASN B 176 -20.26 -7.89 4.23
CA ASN B 176 -19.38 -8.22 3.13
C ASN B 176 -18.20 -9.03 3.66
N ALA B 177 -18.54 -10.11 4.39
CA ALA B 177 -17.58 -10.90 5.10
C ALA B 177 -17.89 -12.37 4.89
N PRO B 178 -17.55 -12.92 3.73
CA PRO B 178 -17.85 -14.33 3.47
C PRO B 178 -17.21 -15.30 4.47
N LEU B 179 -15.97 -15.07 4.88
CA LEU B 179 -15.29 -15.99 5.75
C LEU B 179 -15.96 -16.03 7.11
N ALA B 180 -16.37 -14.87 7.60
CA ALA B 180 -17.02 -14.82 8.88
C ALA B 180 -18.35 -15.54 8.79
N GLY B 181 -19.02 -15.40 7.63
CA GLY B 181 -20.29 -16.07 7.41
C GLY B 181 -20.20 -17.57 7.66
N ILE B 182 -19.17 -18.22 7.14
CA ILE B 182 -19.02 -19.66 7.26
C ILE B 182 -18.54 -20.04 8.65
N LEU B 183 -17.62 -19.27 9.19
CA LEU B 183 -17.11 -19.54 10.53
C LEU B 183 -18.21 -19.42 11.59
N PHE B 184 -19.12 -18.49 11.40
CA PHE B 184 -20.20 -18.27 12.36
C PHE B 184 -21.06 -19.51 12.50
N ILE B 185 -21.30 -20.21 11.40
CA ILE B 185 -22.06 -21.43 11.39
C ILE B 185 -21.25 -22.54 12.06
N ILE B 186 -20.01 -22.71 11.63
CA ILE B 186 -19.13 -23.75 12.13
C ILE B 186 -18.83 -23.61 13.62
N GLU B 187 -18.71 -22.38 14.09
CA GLU B 187 -18.35 -22.15 15.48
C GLU B 187 -19.56 -21.89 16.40
N GLU B 188 -20.57 -21.19 15.90
CA GLU B 188 -21.60 -20.65 16.78
C GLU B 188 -23.02 -21.19 16.63
N MET B 189 -23.44 -21.42 15.40
CA MET B 189 -24.87 -21.58 15.14
C MET B 189 -25.26 -23.02 14.92
N ARG B 190 -24.29 -23.85 14.54
CA ARG B 190 -24.55 -25.27 14.39
C ARG B 190 -24.99 -25.83 15.76
N PRO B 191 -25.71 -26.97 15.74
CA PRO B 191 -26.01 -27.69 17.00
C PRO B 191 -24.74 -27.98 17.78
N GLN B 192 -24.70 -27.45 18.99
CA GLN B 192 -23.47 -27.36 19.76
C GLN B 192 -23.06 -28.65 20.49
N PHE B 193 -24.01 -29.58 20.62
CA PHE B 193 -23.76 -30.72 21.50
C PHE B 193 -23.91 -32.07 20.83
N ARG B 194 -24.12 -32.09 19.52
CA ARG B 194 -24.19 -33.36 18.81
C ARG B 194 -23.84 -33.16 17.35
N TYR B 195 -23.46 -34.25 16.68
CA TYR B 195 -23.14 -34.24 15.26
C TYR B 195 -24.29 -33.73 14.40
N THR B 196 -23.97 -33.15 13.26
CA THR B 196 -24.99 -32.74 12.29
C THR B 196 -24.59 -33.05 10.87
N LEU B 197 -25.57 -33.06 9.98
CA LEU B 197 -25.30 -33.41 8.60
C LEU B 197 -25.17 -32.17 7.71
N ILE B 198 -25.12 -31.00 8.36
CA ILE B 198 -24.81 -29.76 7.68
C ILE B 198 -23.60 -29.93 6.75
N SER B 199 -23.80 -29.69 5.47
CA SER B 199 -22.72 -29.80 4.50
C SER B 199 -21.93 -28.49 4.39
N ILE B 200 -20.63 -28.55 4.63
CA ILE B 200 -19.81 -27.34 4.65
C ILE B 200 -19.65 -26.77 3.25
N LYS B 201 -19.46 -27.66 2.28
CA LYS B 201 -19.30 -27.28 0.88
C LYS B 201 -20.55 -26.54 0.40
N ALA B 202 -21.72 -26.93 0.89
CA ALA B 202 -22.92 -26.27 0.47
C ALA B 202 -23.02 -24.89 1.10
N VAL B 203 -22.62 -24.77 2.36
CA VAL B 203 -22.65 -23.47 3.03
C VAL B 203 -21.72 -22.49 2.33
N PHE B 204 -20.57 -22.99 1.89
CA PHE B 204 -19.58 -22.19 1.19
C PHE B 204 -20.21 -21.59 -0.09
N ILE B 205 -20.78 -22.46 -0.93
CA ILE B 205 -21.46 -22.04 -2.15
C ILE B 205 -22.47 -20.93 -1.93
N GLY B 206 -23.28 -21.04 -0.88
CA GLY B 206 -24.32 -20.07 -0.66
C GLY B 206 -23.74 -18.74 -0.26
N VAL B 207 -22.60 -18.80 0.44
CA VAL B 207 -21.95 -17.59 0.92
C VAL B 207 -21.33 -16.84 -0.24
N ILE B 208 -20.66 -17.57 -1.12
CA ILE B 208 -20.12 -17.01 -2.34
C ILE B 208 -21.19 -16.21 -3.09
N MET B 209 -22.27 -16.90 -3.47
CA MET B 209 -23.40 -16.30 -4.20
C MET B 209 -23.96 -15.07 -3.51
N SER B 210 -24.20 -15.19 -2.21
CA SER B 210 -24.66 -14.06 -1.42
C SER B 210 -23.70 -12.87 -1.51
N THR B 211 -22.39 -13.15 -1.48
CA THR B 211 -21.37 -12.09 -1.42
C THR B 211 -21.24 -11.42 -2.79
N ILE B 212 -21.37 -12.23 -3.83
CA ILE B 212 -21.38 -11.73 -5.18
C ILE B 212 -22.55 -10.77 -5.36
N MET B 213 -23.73 -11.15 -4.88
CA MET B 213 -24.89 -10.28 -4.96
C MET B 213 -24.58 -8.96 -4.28
N TYR B 214 -23.94 -9.03 -3.13
CA TYR B 214 -23.59 -7.82 -2.40
C TYR B 214 -22.66 -6.92 -3.23
N ARG B 215 -21.68 -7.52 -3.91
CA ARG B 215 -20.64 -6.76 -4.58
C ARG B 215 -21.22 -6.09 -5.82
N ILE B 216 -22.23 -6.73 -6.40
CA ILE B 216 -22.87 -6.22 -7.59
C ILE B 216 -23.54 -4.89 -7.34
N PHE B 217 -23.98 -4.66 -6.10
CA PHE B 217 -24.68 -3.42 -5.75
C PHE B 217 -23.92 -2.56 -4.73
N ASN B 218 -22.64 -2.82 -4.53
CA ASN B 218 -21.92 -2.14 -3.44
C ASN B 218 -20.44 -1.81 -3.66
N HIS B 219 -19.84 -2.42 -4.69
CA HIS B 219 -18.41 -2.29 -4.92
C HIS B 219 -17.89 -0.85 -4.88
N GLU B 220 -16.57 -0.71 -4.84
CA GLU B 220 -15.89 0.59 -4.78
C GLU B 220 -16.01 1.31 -3.42
N VAL B 221 -16.90 0.82 -2.54
CA VAL B 221 -17.05 1.43 -1.22
C VAL B 221 -17.06 0.37 -0.12
N ALA B 222 -16.23 0.56 0.90
CA ALA B 222 -16.12 -0.41 2.00
C ALA B 222 -16.90 0.04 3.24
N LEU B 223 -17.49 -0.91 3.95
CA LEU B 223 -18.26 -0.60 5.15
C LEU B 223 -17.43 0.20 6.15
N ILE B 224 -16.19 -0.25 6.36
CA ILE B 224 -15.29 0.38 7.32
C ILE B 224 -13.91 0.49 6.72
N ASP B 225 -13.43 1.72 6.52
CA ASP B 225 -12.07 1.93 6.03
C ASP B 225 -11.23 2.58 7.11
N VAL B 226 -10.20 1.87 7.57
CA VAL B 226 -9.40 2.33 8.68
C VAL B 226 -7.96 2.60 8.22
N GLY B 227 -7.68 2.28 6.96
CA GLY B 227 -6.34 2.37 6.40
C GLY B 227 -5.40 1.29 6.93
N LYS B 228 -4.10 1.47 6.70
CA LYS B 228 -3.12 0.55 7.24
C LYS B 228 -2.52 1.13 8.52
N LEU B 229 -2.68 0.42 9.64
CA LEU B 229 -2.14 0.87 10.91
C LEU B 229 -0.71 0.35 11.06
N SER B 230 -0.07 0.63 12.19
CA SER B 230 1.25 0.07 12.43
C SER B 230 1.20 -1.40 12.84
N ASP B 231 2.39 -1.97 12.98
CA ASP B 231 2.56 -3.35 13.40
C ASP B 231 2.58 -3.37 14.91
N ALA B 232 2.72 -4.55 15.49
CA ALA B 232 2.74 -4.71 16.95
C ALA B 232 3.97 -5.48 17.39
N PRO B 233 4.88 -4.81 18.09
CA PRO B 233 6.10 -5.47 18.57
C PRO B 233 5.80 -6.54 19.61
N LEU B 234 6.58 -7.62 19.63
CA LEU B 234 6.40 -8.67 20.60
C LEU B 234 6.30 -8.18 22.04
N ASN B 235 7.07 -7.14 22.39
CA ASN B 235 7.12 -6.70 23.78
C ASN B 235 5.92 -5.83 24.12
N THR B 236 5.02 -5.76 23.16
CA THR B 236 3.80 -5.00 23.26
C THR B 236 2.59 -5.91 23.53
N LEU B 237 2.75 -7.21 23.29
CA LEU B 237 1.66 -8.15 23.35
C LEU B 237 0.92 -8.18 24.69
N TRP B 238 1.67 -8.14 25.78
CA TRP B 238 1.10 -8.24 27.10
C TRP B 238 0.01 -7.17 27.32
N LEU B 239 0.13 -6.06 26.61
CA LEU B 239 -0.86 -4.99 26.72
C LEU B 239 -2.19 -5.41 26.13
N TYR B 240 -2.15 -6.23 25.08
CA TYR B 240 -3.38 -6.73 24.47
C TYR B 240 -4.07 -7.76 25.35
N LEU B 241 -3.26 -8.54 26.08
CA LEU B 241 -3.78 -9.51 27.02
C LEU B 241 -4.56 -8.80 28.11
N ILE B 242 -4.01 -7.68 28.58
CA ILE B 242 -4.67 -6.93 29.63
C ILE B 242 -6.03 -6.45 29.13
N LEU B 243 -6.05 -5.89 27.93
CA LEU B 243 -7.27 -5.39 27.32
C LEU B 243 -8.32 -6.49 27.24
N GLY B 244 -7.89 -7.67 26.82
CA GLY B 244 -8.78 -8.82 26.74
C GLY B 244 -9.38 -9.17 28.08
N ILE B 245 -8.59 -9.02 29.13
CA ILE B 245 -9.02 -9.35 30.47
C ILE B 245 -10.11 -8.40 30.92
N ILE B 246 -9.97 -7.13 30.54
CA ILE B 246 -11.00 -6.14 30.81
C ILE B 246 -12.29 -6.49 30.07
N PHE B 247 -12.18 -6.88 28.79
CA PHE B 247 -13.34 -7.28 28.02
C PHE B 247 -13.97 -8.53 28.59
N GLY B 248 -13.15 -9.38 29.17
CA GLY B 248 -13.59 -10.65 29.74
C GLY B 248 -14.45 -10.51 30.99
N ILE B 249 -14.20 -9.48 31.80
CA ILE B 249 -14.99 -9.26 33.00
C ILE B 249 -16.23 -8.43 32.67
N PHE B 250 -16.12 -7.57 31.67
CA PHE B 250 -17.22 -6.74 31.23
C PHE B 250 -18.22 -7.54 30.41
N GLY B 251 -17.74 -8.48 29.61
CA GLY B 251 -18.59 -9.33 28.80
C GLY B 251 -19.88 -9.77 29.48
N PRO B 252 -19.75 -10.64 30.51
CA PRO B 252 -20.88 -11.25 31.24
C PRO B 252 -21.78 -10.21 31.92
N ILE B 253 -21.15 -9.22 32.55
CA ILE B 253 -21.85 -8.08 33.15
C ILE B 253 -22.77 -7.37 32.16
N PHE B 254 -22.31 -7.23 30.93
CA PHE B 254 -23.12 -6.63 29.88
C PHE B 254 -24.24 -7.60 29.49
N ASN B 255 -23.94 -8.90 29.50
CA ASN B 255 -24.96 -9.92 29.27
C ASN B 255 -26.12 -9.85 30.29
N LYS B 256 -25.77 -9.81 31.57
CA LYS B 256 -26.76 -9.62 32.61
C LYS B 256 -27.68 -8.45 32.27
N TRP B 257 -27.08 -7.31 31.95
CA TRP B 257 -27.88 -6.12 31.66
C TRP B 257 -28.84 -6.32 30.52
N VAL B 258 -28.38 -6.93 29.43
CA VAL B 258 -29.29 -7.15 28.30
C VAL B 258 -30.46 -8.04 28.72
N LEU B 259 -30.16 -9.16 29.36
CA LEU B 259 -31.20 -10.08 29.82
C LEU B 259 -32.13 -9.41 30.84
N GLY B 260 -31.52 -8.76 31.83
CA GLY B 260 -32.29 -8.13 32.90
C GLY B 260 -33.14 -6.99 32.37
N MET B 261 -32.65 -6.36 31.33
CA MET B 261 -33.34 -5.22 30.74
C MET B 261 -34.51 -5.70 29.86
N GLN B 262 -34.40 -6.93 29.34
CA GLN B 262 -35.53 -7.57 28.69
C GLN B 262 -36.66 -7.74 29.70
N ASP B 263 -36.30 -8.12 30.91
CA ASP B 263 -37.23 -8.29 32.02
C ASP B 263 -37.83 -6.96 32.44
N LEU B 264 -36.96 -5.98 32.68
CA LEU B 264 -37.38 -4.70 33.19
C LEU B 264 -38.32 -4.02 32.22
N LEU B 265 -38.01 -4.11 30.93
CA LEU B 265 -38.83 -3.44 29.93
C LEU B 265 -40.17 -4.14 29.73
N HIS B 266 -40.23 -5.43 30.05
CA HIS B 266 -41.46 -6.17 29.87
C HIS B 266 -42.52 -5.72 30.88
N ARG B 267 -42.10 -5.62 32.14
CA ARG B 267 -42.93 -5.06 33.19
C ARG B 267 -43.62 -3.77 32.76
N VAL B 268 -42.97 -2.98 31.89
CA VAL B 268 -43.55 -1.71 31.49
C VAL B 268 -44.84 -1.87 30.70
N HIS B 269 -44.85 -2.80 29.76
CA HIS B 269 -46.03 -3.02 28.92
C HIS B 269 -46.79 -4.30 29.32
N GLY B 270 -46.26 -5.02 30.30
CA GLY B 270 -46.87 -6.25 30.77
C GLY B 270 -46.96 -7.32 29.72
N GLY B 271 -46.86 -6.92 28.46
CA GLY B 271 -46.89 -7.85 27.34
C GLY B 271 -47.92 -7.38 26.35
N ASN B 272 -48.51 -6.21 26.65
CA ASN B 272 -49.62 -5.67 25.88
C ASN B 272 -49.23 -4.93 24.61
N ILE B 273 -49.63 -5.47 23.47
CA ILE B 273 -49.25 -4.97 22.16
C ILE B 273 -49.48 -3.48 21.95
N THR B 274 -50.22 -2.82 22.83
CA THR B 274 -50.43 -1.39 22.65
C THR B 274 -49.43 -0.58 23.46
N LYS B 275 -49.24 -0.95 24.71
CA LYS B 275 -48.23 -0.31 25.54
C LYS B 275 -46.84 -0.59 24.94
N TRP B 276 -46.65 -1.82 24.47
CA TRP B 276 -45.41 -2.24 23.87
C TRP B 276 -45.06 -1.37 22.66
N VAL B 277 -45.97 -1.28 21.70
CA VAL B 277 -45.74 -0.48 20.51
C VAL B 277 -45.46 0.97 20.87
N LEU B 278 -46.17 1.48 21.87
CA LEU B 278 -45.95 2.85 22.32
C LEU B 278 -44.60 3.02 23.02
N MET B 279 -44.10 1.94 23.61
CA MET B 279 -42.82 2.01 24.29
C MET B 279 -41.73 2.09 23.22
N GLY B 280 -41.84 1.22 22.23
CA GLY B 280 -40.92 1.23 21.11
C GLY B 280 -40.96 2.53 20.33
N GLY B 281 -42.08 3.24 20.40
CA GLY B 281 -42.20 4.49 19.69
C GLY B 281 -41.44 5.59 20.39
N ALA B 282 -41.29 5.44 21.70
CA ALA B 282 -40.59 6.43 22.51
C ALA B 282 -39.07 6.17 22.46
N ILE B 283 -38.71 4.89 22.41
CA ILE B 283 -37.31 4.54 22.27
C ILE B 283 -36.84 4.92 20.87
N GLY B 284 -37.69 4.65 19.88
CA GLY B 284 -37.39 4.98 18.50
C GLY B 284 -37.31 6.47 18.26
N GLY B 285 -38.02 7.24 19.07
CA GLY B 285 -38.01 8.69 18.94
C GLY B 285 -36.80 9.27 19.65
N LEU B 286 -36.46 8.69 20.79
CA LEU B 286 -35.23 9.03 21.48
C LEU B 286 -34.05 8.91 20.52
N CYS B 287 -34.02 7.81 19.76
CA CYS B 287 -32.91 7.54 18.88
C CYS B 287 -32.80 8.47 17.67
N GLY B 288 -33.92 8.79 17.03
CA GLY B 288 -33.92 9.71 15.92
C GLY B 288 -33.59 11.11 16.37
N LEU B 289 -33.81 11.38 17.66
CA LEU B 289 -33.53 12.69 18.24
C LEU B 289 -32.06 12.78 18.60
N LEU B 290 -31.59 11.83 19.41
CA LEU B 290 -30.17 11.68 19.68
C LEU B 290 -29.37 11.66 18.37
N GLY B 291 -30.01 11.20 17.31
CA GLY B 291 -29.37 11.11 16.00
C GLY B 291 -29.00 12.47 15.45
N PHE B 292 -29.74 13.49 15.87
CA PHE B 292 -29.44 14.85 15.45
C PHE B 292 -28.58 15.60 16.45
N VAL B 293 -28.84 15.39 17.74
CA VAL B 293 -28.17 16.16 18.78
C VAL B 293 -26.86 15.53 19.29
N ALA B 294 -26.56 14.32 18.83
CA ALA B 294 -25.33 13.61 19.22
C ALA B 294 -25.24 12.26 18.52
N PRO B 295 -25.00 12.29 17.20
CA PRO B 295 -25.07 11.09 16.35
C PRO B 295 -24.31 9.89 16.93
N ALA B 296 -23.18 10.13 17.59
CA ALA B 296 -22.33 9.04 18.07
C ALA B 296 -23.01 8.16 19.15
N THR B 297 -24.04 8.70 19.80
CA THR B 297 -24.79 7.96 20.82
C THR B 297 -25.86 7.08 20.21
N SER B 298 -26.04 7.16 18.90
CA SER B 298 -27.17 6.50 18.28
C SER B 298 -26.75 5.81 16.99
N GLY B 299 -27.70 5.19 16.31
CA GLY B 299 -27.45 4.55 15.03
C GLY B 299 -26.60 3.28 15.10
N GLY B 300 -26.38 2.67 13.93
CA GLY B 300 -25.58 1.45 13.84
C GLY B 300 -24.17 1.58 14.42
N GLY B 301 -23.56 2.75 14.24
CA GLY B 301 -22.27 3.04 14.85
C GLY B 301 -21.04 2.78 13.97
N PHE B 302 -21.28 2.31 12.75
CA PHE B 302 -20.20 2.06 11.82
C PHE B 302 -19.47 3.35 11.48
N ASN B 303 -20.20 4.46 11.48
CA ASN B 303 -19.60 5.73 11.08
C ASN B 303 -18.50 6.18 12.01
N LEU B 304 -18.68 5.95 13.31
CA LEU B 304 -17.73 6.43 14.28
C LEU B 304 -16.52 5.50 14.47
N ILE B 305 -16.50 4.37 13.75
CA ILE B 305 -15.41 3.40 13.98
C ILE B 305 -14.06 3.89 13.44
N PRO B 306 -14.00 4.22 12.14
CA PRO B 306 -12.79 4.84 11.55
C PRO B 306 -12.34 6.09 12.29
N ILE B 307 -13.29 6.88 12.78
CA ILE B 307 -12.96 8.10 13.52
C ILE B 307 -12.31 7.74 14.85
N ALA B 308 -12.87 6.75 15.53
CA ALA B 308 -12.33 6.30 16.81
C ALA B 308 -10.93 5.71 16.64
N THR B 309 -10.76 4.91 15.58
CA THR B 309 -9.51 4.21 15.34
C THR B 309 -8.36 5.16 15.02
N ALA B 310 -8.68 6.29 14.38
CA ALA B 310 -7.68 7.28 14.02
C ALA B 310 -7.34 8.25 15.17
N GLY B 311 -7.76 7.89 16.39
CA GLY B 311 -7.50 8.72 17.56
C GLY B 311 -8.06 10.12 17.54
N ASN B 312 -9.09 10.34 16.70
CA ASN B 312 -9.69 11.66 16.53
C ASN B 312 -10.76 12.08 17.56
N PHE B 313 -10.99 11.23 18.56
CA PHE B 313 -11.89 11.58 19.66
C PHE B 313 -11.03 11.85 20.88
N SER B 314 -11.45 12.81 21.71
CA SER B 314 -10.81 13.01 23.00
C SER B 314 -11.22 11.88 23.93
N MET B 315 -10.46 11.66 25.00
CA MET B 315 -10.82 10.67 25.99
C MET B 315 -12.22 10.95 26.57
N GLY B 316 -12.48 12.22 26.86
CA GLY B 316 -13.78 12.63 27.37
C GLY B 316 -14.91 12.11 26.48
N MET B 317 -14.84 12.45 25.19
CA MET B 317 -15.80 11.97 24.21
C MET B 317 -15.98 10.44 24.21
N LEU B 318 -14.87 9.70 24.25
CA LEU B 318 -14.93 8.24 24.18
C LEU B 318 -15.69 7.67 25.35
N VAL B 319 -15.47 8.24 26.53
CA VAL B 319 -16.18 7.78 27.71
C VAL B 319 -17.66 8.08 27.55
N PHE B 320 -17.97 9.34 27.28
CA PHE B 320 -19.33 9.74 26.95
C PHE B 320 -19.95 8.71 25.99
N ILE B 321 -19.41 8.63 24.78
CA ILE B 321 -19.93 7.73 23.76
C ILE B 321 -20.16 6.31 24.28
N PHE B 322 -19.17 5.75 24.96
CA PHE B 322 -19.30 4.40 25.46
C PHE B 322 -20.52 4.26 26.36
N VAL B 323 -20.61 5.13 27.36
CA VAL B 323 -21.68 5.06 28.34
C VAL B 323 -23.02 5.26 27.65
N ALA B 324 -23.17 6.39 26.97
CA ALA B 324 -24.33 6.65 26.14
C ALA B 324 -24.75 5.41 25.36
N ARG B 325 -23.81 4.85 24.59
CA ARG B 325 -24.11 3.79 23.65
C ARG B 325 -24.36 2.46 24.31
N VAL B 326 -23.89 2.29 25.53
CA VAL B 326 -24.26 1.12 26.31
C VAL B 326 -25.74 1.27 26.64
N ILE B 327 -26.13 2.47 27.04
CA ILE B 327 -27.52 2.76 27.34
C ILE B 327 -28.40 2.54 26.11
N THR B 328 -28.22 3.34 25.06
CA THR B 328 -29.05 3.20 23.87
C THR B 328 -28.96 1.82 23.22
N THR B 329 -27.91 1.06 23.52
CA THR B 329 -27.82 -0.29 22.96
C THR B 329 -28.76 -1.25 23.66
N LEU B 330 -28.79 -1.17 24.99
CA LEU B 330 -29.68 -2.00 25.79
C LEU B 330 -31.16 -1.66 25.53
N LEU B 331 -31.51 -0.39 25.66
CA LEU B 331 -32.86 0.09 25.40
C LEU B 331 -33.42 -0.45 24.10
N CYS B 332 -32.60 -0.48 23.05
CA CYS B 332 -33.08 -0.86 21.74
C CYS B 332 -33.20 -2.37 21.57
N PHE B 333 -32.19 -3.11 22.01
CA PHE B 333 -32.20 -4.55 21.77
C PHE B 333 -33.10 -5.25 22.79
N SER B 334 -32.99 -4.85 24.05
CA SER B 334 -33.76 -5.45 25.12
C SER B 334 -35.25 -5.14 24.99
N SER B 335 -35.57 -4.07 24.27
CA SER B 335 -36.95 -3.64 24.09
C SER B 335 -37.71 -4.63 23.24
N GLY B 336 -36.97 -5.38 22.42
CA GLY B 336 -37.56 -6.40 21.57
C GLY B 336 -37.70 -6.00 20.11
N ALA B 337 -37.29 -4.78 19.79
CA ALA B 337 -37.31 -4.31 18.41
C ALA B 337 -36.53 -5.27 17.52
N PRO B 338 -37.00 -5.49 16.28
CA PRO B 338 -36.26 -6.42 15.41
C PRO B 338 -34.93 -5.80 14.95
N GLY B 339 -33.84 -6.55 15.09
CA GLY B 339 -32.52 -6.09 14.71
C GLY B 339 -31.42 -6.62 15.60
N GLY B 340 -30.20 -6.66 15.08
CA GLY B 340 -29.09 -7.26 15.79
C GLY B 340 -28.52 -6.46 16.94
N ILE B 341 -27.79 -7.14 17.82
CA ILE B 341 -26.98 -6.47 18.82
C ILE B 341 -25.47 -6.65 18.45
N PHE B 342 -25.23 -7.48 17.43
CA PHE B 342 -23.91 -7.90 17.00
C PHE B 342 -23.05 -6.71 16.55
N ALA B 343 -23.54 -5.96 15.56
CA ALA B 343 -22.86 -4.75 15.10
C ALA B 343 -22.64 -3.71 16.21
N PRO B 344 -23.69 -3.36 16.95
CA PRO B 344 -23.48 -2.38 18.04
C PRO B 344 -22.39 -2.80 19.02
N MET B 345 -22.17 -4.10 19.18
CA MET B 345 -21.10 -4.58 20.05
C MET B 345 -19.70 -4.32 19.42
N LEU B 346 -19.65 -4.23 18.09
CA LEU B 346 -18.46 -3.82 17.39
C LEU B 346 -18.07 -2.39 17.74
N ALA B 347 -19.02 -1.48 17.65
CA ALA B 347 -18.78 -0.10 18.04
C ALA B 347 -18.35 -0.01 19.51
N LEU B 348 -18.98 -0.77 20.38
CA LEU B 348 -18.62 -0.68 21.80
C LEU B 348 -17.17 -1.15 22.00
N GLY B 349 -16.79 -2.17 21.24
CA GLY B 349 -15.46 -2.73 21.35
C GLY B 349 -14.40 -1.75 20.90
N THR B 350 -14.64 -1.13 19.76
CA THR B 350 -13.74 -0.13 19.21
C THR B 350 -13.55 1.01 20.19
N VAL B 351 -14.63 1.64 20.60
CA VAL B 351 -14.56 2.75 21.54
C VAL B 351 -13.77 2.39 22.80
N LEU B 352 -14.04 1.22 23.35
CA LEU B 352 -13.34 0.79 24.55
C LEU B 352 -11.85 0.56 24.24
N GLY B 353 -11.59 -0.15 23.14
CA GLY B 353 -10.24 -0.38 22.69
C GLY B 353 -9.44 0.91 22.65
N THR B 354 -9.95 1.88 21.91
CA THR B 354 -9.30 3.18 21.75
C THR B 354 -8.96 3.85 23.07
N ALA B 355 -9.88 3.85 24.02
CA ALA B 355 -9.58 4.50 25.28
C ALA B 355 -8.41 3.82 25.99
N PHE B 356 -8.38 2.50 25.98
CA PHE B 356 -7.28 1.73 26.53
C PHE B 356 -5.98 2.09 25.80
N GLY B 357 -6.10 2.27 24.48
CA GLY B 357 -4.98 2.59 23.62
C GLY B 357 -4.42 3.94 23.95
N MET B 358 -5.30 4.90 24.23
CA MET B 358 -4.88 6.27 24.54
C MET B 358 -4.14 6.28 25.86
N VAL B 359 -4.54 5.42 26.77
CA VAL B 359 -3.83 5.30 28.01
C VAL B 359 -2.47 4.61 27.82
N ALA B 360 -2.43 3.58 26.98
CA ALA B 360 -1.20 2.85 26.72
C ALA B 360 -0.18 3.77 26.07
N VAL B 361 -0.66 4.61 25.15
CA VAL B 361 0.18 5.56 24.44
C VAL B 361 0.95 6.49 25.39
N GLU B 362 0.27 6.96 26.43
CA GLU B 362 0.89 7.89 27.38
C GLU B 362 1.73 7.24 28.50
N LEU B 363 1.53 5.96 28.77
CA LEU B 363 2.28 5.31 29.82
C LEU B 363 3.61 4.76 29.29
N PHE B 364 3.63 4.46 28.00
CA PHE B 364 4.76 3.80 27.38
C PHE B 364 5.13 4.47 26.08
N PRO B 365 5.76 5.65 26.16
CA PRO B 365 6.21 6.25 24.91
C PRO B 365 7.32 5.38 24.27
N GLN B 366 7.97 4.54 25.06
CA GLN B 366 8.99 3.65 24.51
C GLN B 366 8.41 2.58 23.59
N TYR B 367 7.08 2.37 23.62
CA TYR B 367 6.45 1.35 22.77
C TYR B 367 6.05 1.88 21.40
N HIS B 368 6.01 3.21 21.29
CA HIS B 368 5.69 3.87 20.03
C HIS B 368 4.33 3.48 19.49
N LEU B 369 3.34 3.52 20.37
CA LEU B 369 2.02 2.98 20.08
C LEU B 369 1.15 3.93 19.28
N GLU B 370 0.19 3.34 18.61
CA GLU B 370 -0.91 4.05 17.98
C GLU B 370 -2.20 3.58 18.69
N ALA B 371 -3.04 4.53 19.09
CA ALA B 371 -4.32 4.15 19.72
C ALA B 371 -5.12 3.16 18.85
N GLY B 372 -5.12 3.38 17.55
CA GLY B 372 -5.83 2.50 16.64
C GLY B 372 -5.61 0.99 16.74
N THR B 373 -4.41 0.54 17.09
CA THR B 373 -4.17 -0.91 17.10
C THR B 373 -4.99 -1.58 18.19
N PHE B 374 -5.18 -0.86 19.30
CA PHE B 374 -5.99 -1.38 20.38
C PHE B 374 -7.49 -1.32 20.02
N ALA B 375 -7.87 -0.27 19.32
CA ALA B 375 -9.20 -0.15 18.79
C ALA B 375 -9.55 -1.35 17.93
N ILE B 376 -8.61 -1.76 17.07
CA ILE B 376 -8.82 -2.88 16.16
C ILE B 376 -8.90 -4.19 16.96
N ALA B 377 -8.16 -4.26 18.06
CA ALA B 377 -8.15 -5.46 18.87
C ALA B 377 -9.37 -5.59 19.78
N GLY B 378 -9.95 -4.44 20.15
CA GLY B 378 -11.14 -4.42 20.97
C GLY B 378 -12.41 -4.60 20.15
N MET B 379 -12.33 -4.24 18.87
CA MET B 379 -13.47 -4.28 17.99
C MET B 379 -14.28 -5.57 18.08
N GLY B 380 -13.60 -6.70 17.99
CA GLY B 380 -14.23 -8.00 18.07
C GLY B 380 -14.24 -8.60 19.48
N ALA B 381 -13.86 -7.81 20.48
CA ALA B 381 -13.68 -8.34 21.83
C ALA B 381 -14.96 -8.47 22.66
N LEU B 382 -15.91 -7.55 22.49
CA LEU B 382 -17.20 -7.70 23.13
C LEU B 382 -17.90 -8.93 22.57
N LEU B 383 -17.91 -9.05 21.25
CA LEU B 383 -18.34 -10.28 20.60
C LEU B 383 -17.77 -11.51 21.29
N ALA B 384 -16.46 -11.54 21.47
CA ALA B 384 -15.80 -12.71 22.05
C ALA B 384 -16.15 -12.94 23.52
N ALA B 385 -16.26 -11.86 24.29
CA ALA B 385 -16.59 -11.97 25.70
C ALA B 385 -18.10 -12.27 25.95
N SER B 386 -18.98 -11.63 25.17
CA SER B 386 -20.45 -11.70 25.36
C SER B 386 -21.11 -12.84 24.63
N ILE B 387 -20.97 -12.90 23.31
CA ILE B 387 -21.55 -14.01 22.57
C ILE B 387 -20.65 -15.24 22.43
N ARG B 388 -19.39 -15.09 22.85
CA ARG B 388 -18.44 -16.20 22.89
C ARG B 388 -18.19 -16.88 21.55
N ALA B 389 -18.24 -16.13 20.47
CA ALA B 389 -17.77 -16.64 19.19
C ALA B 389 -16.52 -15.89 18.74
N PRO B 390 -15.37 -16.18 19.37
CA PRO B 390 -14.13 -15.41 19.19
C PRO B 390 -13.49 -15.58 17.81
N LEU B 391 -13.51 -16.78 17.26
CA LEU B 391 -12.90 -17.02 15.97
C LEU B 391 -13.67 -16.28 14.89
N THR B 392 -14.98 -16.18 15.06
CA THR B 392 -15.85 -15.48 14.12
C THR B 392 -15.59 -13.99 14.27
N GLY B 393 -15.54 -13.50 15.51
CA GLY B 393 -15.25 -12.11 15.77
C GLY B 393 -13.92 -11.68 15.17
N ILE B 394 -12.88 -12.46 15.42
CA ILE B 394 -11.56 -12.16 14.92
C ILE B 394 -11.53 -12.14 13.40
N ILE B 395 -12.07 -13.17 12.77
CA ILE B 395 -12.04 -13.24 11.32
C ILE B 395 -12.97 -12.21 10.68
N LEU B 396 -13.98 -11.77 11.42
CA LEU B 396 -14.87 -10.75 10.89
C LEU B 396 -14.17 -9.40 10.87
N VAL B 397 -13.50 -9.08 11.97
CA VAL B 397 -12.78 -7.82 12.07
C VAL B 397 -11.65 -7.77 11.02
N LEU B 398 -10.91 -8.87 10.89
CA LEU B 398 -9.91 -8.97 9.85
C LEU B 398 -10.53 -8.63 8.49
N GLU B 399 -11.66 -9.27 8.19
CA GLU B 399 -12.29 -9.07 6.90
C GLU B 399 -12.72 -7.62 6.69
N MET B 400 -13.09 -6.96 7.77
CA MET B 400 -13.59 -5.60 7.64
C MET B 400 -12.51 -4.53 7.72
N THR B 401 -11.43 -4.82 8.44
CA THR B 401 -10.39 -3.81 8.59
C THR B 401 -9.07 -4.08 7.83
N ASP B 402 -8.90 -5.33 7.40
CA ASP B 402 -7.77 -5.68 6.56
C ASP B 402 -6.42 -5.24 7.12
N ASN B 403 -6.26 -5.34 8.44
CA ASN B 403 -4.94 -5.17 9.09
C ASN B 403 -4.34 -6.50 9.62
N TYR B 404 -4.01 -7.41 8.71
CA TYR B 404 -3.50 -8.73 9.10
C TYR B 404 -2.30 -8.74 10.05
N GLN B 405 -1.50 -7.67 10.03
CA GLN B 405 -0.32 -7.60 10.89
C GLN B 405 -0.70 -7.51 12.36
N LEU B 406 -1.98 -7.28 12.64
CA LEU B 406 -2.42 -7.24 14.02
C LEU B 406 -3.09 -8.56 14.47
N ILE B 407 -2.98 -9.61 13.66
CA ILE B 407 -3.61 -10.89 13.96
C ILE B 407 -3.28 -11.38 15.36
N LEU B 408 -2.00 -11.38 15.76
CA LEU B 408 -1.63 -11.83 17.11
C LEU B 408 -2.29 -11.04 18.22
N PRO B 409 -2.16 -9.71 18.22
CA PRO B 409 -2.82 -8.96 19.30
C PRO B 409 -4.38 -9.06 19.26
N MET B 410 -4.96 -9.22 18.07
CA MET B 410 -6.42 -9.44 17.96
C MET B 410 -6.81 -10.77 18.62
N ILE B 411 -6.01 -11.81 18.42
CA ILE B 411 -6.33 -13.12 18.89
C ILE B 411 -6.15 -13.16 20.40
N ILE B 412 -5.17 -12.41 20.89
CA ILE B 412 -4.85 -12.41 22.32
C ILE B 412 -5.90 -11.68 23.13
N THR B 413 -6.38 -10.58 22.58
CA THR B 413 -7.43 -9.81 23.20
C THR B 413 -8.72 -10.61 23.20
N GLY B 414 -8.96 -11.35 22.12
CA GLY B 414 -10.14 -12.16 21.95
C GLY B 414 -10.14 -13.35 22.89
N LEU B 415 -9.01 -14.05 22.97
CA LEU B 415 -8.92 -15.21 23.84
C LEU B 415 -9.01 -14.82 25.31
N GLY B 416 -8.28 -13.78 25.67
CA GLY B 416 -8.35 -13.25 27.01
C GLY B 416 -9.77 -12.87 27.39
N ALA B 417 -10.52 -12.35 26.42
CA ALA B 417 -11.91 -11.97 26.67
C ALA B 417 -12.77 -13.20 26.96
N THR B 418 -12.64 -14.24 26.13
CA THR B 418 -13.46 -15.42 26.26
C THR B 418 -13.05 -16.23 27.48
N LEU B 419 -11.79 -16.11 27.88
CA LEU B 419 -11.28 -16.83 29.03
C LEU B 419 -11.75 -16.21 30.33
N LEU B 420 -11.76 -14.89 30.40
CA LEU B 420 -12.20 -14.20 31.61
C LEU B 420 -13.73 -14.17 31.74
N ALA B 421 -14.43 -14.30 30.61
CA ALA B 421 -15.88 -14.36 30.63
C ALA B 421 -16.27 -15.74 31.18
N GLN B 422 -15.61 -16.78 30.69
CA GLN B 422 -15.79 -18.11 31.27
C GLN B 422 -15.55 -18.07 32.79
N PHE B 423 -14.35 -17.65 33.19
CA PHE B 423 -13.96 -17.71 34.59
C PHE B 423 -14.75 -16.79 35.53
N THR B 424 -15.50 -15.84 34.99
CA THR B 424 -16.33 -15.00 35.84
C THR B 424 -17.81 -15.40 35.74
N GLY B 425 -18.04 -16.61 35.20
CA GLY B 425 -19.38 -17.16 35.12
C GLY B 425 -20.35 -16.37 34.27
N GLY B 426 -19.99 -16.21 32.99
CA GLY B 426 -20.85 -15.62 32.00
C GLY B 426 -21.23 -16.71 31.02
N LYS B 427 -22.16 -16.42 30.12
CA LYS B 427 -22.59 -17.44 29.18
C LYS B 427 -22.63 -16.87 27.77
N PRO B 428 -22.54 -17.75 26.76
CA PRO B 428 -22.77 -17.28 25.40
C PRO B 428 -24.20 -16.67 25.30
N LEU B 429 -24.27 -15.38 24.98
CA LEU B 429 -25.53 -14.66 24.96
C LEU B 429 -26.63 -15.29 24.12
N TYR B 430 -26.32 -15.66 22.89
CA TYR B 430 -27.32 -16.27 22.02
C TYR B 430 -27.90 -17.53 22.64
N SER B 431 -27.05 -18.30 23.31
CA SER B 431 -27.49 -19.51 23.97
C SER B 431 -28.33 -19.22 25.23
N ALA B 432 -28.08 -18.09 25.88
CA ALA B 432 -28.82 -17.73 27.07
C ALA B 432 -30.18 -17.17 26.71
N ILE B 433 -30.30 -16.70 25.46
CA ILE B 433 -31.55 -16.15 24.98
C ILE B 433 -32.44 -17.29 24.50
N LEU B 434 -31.85 -18.23 23.75
CA LEU B 434 -32.56 -19.42 23.34
C LEU B 434 -33.03 -20.21 24.58
N ALA B 435 -32.12 -20.39 25.53
CA ALA B 435 -32.43 -21.11 26.77
C ALA B 435 -33.67 -20.56 27.45
N ARG B 436 -33.69 -19.25 27.64
CA ARG B 436 -34.79 -18.61 28.33
C ARG B 436 -36.09 -18.63 27.52
N THR B 437 -35.95 -18.71 26.21
CA THR B 437 -37.09 -18.81 25.31
C THR B 437 -37.67 -20.23 25.36
N LEU B 438 -36.78 -21.22 25.37
CA LEU B 438 -37.18 -22.61 25.51
C LEU B 438 -37.73 -22.94 26.92
N ALA B 439 -37.38 -22.13 27.90
CA ALA B 439 -37.80 -22.36 29.29
C ALA B 439 -39.18 -21.81 29.55
N LYS B 440 -39.60 -20.86 28.72
CA LYS B 440 -40.95 -20.34 28.81
C LYS B 440 -41.86 -21.23 27.98
N GLN B 441 -41.26 -22.05 27.13
CA GLN B 441 -42.01 -22.98 26.30
C GLN B 441 -42.23 -24.32 27.01
N GLU B 442 -41.69 -24.46 28.21
CA GLU B 442 -42.06 -25.60 29.05
C GLU B 442 -42.42 -25.17 30.48
N ALA B 443 -43.13 -24.05 30.58
CA ALA B 443 -43.66 -23.57 31.85
C ALA B 443 -44.89 -22.68 31.61
N GLU C 1 -7.07 18.08 -4.03
CA GLU C 1 -7.72 17.44 -5.16
C GLU C 1 -6.88 16.32 -5.76
N VAL C 2 -7.46 15.63 -6.73
CA VAL C 2 -6.71 14.78 -7.64
C VAL C 2 -6.45 15.62 -8.89
N ARG C 3 -5.17 15.86 -9.18
CA ARG C 3 -4.81 16.76 -10.29
C ARG C 3 -3.92 16.13 -11.36
N LEU C 4 -4.34 16.27 -12.62
CA LEU C 4 -3.51 15.87 -13.75
C LEU C 4 -3.12 17.09 -14.60
N LEU C 5 -1.81 17.26 -14.77
CA LEU C 5 -1.25 18.45 -15.42
C LEU C 5 -0.29 18.05 -16.53
N GLU C 6 -0.80 17.97 -17.76
CA GLU C 6 0.06 17.58 -18.85
C GLU C 6 0.75 18.81 -19.45
N SER C 7 2.02 18.62 -19.80
CA SER C 7 2.82 19.67 -20.40
C SER C 7 3.78 19.12 -21.47
N GLY C 8 4.53 20.01 -22.09
CA GLY C 8 5.50 19.63 -23.10
C GLY C 8 5.02 19.88 -24.52
N GLY C 9 3.77 20.30 -24.67
CA GLY C 9 3.24 20.54 -25.99
C GLY C 9 3.51 21.92 -26.54
N GLY C 10 4.16 21.98 -27.70
CA GLY C 10 4.30 23.24 -28.42
C GLY C 10 4.35 23.05 -29.93
N LEU C 11 5.06 23.95 -30.62
CA LEU C 11 5.26 23.83 -32.06
C LEU C 11 6.48 22.94 -32.37
N VAL C 12 6.31 22.01 -33.31
CA VAL C 12 7.42 21.16 -33.76
C VAL C 12 7.33 20.91 -35.25
N GLN C 13 8.50 20.77 -35.88
CA GLN C 13 8.59 20.66 -37.32
C GLN C 13 8.32 19.24 -37.75
N PRO C 14 7.73 19.09 -38.93
CA PRO C 14 7.37 17.74 -39.40
C PRO C 14 8.57 16.82 -39.35
N GLY C 15 8.35 15.55 -38.98
CA GLY C 15 9.44 14.58 -38.86
C GLY C 15 10.30 14.80 -37.63
N GLY C 16 9.91 15.78 -36.81
CA GLY C 16 10.59 15.95 -35.53
C GLY C 16 10.11 14.92 -34.51
N SER C 17 10.59 15.03 -33.29
CA SER C 17 10.06 14.25 -32.17
C SER C 17 9.73 15.17 -31.00
N LEU C 18 8.93 14.68 -30.05
CA LEU C 18 8.61 15.45 -28.85
C LEU C 18 8.26 14.55 -27.65
N LYS C 19 8.50 15.07 -26.45
CA LYS C 19 8.25 14.31 -25.23
C LYS C 19 7.24 15.01 -24.33
N LEU C 20 6.02 14.46 -24.27
CA LEU C 20 4.98 15.01 -23.40
C LEU C 20 5.11 14.46 -21.98
N SER C 21 4.65 15.26 -21.02
CA SER C 21 4.78 14.92 -19.61
C SER C 21 3.48 15.20 -18.86
N CYS C 22 3.14 14.31 -17.92
CA CYS C 22 1.93 14.50 -17.15
C CYS C 22 2.25 14.36 -15.66
N ALA C 23 1.92 15.41 -14.90
CA ALA C 23 2.22 15.44 -13.47
C ALA C 23 0.98 15.14 -12.62
N ALA C 24 1.09 14.06 -11.86
CA ALA C 24 0.00 13.57 -11.01
C ALA C 24 0.20 13.97 -9.55
N SER C 25 -0.82 14.61 -8.99
CA SER C 25 -0.79 15.02 -7.59
C SER C 25 -2.10 14.72 -6.88
N GLY C 26 -2.00 14.31 -5.62
CA GLY C 26 -3.18 14.14 -4.78
C GLY C 26 -3.86 12.78 -4.88
N PHE C 27 -3.08 11.74 -5.16
CA PHE C 27 -3.57 10.37 -5.09
C PHE C 27 -2.42 9.40 -5.31
N ASP C 28 -2.56 8.17 -4.85
CA ASP C 28 -1.46 7.22 -5.02
C ASP C 28 -1.34 6.82 -6.49
N TYR C 29 -0.37 7.44 -7.17
CA TYR C 29 -0.22 7.31 -8.61
C TYR C 29 0.29 5.92 -9.00
N SER C 30 1.02 5.28 -8.09
CA SER C 30 1.22 3.85 -8.18
C SER C 30 -0.18 3.26 -8.04
N ARG C 31 -0.37 2.01 -8.43
CA ARG C 31 -1.70 1.35 -8.29
C ARG C 31 -2.68 1.62 -9.44
N TYR C 32 -2.48 2.74 -10.15
CA TYR C 32 -3.36 3.07 -11.27
C TYR C 32 -2.69 2.80 -12.58
N TRP C 33 -3.43 2.23 -13.52
CA TRP C 33 -3.06 2.36 -14.92
C TRP C 33 -3.26 3.83 -15.35
N MET C 34 -2.34 4.30 -16.20
CA MET C 34 -2.42 5.65 -16.77
C MET C 34 -2.53 5.58 -18.29
N SER C 35 -3.16 6.60 -18.89
CA SER C 35 -3.44 6.57 -20.32
C SER C 35 -3.33 7.93 -21.03
N TRP C 36 -3.02 7.88 -22.32
CA TRP C 36 -3.00 9.08 -23.16
C TRP C 36 -4.10 9.01 -24.19
N VAL C 37 -4.82 10.11 -24.32
CA VAL C 37 -5.81 10.22 -25.38
C VAL C 37 -5.59 11.57 -26.06
N ARG C 38 -6.02 11.70 -27.32
CA ARG C 38 -5.79 12.94 -28.07
C ARG C 38 -6.93 13.32 -28.98
N GLN C 39 -7.13 14.62 -29.08
CA GLN C 39 -8.24 15.15 -29.83
C GLN C 39 -7.69 16.09 -30.90
N ALA C 40 -7.75 15.65 -32.14
CA ALA C 40 -7.31 16.49 -33.25
C ALA C 40 -8.40 17.53 -33.54
N PRO C 41 -7.99 18.74 -33.97
CA PRO C 41 -8.85 19.92 -34.13
C PRO C 41 -10.24 19.61 -34.66
N GLY C 42 -11.26 20.03 -33.91
CA GLY C 42 -12.64 19.74 -34.23
C GLY C 42 -12.84 18.29 -34.59
N LYS C 43 -12.48 17.39 -33.66
CA LYS C 43 -12.59 15.97 -33.95
C LYS C 43 -12.83 15.15 -32.71
N GLY C 44 -12.85 13.83 -32.88
CA GLY C 44 -13.14 12.94 -31.78
C GLY C 44 -11.97 12.61 -30.88
N LEU C 45 -12.29 11.98 -29.75
CA LEU C 45 -11.26 11.45 -28.86
C LEU C 45 -10.69 10.18 -29.48
N LYS C 46 -9.37 10.05 -29.47
CA LYS C 46 -8.71 8.84 -29.94
C LYS C 46 -7.78 8.33 -28.83
N TRP C 47 -7.68 7.01 -28.70
CA TRP C 47 -6.87 6.41 -27.65
C TRP C 47 -5.47 6.19 -28.18
N ILE C 48 -4.47 6.68 -27.46
CA ILE C 48 -3.08 6.42 -27.84
C ILE C 48 -2.58 5.10 -27.24
N GLY C 49 -2.76 4.94 -25.94
CA GLY C 49 -2.32 3.74 -25.26
C GLY C 49 -2.28 3.88 -23.75
N GLU C 50 -1.82 2.84 -23.05
CA GLU C 50 -1.92 2.77 -21.59
C GLU C 50 -0.70 2.10 -20.96
N ILE C 51 -0.44 2.46 -19.71
CA ILE C 51 0.66 1.89 -18.97
C ILE C 51 0.20 1.45 -17.58
N ASN C 52 0.45 0.18 -17.24
CA ASN C 52 0.15 -0.36 -15.90
C ASN C 52 1.15 0.13 -14.86
N PRO C 53 0.83 -0.05 -13.56
CA PRO C 53 1.67 0.57 -12.52
C PRO C 53 3.15 0.13 -12.54
N VAL C 54 3.44 -1.07 -13.03
CA VAL C 54 4.82 -1.54 -12.99
C VAL C 54 5.51 -1.54 -14.35
N SER C 55 4.86 -0.91 -15.34
CA SER C 55 5.45 -0.78 -16.66
C SER C 55 5.72 -2.16 -17.26
N SER C 56 5.10 -3.20 -16.68
CA SER C 56 5.31 -4.55 -17.18
C SER C 56 4.46 -4.76 -18.41
N THR C 57 3.35 -4.02 -18.47
CA THR C 57 2.50 -4.07 -19.65
C THR C 57 2.21 -2.65 -20.19
N ILE C 58 2.34 -2.49 -21.50
CA ILE C 58 2.17 -1.20 -22.16
C ILE C 58 1.50 -1.47 -23.50
N ASN C 59 0.31 -0.94 -23.69
CA ASN C 59 -0.41 -1.15 -24.93
C ASN C 59 -0.56 0.16 -25.73
N TYR C 60 -0.64 0.04 -27.06
CA TYR C 60 -0.81 1.21 -27.93
C TYR C 60 -1.91 0.93 -28.93
N THR C 61 -2.47 2.00 -29.48
CA THR C 61 -3.50 1.89 -30.50
C THR C 61 -2.89 1.23 -31.73
N PRO C 62 -3.75 0.67 -32.61
CA PRO C 62 -3.20 0.02 -33.81
C PRO C 62 -2.45 1.04 -34.66
N SER C 63 -1.18 1.26 -34.33
CA SER C 63 -0.36 2.25 -35.03
C SER C 63 1.14 2.08 -34.80
N LEU C 64 1.84 1.69 -35.86
CA LEU C 64 3.26 1.98 -36.08
C LEU C 64 4.25 1.54 -34.98
N LYS C 65 5.43 1.12 -35.41
CA LYS C 65 6.38 0.40 -34.53
C LYS C 65 6.94 1.18 -33.33
N ASP C 66 7.76 2.20 -33.58
CA ASP C 66 8.26 3.01 -32.47
C ASP C 66 7.66 4.42 -32.50
N LYS C 67 6.51 4.55 -33.15
CA LYS C 67 5.75 5.79 -33.16
C LYS C 67 5.59 6.37 -31.76
N PHE C 68 4.83 5.70 -30.92
CA PHE C 68 4.62 6.18 -29.57
C PHE C 68 5.48 5.44 -28.57
N ILE C 69 5.89 6.11 -27.51
CA ILE C 69 6.51 5.44 -26.40
C ILE C 69 5.97 5.97 -25.09
N ILE C 70 5.11 5.17 -24.45
CA ILE C 70 4.62 5.47 -23.13
C ILE C 70 5.51 4.81 -22.08
N SER C 71 5.82 5.58 -21.04
CA SER C 71 6.58 5.11 -19.93
C SER C 71 6.19 6.00 -18.77
N ARG C 72 6.52 5.57 -17.56
CA ARG C 72 6.15 6.28 -16.35
C ARG C 72 7.27 6.23 -15.33
N ASP C 73 7.31 7.25 -14.48
CA ASP C 73 8.26 7.32 -13.36
C ASP C 73 7.51 7.42 -12.04
N ASN C 74 7.05 6.29 -11.52
CA ASN C 74 6.22 6.28 -10.32
C ASN C 74 6.82 7.06 -9.14
N ALA C 75 8.15 7.02 -9.05
CA ALA C 75 8.88 7.79 -8.03
C ALA C 75 8.75 9.30 -8.26
N LYS C 76 8.89 9.73 -9.51
CA LYS C 76 8.68 11.12 -9.87
C LYS C 76 7.17 11.44 -9.93
N ASP C 77 6.35 10.39 -9.88
CA ASP C 77 4.90 10.50 -10.06
C ASP C 77 4.52 11.31 -11.31
N THR C 78 5.02 10.84 -12.45
CA THR C 78 4.81 11.49 -13.72
C THR C 78 4.73 10.45 -14.84
N LEU C 79 3.82 10.69 -15.79
CA LEU C 79 3.67 9.86 -16.98
C LEU C 79 4.25 10.58 -18.24
N TYR C 80 4.73 9.80 -19.21
CA TYR C 80 5.49 10.33 -20.34
C TYR C 80 4.98 9.77 -21.66
N LEU C 81 5.01 10.60 -22.70
CA LEU C 81 4.68 10.16 -24.04
C LEU C 81 5.66 10.80 -25.00
N GLN C 82 6.44 9.93 -25.68
CA GLN C 82 7.34 10.34 -26.74
C GLN C 82 6.63 10.09 -28.05
N ILE C 83 6.59 11.10 -28.91
CA ILE C 83 6.15 10.88 -30.28
C ILE C 83 7.32 10.99 -31.26
N SER C 84 7.23 10.22 -32.34
CA SER C 84 8.31 10.14 -33.32
C SER C 84 7.82 10.43 -34.72
N LYS C 85 8.75 10.82 -35.59
CA LYS C 85 8.44 11.05 -36.99
C LYS C 85 7.11 11.77 -37.13
N VAL C 86 6.97 12.84 -36.35
CA VAL C 86 5.69 13.54 -36.19
C VAL C 86 5.08 14.10 -37.48
N ARG C 87 3.86 13.68 -37.82
CA ARG C 87 3.20 14.24 -38.99
C ARG C 87 2.19 15.28 -38.54
N SER C 88 1.59 15.98 -39.49
CA SER C 88 0.60 16.99 -39.15
C SER C 88 -0.57 16.31 -38.48
N GLU C 89 -0.79 15.05 -38.86
CA GLU C 89 -1.81 14.20 -38.25
C GLU C 89 -1.69 14.11 -36.72
N ASP C 90 -0.50 14.39 -36.19
CA ASP C 90 -0.23 14.34 -34.76
C ASP C 90 -0.52 15.65 -34.04
N THR C 91 -0.91 16.65 -34.82
CA THR C 91 -1.35 17.94 -34.30
C THR C 91 -2.67 17.75 -33.57
N ALA C 92 -2.64 17.94 -32.26
CA ALA C 92 -3.78 17.56 -31.45
C ALA C 92 -3.64 18.12 -30.04
N LEU C 93 -4.78 18.18 -29.34
CA LEU C 93 -4.77 18.33 -27.89
C LEU C 93 -4.54 16.96 -27.23
N TYR C 94 -3.54 16.85 -26.36
CA TYR C 94 -3.17 15.58 -25.77
C TYR C 94 -3.57 15.49 -24.32
N TYR C 95 -4.29 14.42 -23.99
CA TYR C 95 -4.89 14.23 -22.67
C TYR C 95 -4.27 13.10 -21.92
N CYS C 96 -3.99 13.37 -20.65
CA CYS C 96 -3.49 12.39 -19.71
C CYS C 96 -4.67 11.92 -18.86
N ALA C 97 -4.90 10.61 -18.80
CA ALA C 97 -5.99 10.09 -17.96
C ALA C 97 -5.58 8.98 -17.00
N ARG C 98 -6.17 9.05 -15.80
CA ARG C 98 -6.09 7.96 -14.82
C ARG C 98 -7.22 6.97 -15.10
N LEU C 99 -6.89 5.69 -15.20
CA LEU C 99 -7.89 4.66 -15.50
C LEU C 99 -8.49 4.01 -14.23
N TYR C 100 -9.75 3.62 -14.33
CA TYR C 100 -10.39 2.74 -13.34
C TYR C 100 -11.51 1.90 -13.98
N TYR C 101 -12.41 1.42 -13.15
CA TYR C 101 -13.43 0.49 -13.61
C TYR C 101 -14.53 0.41 -12.58
N GLY C 102 -15.74 0.08 -13.02
CA GLY C 102 -16.86 -0.17 -12.12
C GLY C 102 -17.07 -1.67 -12.00
N TYR C 103 -17.93 -2.23 -12.84
CA TYR C 103 -18.12 -3.68 -12.91
C TYR C 103 -16.90 -4.39 -13.45
N GLY C 104 -16.00 -3.63 -14.07
CA GLY C 104 -14.81 -4.21 -14.69
C GLY C 104 -14.61 -3.92 -16.16
N TYR C 105 -15.49 -3.09 -16.74
CA TYR C 105 -15.29 -2.56 -18.09
C TYR C 105 -14.70 -1.15 -17.98
N TRP C 106 -13.41 -1.05 -18.26
CA TRP C 106 -12.63 0.12 -17.86
C TRP C 106 -13.02 1.43 -18.54
N TYR C 107 -12.99 2.47 -17.72
CA TYR C 107 -13.32 3.79 -18.17
C TYR C 107 -12.18 4.76 -17.85
N PHE C 108 -12.31 5.99 -18.32
CA PHE C 108 -11.30 7.01 -18.19
C PHE C 108 -11.64 7.88 -17.00
N ASP C 109 -11.03 7.56 -15.87
CA ASP C 109 -11.51 8.04 -14.57
C ASP C 109 -11.38 9.54 -14.35
N VAL C 110 -10.16 10.06 -14.41
CA VAL C 110 -9.96 11.50 -14.27
C VAL C 110 -8.93 12.00 -15.30
N TRP C 111 -9.28 13.10 -15.96
CA TRP C 111 -8.47 13.68 -17.03
C TRP C 111 -7.82 14.99 -16.60
N GLY C 112 -6.72 15.33 -17.29
CA GLY C 112 -6.11 16.64 -17.16
C GLY C 112 -6.68 17.65 -18.15
N ALA C 113 -6.23 18.89 -18.05
CA ALA C 113 -6.67 19.91 -18.99
C ALA C 113 -6.14 19.70 -20.44
N GLY C 114 -4.91 19.17 -20.59
CA GLY C 114 -4.34 18.89 -21.90
C GLY C 114 -3.19 19.79 -22.34
N THR C 115 -2.36 19.31 -23.26
CA THR C 115 -1.42 20.21 -23.95
C THR C 115 -1.58 20.08 -25.43
N THR C 116 -1.46 21.21 -26.11
CA THR C 116 -1.58 21.25 -27.56
C THR C 116 -0.25 20.98 -28.25
N VAL C 117 -0.31 20.14 -29.27
CA VAL C 117 0.85 19.93 -30.12
C VAL C 117 0.52 20.53 -31.46
N THR C 118 1.42 21.36 -31.98
CA THR C 118 1.27 21.88 -33.34
C THR C 118 2.44 21.44 -34.21
N VAL C 119 2.14 20.66 -35.24
CA VAL C 119 3.17 20.18 -36.12
C VAL C 119 3.17 20.97 -37.41
N SER C 120 4.23 21.74 -37.65
CA SER C 120 4.25 22.70 -38.72
C SER C 120 5.68 23.20 -38.99
N SER C 121 5.96 23.48 -40.26
CA SER C 121 7.23 24.12 -40.57
C SER C 121 7.15 25.65 -40.62
N ALA C 122 5.96 26.21 -40.47
CA ALA C 122 5.82 27.66 -40.34
C ALA C 122 6.56 28.17 -39.10
N LYS C 123 7.07 29.39 -39.15
CA LYS C 123 7.91 29.90 -38.06
C LYS C 123 7.16 30.80 -37.10
N THR C 124 7.63 30.85 -35.88
CA THR C 124 7.05 31.63 -34.84
C THR C 124 7.14 33.11 -35.21
N THR C 125 6.01 33.82 -35.07
CA THR C 125 5.86 35.19 -35.54
C THR C 125 4.92 35.95 -34.62
N PRO C 126 5.37 37.09 -34.09
CA PRO C 126 4.59 37.91 -33.17
C PRO C 126 3.44 38.57 -33.92
N PRO C 127 2.31 38.91 -33.23
CA PRO C 127 1.16 39.57 -33.85
C PRO C 127 1.32 41.07 -33.98
N SER C 128 0.76 41.63 -35.04
CA SER C 128 0.60 43.06 -35.12
C SER C 128 -0.81 43.36 -34.53
N VAL C 129 -0.88 44.33 -33.63
CA VAL C 129 -2.16 44.66 -32.97
C VAL C 129 -2.68 46.02 -33.42
N TYR C 130 -3.88 46.02 -34.00
CA TYR C 130 -4.49 47.26 -34.50
C TYR C 130 -5.85 47.57 -33.84
N PRO C 131 -6.14 48.85 -33.56
CA PRO C 131 -7.41 49.25 -32.94
C PRO C 131 -8.56 49.21 -33.91
N LEU C 132 -9.72 48.74 -33.48
CA LEU C 132 -10.94 48.94 -34.25
C LEU C 132 -11.81 50.04 -33.62
N ALA C 133 -11.73 51.25 -34.17
CA ALA C 133 -12.59 52.35 -33.70
C ALA C 133 -13.77 52.49 -34.62
N PRO C 134 -14.90 53.02 -34.10
CA PRO C 134 -16.04 53.34 -34.98
C PRO C 134 -15.61 54.45 -35.94
N GLY C 135 -16.12 54.43 -37.17
CA GLY C 135 -15.72 55.41 -38.18
C GLY C 135 -15.93 56.87 -37.78
N SER C 136 -15.20 57.76 -38.47
CA SER C 136 -15.21 59.19 -38.15
C SER C 136 -16.59 59.72 -37.76
N ALA C 137 -17.51 59.71 -38.73
CA ALA C 137 -18.91 60.05 -38.47
C ALA C 137 -19.67 58.80 -38.06
N ALA C 138 -19.34 58.29 -36.87
CA ALA C 138 -19.97 57.09 -36.33
C ALA C 138 -21.34 57.42 -35.71
N ALA C 139 -22.25 56.44 -35.75
CA ALA C 139 -23.60 56.62 -35.22
C ALA C 139 -23.64 56.48 -33.70
N ALA C 140 -23.20 57.54 -33.00
CA ALA C 140 -23.15 57.53 -31.55
C ALA C 140 -24.47 57.06 -30.94
N ALA C 141 -24.53 55.77 -30.60
CA ALA C 141 -25.73 55.14 -30.04
C ALA C 141 -25.58 54.89 -28.53
N SER C 142 -26.55 54.19 -27.93
CA SER C 142 -26.51 53.86 -26.50
C SER C 142 -25.28 53.01 -26.16
N MET C 143 -25.18 51.88 -26.85
CA MET C 143 -24.00 51.03 -26.77
C MET C 143 -23.02 51.36 -27.89
N VAL C 144 -21.73 51.31 -27.59
CA VAL C 144 -20.70 51.44 -28.62
C VAL C 144 -19.79 50.21 -28.64
N THR C 145 -19.77 49.53 -29.79
CA THR C 145 -18.87 48.41 -30.03
C THR C 145 -17.51 48.89 -30.55
N LEU C 146 -16.45 48.52 -29.82
CA LEU C 146 -15.07 48.67 -30.29
C LEU C 146 -14.40 47.33 -30.53
N GLY C 147 -13.13 47.37 -30.92
CA GLY C 147 -12.44 46.15 -31.22
C GLY C 147 -10.94 46.23 -31.24
N CYS C 148 -10.31 45.08 -31.47
CA CYS C 148 -8.93 45.07 -31.93
C CYS C 148 -8.62 43.87 -32.78
N LEU C 149 -7.79 44.13 -33.78
CA LEU C 149 -7.37 43.15 -34.76
C LEU C 149 -5.98 42.69 -34.38
N VAL C 150 -5.83 41.38 -34.32
CA VAL C 150 -4.58 40.77 -33.91
C VAL C 150 -4.11 39.97 -35.12
N LYS C 151 -3.15 40.55 -35.83
CA LYS C 151 -2.85 40.06 -37.17
C LYS C 151 -1.43 39.48 -37.34
N GLY C 152 -1.33 38.45 -38.17
CA GLY C 152 -0.05 37.82 -38.57
C GLY C 152 0.79 37.19 -37.46
N TYR C 153 0.24 36.21 -36.72
CA TYR C 153 1.01 35.55 -35.65
C TYR C 153 1.03 34.05 -35.87
N PHE C 154 1.99 33.39 -35.23
CA PHE C 154 2.09 31.91 -35.28
C PHE C 154 3.00 31.43 -34.15
N PRO C 155 2.63 30.32 -33.47
CA PRO C 155 1.37 29.60 -33.63
C PRO C 155 0.33 30.17 -32.68
N GLU C 156 -0.83 29.53 -32.63
CA GLU C 156 -1.78 29.71 -31.54
C GLU C 156 -1.10 29.31 -30.23
N PRO C 157 -1.56 29.85 -29.09
CA PRO C 157 -2.69 30.76 -28.91
C PRO C 157 -2.24 32.20 -28.63
N VAL C 158 -3.18 33.15 -28.76
CA VAL C 158 -3.04 34.46 -28.11
C VAL C 158 -4.15 34.67 -27.13
N THR C 159 -3.94 35.56 -26.17
CA THR C 159 -5.03 35.95 -25.32
C THR C 159 -5.25 37.45 -25.36
N VAL C 160 -6.52 37.83 -25.36
CA VAL C 160 -6.98 39.21 -25.39
C VAL C 160 -7.85 39.50 -24.17
N THR C 161 -7.49 40.53 -23.42
CA THR C 161 -8.37 41.03 -22.39
C THR C 161 -8.56 42.53 -22.58
N TRP C 162 -9.61 43.07 -21.98
CA TRP C 162 -9.90 44.48 -22.07
C TRP C 162 -9.80 45.15 -20.70
N ASN C 163 -9.15 46.32 -20.66
CA ASN C 163 -8.88 46.99 -19.40
C ASN C 163 -8.40 45.99 -18.34
N SER C 164 -7.49 45.12 -18.76
CA SER C 164 -6.83 44.19 -17.88
C SER C 164 -7.80 43.27 -17.17
N GLY C 165 -8.94 43.02 -17.81
CA GLY C 165 -9.87 42.02 -17.31
C GLY C 165 -11.02 42.60 -16.52
N SER C 166 -11.00 43.91 -16.32
CA SER C 166 -12.12 44.58 -15.65
C SER C 166 -13.33 44.61 -16.58
N LEU C 167 -13.13 45.02 -17.83
CA LEU C 167 -14.18 44.91 -18.84
C LEU C 167 -14.40 43.45 -19.17
N ALA C 168 -15.46 42.85 -18.66
CA ALA C 168 -15.68 41.42 -18.81
C ALA C 168 -17.02 41.18 -19.46
N ALA C 169 -17.94 42.12 -19.23
CA ALA C 169 -19.26 42.07 -19.86
C ALA C 169 -19.22 42.60 -21.29
N GLY C 170 -19.77 41.83 -22.23
CA GLY C 170 -19.90 42.29 -23.61
C GLY C 170 -18.66 42.13 -24.49
N VAL C 171 -17.73 41.29 -24.00
CA VAL C 171 -16.54 40.93 -24.73
C VAL C 171 -16.78 39.62 -25.45
N HIS C 172 -16.43 39.55 -26.72
CA HIS C 172 -16.09 38.24 -27.28
C HIS C 172 -14.89 38.30 -28.20
N THR C 173 -14.22 37.15 -28.29
CA THR C 173 -13.02 37.01 -29.08
C THR C 173 -13.30 35.92 -30.10
N PHE C 174 -13.12 36.25 -31.38
CA PHE C 174 -13.40 35.29 -32.44
C PHE C 174 -12.27 34.27 -32.58
N PRO C 175 -12.59 33.05 -33.03
CA PRO C 175 -11.57 32.03 -33.25
C PRO C 175 -10.61 32.51 -34.32
N ALA C 176 -9.33 32.14 -34.24
CA ALA C 176 -8.31 32.56 -35.20
C ALA C 176 -8.50 31.87 -36.53
N VAL C 177 -8.22 32.58 -37.64
CA VAL C 177 -8.16 31.93 -38.96
C VAL C 177 -6.73 31.96 -39.50
N LEU C 178 -6.34 30.84 -40.11
CA LEU C 178 -5.00 30.61 -40.59
C LEU C 178 -4.96 30.85 -42.07
N GLN C 179 -4.01 31.67 -42.51
CA GLN C 179 -3.79 31.85 -43.94
C GLN C 179 -2.34 32.16 -44.25
N ALA C 180 -1.77 31.40 -45.18
CA ALA C 180 -0.41 31.64 -45.63
C ALA C 180 0.57 31.56 -44.47
N ALA C 181 0.34 30.56 -43.60
CA ALA C 181 1.20 30.28 -42.47
C ALA C 181 1.06 31.30 -41.29
N LEU C 182 -0.06 31.99 -41.21
CA LEU C 182 -0.24 33.04 -40.21
C LEU C 182 -1.68 33.13 -39.79
N TYR C 183 -1.90 33.52 -38.53
CA TYR C 183 -3.21 33.50 -37.93
C TYR C 183 -3.69 34.92 -37.78
N THR C 184 -4.98 35.10 -37.95
CA THR C 184 -5.58 36.38 -37.63
C THR C 184 -6.80 36.20 -36.79
N LEU C 185 -6.95 37.05 -35.79
CA LEU C 185 -8.26 37.15 -35.15
C LEU C 185 -8.55 38.56 -34.69
N SER C 186 -9.77 38.80 -34.20
CA SER C 186 -10.12 40.07 -33.58
C SER C 186 -11.03 39.90 -32.38
N SER C 187 -11.05 40.91 -31.52
CA SER C 187 -11.84 40.91 -30.32
C SER C 187 -12.91 42.04 -30.31
N SER C 188 -14.12 41.73 -29.88
CA SER C 188 -15.21 42.73 -29.77
C SER C 188 -15.51 43.12 -28.30
N VAL C 189 -15.51 44.42 -28.01
CA VAL C 189 -15.94 44.91 -26.70
C VAL C 189 -17.09 45.92 -26.85
N THR C 190 -18.21 45.64 -26.20
CA THR C 190 -19.35 46.58 -26.24
C THR C 190 -19.50 47.30 -24.91
N VAL C 191 -19.43 48.62 -24.93
CA VAL C 191 -19.59 49.39 -23.70
C VAL C 191 -20.70 50.42 -23.85
N PRO C 192 -21.06 51.08 -22.74
CA PRO C 192 -22.06 52.14 -22.89
C PRO C 192 -21.34 53.39 -23.38
N SER C 193 -22.06 54.22 -24.13
CA SER C 193 -21.53 55.47 -24.67
C SER C 193 -20.99 56.44 -23.59
N SER C 194 -21.41 56.24 -22.35
CA SER C 194 -20.90 57.06 -21.24
C SER C 194 -19.49 56.63 -20.84
N SER C 195 -19.14 55.37 -21.13
CA SER C 195 -17.81 54.86 -20.85
C SER C 195 -16.78 55.39 -21.84
N TRP C 196 -17.12 55.37 -23.12
CA TRP C 196 -16.17 55.68 -24.19
C TRP C 196 -16.74 56.70 -25.15
N PRO C 197 -15.96 57.73 -25.48
CA PRO C 197 -14.54 57.81 -25.14
C PRO C 197 -14.23 58.71 -23.97
N SER C 198 -14.99 58.61 -22.89
CA SER C 198 -14.82 59.49 -21.75
C SER C 198 -13.74 58.89 -20.89
N GLU C 199 -13.85 57.58 -20.72
CA GLU C 199 -12.78 56.79 -20.13
C GLU C 199 -12.01 56.09 -21.25
N THR C 200 -10.98 55.36 -20.84
CA THR C 200 -10.11 54.68 -21.78
C THR C 200 -10.54 53.24 -21.97
N VAL C 201 -10.69 52.82 -23.21
CA VAL C 201 -10.76 51.41 -23.50
C VAL C 201 -9.45 50.93 -24.14
N THR C 202 -8.90 49.85 -23.60
CA THR C 202 -7.61 49.28 -24.02
C THR C 202 -7.70 47.77 -24.23
N CYS C 203 -7.21 47.27 -25.37
CA CYS C 203 -7.03 45.82 -25.47
C CYS C 203 -5.58 45.42 -25.21
N ASN C 204 -5.41 44.61 -24.17
CA ASN C 204 -4.15 43.99 -23.84
C ASN C 204 -4.08 42.65 -24.51
N VAL C 205 -2.96 42.42 -25.19
CA VAL C 205 -2.78 41.23 -25.98
C VAL C 205 -1.50 40.52 -25.60
N ALA C 206 -1.58 39.21 -25.49
CA ALA C 206 -0.36 38.46 -25.23
C ALA C 206 -0.20 37.28 -26.18
N HIS C 207 1.03 37.08 -26.62
CA HIS C 207 1.39 35.93 -27.46
C HIS C 207 2.69 35.43 -26.88
N PRO C 208 2.61 34.49 -25.91
CA PRO C 208 3.82 34.12 -25.18
C PRO C 208 4.82 33.37 -26.07
N ALA C 209 4.34 32.67 -27.10
CA ALA C 209 5.24 31.97 -27.99
C ALA C 209 6.27 32.90 -28.62
N SER C 210 5.93 34.19 -28.75
CA SER C 210 6.91 35.15 -29.26
C SER C 210 7.29 36.14 -28.20
N SER C 211 6.95 35.84 -26.95
CA SER C 211 7.23 36.75 -25.82
C SER C 211 6.66 38.17 -26.02
N THR C 212 5.48 38.25 -26.63
CA THR C 212 4.79 39.50 -26.95
C THR C 212 3.62 39.85 -25.99
N LYS C 213 3.79 40.95 -25.26
CA LYS C 213 2.75 41.57 -24.46
C LYS C 213 2.52 42.96 -25.03
N VAL C 214 1.29 43.27 -25.37
CA VAL C 214 1.10 44.59 -25.94
C VAL C 214 -0.29 45.21 -25.62
N ASP C 215 -0.32 46.51 -25.31
CA ASP C 215 -1.59 47.23 -25.06
C ASP C 215 -1.91 48.17 -26.20
N LYS C 216 -3.18 48.25 -26.57
CA LYS C 216 -3.62 49.17 -27.62
C LYS C 216 -4.80 50.01 -27.16
N LYS C 217 -4.52 51.27 -26.86
CA LYS C 217 -5.58 52.21 -26.55
C LYS C 217 -6.45 52.41 -27.78
N ILE C 218 -7.76 52.25 -27.59
CA ILE C 218 -8.75 52.54 -28.65
C ILE C 218 -9.24 53.98 -28.45
N VAL C 219 -9.13 54.79 -29.51
CA VAL C 219 -9.42 56.21 -29.45
C VAL C 219 -10.22 56.62 -30.69
N PRO C 220 -11.10 57.61 -30.54
CA PRO C 220 -12.00 57.95 -31.66
C PRO C 220 -11.23 58.48 -32.88
N ARG C 221 -11.72 58.16 -34.07
CA ARG C 221 -11.01 58.49 -35.29
C ARG C 221 -11.27 59.93 -35.74
N ALA C 222 -10.41 60.41 -36.64
CA ALA C 222 -10.41 61.79 -37.12
C ALA C 222 -9.79 62.73 -36.07
N ASP D 1 -11.53 -2.76 -35.16
CA ASP D 1 -12.09 -2.30 -33.90
C ASP D 1 -13.56 -1.87 -33.97
N ILE D 2 -14.14 -1.59 -32.80
CA ILE D 2 -15.55 -1.30 -32.69
C ILE D 2 -15.78 0.16 -32.94
N VAL D 3 -16.71 0.48 -33.83
CA VAL D 3 -17.02 1.86 -34.18
C VAL D 3 -18.26 2.30 -33.42
N LEU D 4 -18.16 3.44 -32.75
CA LEU D 4 -19.30 3.97 -32.01
C LEU D 4 -19.79 5.26 -32.67
N THR D 5 -21.08 5.30 -32.98
CA THR D 5 -21.66 6.44 -33.68
C THR D 5 -22.73 7.16 -32.86
N GLN D 6 -22.43 8.41 -32.49
CA GLN D 6 -23.39 9.23 -31.77
C GLN D 6 -24.35 9.90 -32.75
N SER D 7 -25.58 10.17 -32.29
CA SER D 7 -26.70 10.43 -33.22
C SER D 7 -26.97 11.90 -33.59
N PRO D 8 -27.72 12.64 -32.76
CA PRO D 8 -27.76 14.04 -33.18
C PRO D 8 -26.34 14.58 -33.04
N ALA D 9 -25.56 14.55 -34.12
CA ALA D 9 -24.16 14.97 -34.07
C ALA D 9 -24.05 16.36 -33.46
N ILE D 10 -25.15 17.09 -33.53
CA ILE D 10 -25.32 18.42 -32.96
C ILE D 10 -26.83 18.56 -32.75
N MET D 11 -27.24 19.36 -31.77
CA MET D 11 -28.65 19.46 -31.45
C MET D 11 -28.85 20.58 -30.45
N SER D 12 -30.01 21.22 -30.54
CA SER D 12 -30.36 22.29 -29.64
C SER D 12 -31.66 21.88 -28.97
N ALA D 13 -31.90 22.44 -27.78
CA ALA D 13 -33.02 22.06 -26.94
C ALA D 13 -33.26 23.09 -25.82
N ALA D 14 -34.51 23.41 -25.54
CA ALA D 14 -34.82 24.44 -24.55
C ALA D 14 -34.59 23.90 -23.14
N PRO D 15 -34.22 24.79 -22.19
CA PRO D 15 -34.13 24.43 -20.77
C PRO D 15 -35.41 23.74 -20.29
N GLY D 16 -35.37 23.12 -19.12
CA GLY D 16 -36.52 22.41 -18.58
C GLY D 16 -37.24 21.53 -19.60
N ASP D 17 -36.47 20.91 -20.49
CA ASP D 17 -37.03 20.11 -21.57
C ASP D 17 -36.23 18.79 -21.75
N LYS D 18 -36.82 17.83 -22.44
CA LYS D 18 -36.34 16.45 -22.39
C LYS D 18 -35.34 16.11 -23.49
N VAL D 19 -34.08 15.96 -23.12
CA VAL D 19 -33.02 15.68 -24.09
C VAL D 19 -32.60 14.21 -24.14
N THR D 20 -32.33 13.74 -25.36
CA THR D 20 -32.00 12.34 -25.61
C THR D 20 -31.00 12.18 -26.75
N MET D 21 -29.75 11.83 -26.42
CA MET D 21 -28.82 11.48 -27.49
C MET D 21 -28.57 9.98 -27.55
N THR D 22 -28.02 9.51 -28.65
CA THR D 22 -27.87 8.09 -28.93
C THR D 22 -26.41 7.69 -29.24
N CYS D 23 -26.13 6.38 -29.10
CA CYS D 23 -24.81 5.79 -29.29
C CYS D 23 -25.00 4.39 -29.91
N SER D 24 -24.24 4.06 -30.95
CA SER D 24 -24.46 2.80 -31.67
C SER D 24 -23.19 2.11 -32.18
N ALA D 25 -23.10 0.81 -31.92
CA ALA D 25 -21.87 0.06 -32.18
C ALA D 25 -21.96 -0.89 -33.38
N SER D 26 -20.85 -1.01 -34.10
CA SER D 26 -20.74 -1.90 -35.25
C SER D 26 -20.90 -3.36 -34.84
N SER D 27 -20.58 -3.64 -33.57
CA SER D 27 -20.72 -4.97 -32.99
C SER D 27 -21.32 -4.81 -31.60
N SER D 28 -21.49 -5.92 -30.89
CA SER D 28 -22.12 -5.86 -29.57
C SER D 28 -21.16 -5.34 -28.52
N VAL D 29 -21.69 -4.49 -27.64
CA VAL D 29 -20.88 -3.83 -26.62
C VAL D 29 -21.56 -3.78 -25.24
N SER D 30 -20.76 -3.74 -24.18
CA SER D 30 -21.31 -3.75 -22.82
C SER D 30 -20.77 -2.64 -21.93
N TYR D 31 -21.68 -2.11 -21.10
CA TYR D 31 -21.31 -1.15 -20.07
C TYR D 31 -20.50 0.01 -20.63
N ILE D 32 -21.24 0.87 -21.33
CA ILE D 32 -20.73 2.04 -22.01
C ILE D 32 -20.61 3.21 -21.02
N HIS D 33 -19.60 4.05 -21.22
CA HIS D 33 -19.46 5.24 -20.38
C HIS D 33 -19.67 6.47 -21.24
N TRP D 34 -19.77 7.62 -20.59
CA TRP D 34 -20.20 8.85 -21.21
C TRP D 34 -19.45 9.98 -20.54
N TYR D 35 -18.76 10.79 -21.34
CA TYR D 35 -18.05 11.92 -20.78
C TYR D 35 -18.64 13.23 -21.30
N GLN D 36 -18.63 14.22 -20.43
CA GLN D 36 -19.12 15.53 -20.75
C GLN D 36 -17.95 16.49 -20.91
N GLN D 37 -17.93 17.24 -22.03
CA GLN D 37 -16.87 18.20 -22.28
C GLN D 37 -17.36 19.61 -22.62
N LYS D 38 -17.01 20.56 -21.77
CA LYS D 38 -17.15 21.97 -22.11
C LYS D 38 -15.82 22.43 -22.71
N SER D 39 -15.87 23.40 -23.63
CA SER D 39 -14.64 23.86 -24.29
C SER D 39 -13.69 24.58 -23.32
N GLY D 40 -12.44 24.15 -23.29
CA GLY D 40 -11.44 24.74 -22.40
C GLY D 40 -11.27 23.87 -21.17
N THR D 41 -12.10 22.82 -21.15
CA THR D 41 -12.28 21.99 -19.97
C THR D 41 -11.96 20.53 -20.27
N SER D 42 -11.35 19.87 -19.29
CA SER D 42 -11.10 18.45 -19.38
C SER D 42 -12.40 17.66 -19.39
N PRO D 43 -12.50 16.65 -20.27
CA PRO D 43 -13.58 15.66 -20.25
C PRO D 43 -13.85 15.18 -18.82
N LYS D 44 -15.12 15.11 -18.45
CA LYS D 44 -15.52 14.60 -17.14
C LYS D 44 -16.29 13.30 -17.28
N ARG D 45 -15.92 12.31 -16.48
CA ARG D 45 -16.66 11.04 -16.47
C ARG D 45 -18.06 11.38 -16.02
N TRP D 46 -19.05 11.06 -16.85
CA TRP D 46 -20.39 11.54 -16.60
C TRP D 46 -21.27 10.38 -16.16
N ILE D 47 -21.33 9.36 -17.01
CA ILE D 47 -22.10 8.17 -16.72
C ILE D 47 -21.26 6.94 -17.11
N TYR D 48 -21.32 5.90 -16.27
CA TYR D 48 -20.58 4.67 -16.54
C TYR D 48 -21.36 3.38 -16.31
N ASP D 49 -20.80 2.28 -16.79
CA ASP D 49 -21.42 0.97 -16.72
C ASP D 49 -22.85 1.09 -17.17
N THR D 50 -23.05 1.92 -18.19
CA THR D 50 -24.31 2.00 -18.92
C THR D 50 -25.38 2.82 -18.22
N SER D 51 -25.34 2.93 -16.89
CA SER D 51 -26.44 3.60 -16.22
C SER D 51 -26.12 4.32 -14.91
N LYS D 52 -24.89 4.18 -14.43
CA LYS D 52 -24.55 4.68 -13.11
C LYS D 52 -23.95 6.09 -13.15
N LEU D 53 -24.45 6.99 -12.30
CA LEU D 53 -23.97 8.37 -12.26
C LEU D 53 -22.72 8.55 -11.42
N THR D 54 -21.81 9.39 -11.90
CA THR D 54 -20.61 9.77 -11.16
C THR D 54 -21.01 10.77 -10.06
N SER D 55 -20.23 10.82 -8.98
CA SER D 55 -20.53 11.69 -7.85
C SER D 55 -20.59 13.16 -8.22
N GLY D 56 -21.79 13.73 -8.15
CA GLY D 56 -21.99 15.14 -8.45
C GLY D 56 -22.95 15.32 -9.60
N VAL D 57 -22.92 14.40 -10.56
CA VAL D 57 -23.82 14.45 -11.72
C VAL D 57 -25.29 14.50 -11.29
N PRO D 58 -25.93 15.66 -11.50
CA PRO D 58 -27.35 15.84 -11.15
C PRO D 58 -28.23 14.68 -11.64
N VAL D 59 -29.36 14.49 -10.98
CA VAL D 59 -30.16 13.29 -11.19
C VAL D 59 -31.01 13.32 -12.46
N ARG D 60 -31.16 14.50 -13.05
CA ARG D 60 -31.88 14.62 -14.33
C ARG D 60 -31.15 13.81 -15.41
N PHE D 61 -29.89 13.49 -15.17
CA PHE D 61 -29.09 12.68 -16.10
C PHE D 61 -29.31 11.18 -15.89
N SER D 62 -29.38 10.42 -16.97
CA SER D 62 -29.57 8.96 -16.86
C SER D 62 -29.22 8.24 -18.16
N GLY D 63 -28.65 7.05 -18.04
CA GLY D 63 -28.31 6.27 -19.23
C GLY D 63 -29.13 5.00 -19.37
N SER D 64 -29.07 4.36 -20.53
CA SER D 64 -29.77 3.08 -20.75
C SER D 64 -29.24 2.45 -22.02
N GLY D 65 -29.53 1.16 -22.23
CA GLY D 65 -29.17 0.53 -23.47
C GLY D 65 -28.66 -0.89 -23.36
N SER D 66 -28.57 -1.58 -24.48
CA SER D 66 -28.06 -2.94 -24.47
C SER D 66 -27.55 -3.36 -25.83
N GLY D 67 -26.57 -4.27 -25.82
CA GLY D 67 -26.01 -4.82 -27.04
C GLY D 67 -25.42 -3.80 -27.99
N THR D 68 -26.29 -3.25 -28.84
CA THR D 68 -25.83 -2.48 -29.99
C THR D 68 -26.36 -1.05 -29.98
N SER D 69 -27.25 -0.76 -29.03
CA SER D 69 -27.79 0.59 -28.92
C SER D 69 -27.80 1.02 -27.46
N TYR D 70 -27.51 2.29 -27.22
CA TYR D 70 -27.46 2.87 -25.87
C TYR D 70 -27.88 4.32 -25.97
N SER D 71 -28.01 5.01 -24.84
CA SER D 71 -28.48 6.39 -24.91
C SER D 71 -28.24 7.15 -23.61
N LEU D 72 -28.18 8.47 -23.71
CA LEU D 72 -28.07 9.34 -22.54
C LEU D 72 -29.34 10.17 -22.55
N THR D 73 -29.71 10.73 -21.40
CA THR D 73 -30.96 11.46 -21.30
C THR D 73 -30.96 12.46 -20.14
N ILE D 74 -31.63 13.59 -20.35
CA ILE D 74 -31.75 14.61 -19.32
C ILE D 74 -33.23 14.99 -19.15
N ASN D 75 -33.88 14.39 -18.16
CA ASN D 75 -35.27 14.76 -17.88
C ASN D 75 -35.29 16.11 -17.17
N THR D 76 -35.65 17.13 -17.95
CA THR D 76 -35.43 18.54 -17.62
C THR D 76 -33.98 18.93 -17.91
N MET D 77 -33.76 19.49 -19.10
CA MET D 77 -32.43 19.95 -19.45
C MET D 77 -32.20 21.27 -18.74
N GLU D 78 -30.99 21.47 -18.23
CA GLU D 78 -30.63 22.76 -17.69
C GLU D 78 -29.79 23.53 -18.72
N ALA D 79 -29.39 24.74 -18.35
CA ALA D 79 -28.50 25.54 -19.19
C ALA D 79 -27.08 24.98 -19.17
N GLU D 80 -26.57 24.76 -17.96
CA GLU D 80 -25.22 24.25 -17.79
C GLU D 80 -25.05 22.85 -18.35
N ASP D 81 -26.06 22.37 -19.07
CA ASP D 81 -26.01 21.05 -19.67
C ASP D 81 -25.44 21.15 -21.05
N ALA D 82 -25.29 22.39 -21.49
CA ALA D 82 -24.64 22.71 -22.75
C ALA D 82 -23.18 22.23 -22.70
N ALA D 83 -22.86 21.29 -23.57
CA ALA D 83 -21.56 20.67 -23.64
C ALA D 83 -21.60 19.64 -24.76
N THR D 84 -20.43 19.07 -25.05
CA THR D 84 -20.31 17.94 -25.96
C THR D 84 -20.21 16.65 -25.11
N TYR D 85 -20.91 15.61 -25.57
CA TYR D 85 -21.08 14.38 -24.79
C TYR D 85 -20.53 13.20 -25.59
N TYR D 86 -19.48 12.58 -25.06
CA TYR D 86 -18.82 11.47 -25.76
C TYR D 86 -19.12 10.15 -25.07
N CYS D 87 -19.55 9.18 -25.87
CA CYS D 87 -19.74 7.84 -25.38
C CYS D 87 -18.45 7.06 -25.60
N GLN D 88 -18.28 5.97 -24.85
CA GLN D 88 -17.04 5.20 -24.84
C GLN D 88 -17.30 3.73 -24.49
N GLN D 89 -16.54 2.82 -25.09
CA GLN D 89 -16.70 1.40 -24.81
C GLN D 89 -15.35 0.77 -24.53
N TRP D 90 -15.32 -0.25 -23.66
CA TRP D 90 -14.12 -1.06 -23.42
C TRP D 90 -14.46 -2.56 -23.20
N SER D 91 -15.74 -2.89 -23.36
CA SER D 91 -16.14 -4.28 -23.52
C SER D 91 -15.27 -4.98 -24.56
N SER D 92 -14.89 -4.29 -25.62
CA SER D 92 -13.97 -4.87 -26.60
C SER D 92 -12.63 -4.15 -26.58
N HIS D 93 -11.61 -4.74 -27.18
CA HIS D 93 -10.31 -4.10 -27.16
C HIS D 93 -9.74 -4.00 -28.57
N PRO D 94 -9.26 -2.80 -28.95
CA PRO D 94 -9.13 -1.73 -27.96
C PRO D 94 -10.36 -0.84 -27.94
N GLN D 95 -10.42 0.02 -26.93
CA GLN D 95 -11.58 0.85 -26.67
C GLN D 95 -11.67 2.04 -27.61
N THR D 96 -12.90 2.43 -27.87
CA THR D 96 -13.18 3.41 -28.90
C THR D 96 -14.21 4.36 -28.37
N PHE D 97 -14.03 5.63 -28.68
CA PHE D 97 -14.99 6.64 -28.34
C PHE D 97 -15.99 6.86 -29.48
N GLY D 98 -17.01 7.65 -29.19
CA GLY D 98 -17.95 8.09 -30.20
C GLY D 98 -17.55 9.46 -30.75
N GLY D 99 -17.93 9.71 -31.99
CA GLY D 99 -17.67 10.98 -32.65
C GLY D 99 -18.18 12.20 -31.89
N GLY D 100 -19.11 11.99 -30.96
CA GLY D 100 -19.59 13.08 -30.13
C GLY D 100 -20.99 13.59 -30.49
N THR D 101 -21.59 14.28 -29.52
CA THR D 101 -22.89 14.93 -29.68
C THR D 101 -22.85 16.31 -29.04
N LYS D 102 -23.03 17.34 -29.86
CA LYS D 102 -22.94 18.70 -29.34
C LYS D 102 -24.32 19.11 -28.85
N LEU D 103 -24.39 19.61 -27.62
CA LEU D 103 -25.65 20.00 -27.07
C LEU D 103 -25.66 21.48 -26.75
N GLU D 104 -26.46 22.21 -27.53
CA GLU D 104 -26.58 23.64 -27.34
C GLU D 104 -27.98 24.01 -26.92
N ILE D 105 -28.03 25.05 -26.10
CA ILE D 105 -29.25 25.73 -25.70
C ILE D 105 -30.13 26.12 -26.89
N LEU D 106 -31.44 26.25 -26.67
CA LEU D 106 -32.31 26.86 -27.66
C LEU D 106 -32.91 28.10 -27.04
N ARG D 107 -33.15 29.12 -27.86
CA ARG D 107 -33.64 30.40 -27.38
C ARG D 107 -34.43 31.16 -28.43
N ALA D 108 -34.94 32.31 -28.03
CA ALA D 108 -35.63 33.20 -28.96
C ALA D 108 -34.65 33.74 -30.00
N ASP D 109 -35.09 33.74 -31.25
CA ASP D 109 -34.37 34.40 -32.30
C ASP D 109 -34.00 35.80 -31.85
N ALA D 110 -32.80 36.22 -32.26
CA ALA D 110 -32.36 37.61 -32.08
C ALA D 110 -31.63 38.09 -33.34
N ALA D 111 -31.65 39.39 -33.58
CA ALA D 111 -31.06 39.96 -34.78
C ALA D 111 -29.61 40.31 -34.53
N PRO D 112 -28.77 40.28 -35.57
CA PRO D 112 -27.39 40.71 -35.30
C PRO D 112 -27.35 42.22 -35.08
N THR D 113 -26.56 42.67 -34.11
CA THR D 113 -26.10 44.04 -34.07
C THR D 113 -24.85 44.13 -34.96
N VAL D 114 -24.98 44.74 -36.13
CA VAL D 114 -23.88 44.82 -37.08
C VAL D 114 -22.99 46.06 -36.91
N SER D 115 -21.68 45.89 -37.08
CA SER D 115 -20.76 46.98 -36.84
C SER D 115 -19.59 46.90 -37.83
N ILE D 116 -19.25 48.05 -38.42
CA ILE D 116 -18.20 48.09 -39.42
C ILE D 116 -17.09 49.02 -38.99
N PHE D 117 -15.87 48.68 -39.40
CA PHE D 117 -14.67 49.39 -38.98
C PHE D 117 -13.70 49.61 -40.14
N PRO D 118 -13.18 50.84 -40.24
CA PRO D 118 -12.23 51.09 -41.32
C PRO D 118 -10.85 50.63 -40.86
N PRO D 119 -9.94 50.33 -41.80
CA PRO D 119 -8.55 50.01 -41.46
C PRO D 119 -7.99 51.10 -40.60
N SER D 120 -7.31 50.73 -39.53
CA SER D 120 -6.71 51.71 -38.65
C SER D 120 -5.59 52.39 -39.41
N SER D 121 -5.21 53.58 -38.97
CA SER D 121 -4.06 54.26 -39.57
C SER D 121 -2.77 53.48 -39.34
N GLU D 122 -2.73 52.63 -38.30
CA GLU D 122 -1.52 51.86 -37.97
C GLU D 122 -1.22 50.82 -39.04
N GLN D 123 -2.25 50.09 -39.45
CA GLN D 123 -2.07 49.08 -40.48
C GLN D 123 -1.78 49.68 -41.86
N LEU D 124 -2.52 50.72 -42.24
CA LEU D 124 -2.30 51.39 -43.54
C LEU D 124 -0.84 51.78 -43.77
N THR D 125 -0.28 52.52 -42.81
CA THR D 125 1.15 52.84 -42.80
C THR D 125 2.04 51.66 -43.22
N SER D 126 1.70 50.44 -42.79
CA SER D 126 2.48 49.25 -43.15
C SER D 126 2.08 48.67 -44.53
N GLY D 127 1.07 49.26 -45.15
CA GLY D 127 0.71 48.87 -46.50
C GLY D 127 -0.44 47.89 -46.67
N GLY D 128 -1.01 47.46 -45.56
CA GLY D 128 -2.12 46.52 -45.62
C GLY D 128 -3.38 47.21 -45.12
N ALA D 129 -4.53 46.82 -45.64
CA ALA D 129 -5.82 47.37 -45.19
C ALA D 129 -6.87 46.27 -44.94
N SER D 130 -7.21 46.09 -43.67
CA SER D 130 -8.24 45.13 -43.30
C SER D 130 -9.53 45.86 -42.92
N VAL D 131 -10.65 45.44 -43.50
CA VAL D 131 -11.96 46.00 -43.15
C VAL D 131 -12.74 44.95 -42.35
N VAL D 132 -13.01 45.27 -41.08
CA VAL D 132 -13.59 44.31 -40.16
C VAL D 132 -15.07 44.59 -39.92
N CYS D 133 -15.87 43.53 -39.94
CA CYS D 133 -17.29 43.62 -39.66
C CYS D 133 -17.76 42.62 -38.56
N PHE D 134 -18.25 43.13 -37.44
CA PHE D 134 -18.85 42.32 -36.39
C PHE D 134 -20.37 42.15 -36.54
N LEU D 135 -20.83 40.91 -36.66
CA LEU D 135 -22.26 40.57 -36.52
C LEU D 135 -22.44 39.97 -35.14
N ASN D 136 -22.84 40.78 -34.17
CA ASN D 136 -22.77 40.40 -32.76
C ASN D 136 -24.10 40.01 -32.10
N ASN D 137 -24.09 38.88 -31.39
CA ASN D 137 -25.18 38.48 -30.50
C ASN D 137 -26.50 38.10 -31.20
N PHE D 138 -26.46 37.09 -32.08
CA PHE D 138 -27.67 36.72 -32.82
C PHE D 138 -28.06 35.24 -32.67
N TYR D 139 -29.34 34.94 -32.93
CA TYR D 139 -29.83 33.56 -32.87
C TYR D 139 -31.00 33.32 -33.83
N PRO D 140 -30.97 32.20 -34.59
CA PRO D 140 -30.00 31.10 -34.56
C PRO D 140 -28.66 31.49 -35.19
N LYS D 141 -27.82 30.49 -35.47
CA LYS D 141 -26.44 30.76 -35.89
C LYS D 141 -26.26 30.97 -37.39
N ASP D 142 -27.10 30.34 -38.21
CA ASP D 142 -27.05 30.54 -39.66
C ASP D 142 -27.21 32.02 -40.01
N ILE D 143 -26.27 32.54 -40.80
CA ILE D 143 -26.29 33.94 -41.22
C ILE D 143 -25.43 34.10 -42.44
N ASN D 144 -25.72 35.15 -43.20
CA ASN D 144 -24.91 35.50 -44.37
C ASN D 144 -24.41 36.94 -44.33
N VAL D 145 -23.16 37.11 -44.69
CA VAL D 145 -22.58 38.44 -44.80
C VAL D 145 -22.13 38.68 -46.23
N LYS D 146 -22.48 39.85 -46.74
CA LYS D 146 -22.07 40.27 -48.08
C LYS D 146 -21.31 41.59 -47.98
N TRP D 147 -20.17 41.64 -48.64
CA TRP D 147 -19.40 42.88 -48.81
C TRP D 147 -19.67 43.58 -50.13
N LYS D 148 -19.80 44.90 -50.06
CA LYS D 148 -19.82 45.72 -51.26
C LYS D 148 -18.76 46.82 -51.21
N ILE D 149 -17.99 46.94 -52.28
CA ILE D 149 -17.10 48.09 -52.48
C ILE D 149 -17.66 49.00 -53.58
N ASP D 150 -17.89 50.27 -53.24
CA ASP D 150 -18.60 51.20 -54.14
C ASP D 150 -19.79 50.48 -54.76
N GLY D 151 -20.72 50.04 -53.91
CA GLY D 151 -21.91 49.35 -54.37
C GLY D 151 -21.73 48.10 -55.22
N SER D 152 -20.51 47.59 -55.34
CA SER D 152 -20.29 46.35 -56.09
C SER D 152 -19.80 45.15 -55.24
N GLU D 153 -20.56 44.06 -55.28
CA GLU D 153 -20.22 42.80 -54.61
C GLU D 153 -18.73 42.40 -54.72
N ARG D 154 -18.16 41.93 -53.61
CA ARG D 154 -16.76 41.52 -53.57
C ARG D 154 -16.61 40.17 -52.82
N GLN D 155 -15.95 39.19 -53.43
CA GLN D 155 -15.81 37.88 -52.77
C GLN D 155 -14.40 37.51 -52.29
N ASN D 156 -13.38 37.90 -53.06
CA ASN D 156 -12.00 37.53 -52.74
C ASN D 156 -11.40 38.34 -51.59
N GLY D 157 -10.61 37.66 -50.76
CA GLY D 157 -9.93 38.31 -49.66
C GLY D 157 -10.83 38.46 -48.44
N VAL D 158 -11.88 37.64 -48.39
CA VAL D 158 -12.81 37.65 -47.28
C VAL D 158 -12.76 36.36 -46.43
N LEU D 159 -12.50 36.52 -45.13
CA LEU D 159 -12.53 35.40 -44.18
C LEU D 159 -13.45 35.70 -42.99
N ASN D 160 -14.36 34.77 -42.70
CA ASN D 160 -15.28 34.92 -41.58
C ASN D 160 -15.04 33.90 -40.47
N SER D 161 -15.40 34.28 -39.24
CA SER D 161 -15.20 33.44 -38.07
C SER D 161 -16.34 33.52 -37.04
N TRP D 162 -16.89 32.36 -36.68
CA TRP D 162 -17.98 32.31 -35.71
C TRP D 162 -17.49 32.00 -34.31
N THR D 163 -18.01 32.72 -33.33
CA THR D 163 -17.82 32.33 -31.96
C THR D 163 -18.64 31.09 -31.69
N ASP D 164 -18.33 30.41 -30.59
CA ASP D 164 -19.19 29.36 -30.07
C ASP D 164 -20.35 30.02 -29.33
N GLN D 165 -21.45 29.28 -29.19
CA GLN D 165 -22.62 29.80 -28.51
C GLN D 165 -22.22 30.48 -27.19
N ASP D 166 -22.70 31.70 -26.97
CA ASP D 166 -22.32 32.49 -25.80
C ASP D 166 -22.88 31.92 -24.49
N SER D 167 -22.25 32.26 -23.37
CA SER D 167 -22.62 31.68 -22.08
C SER D 167 -23.82 32.39 -21.46
N LYS D 168 -23.63 33.66 -21.11
CA LYS D 168 -24.71 34.43 -20.50
C LYS D 168 -25.99 34.42 -21.36
N ASP D 169 -25.91 35.00 -22.56
CA ASP D 169 -27.10 35.24 -23.36
C ASP D 169 -27.43 34.16 -24.40
N SER D 170 -26.53 33.19 -24.57
CA SER D 170 -26.77 32.07 -25.47
C SER D 170 -26.90 32.47 -26.94
N THR D 171 -26.40 33.67 -27.27
CA THR D 171 -26.38 34.12 -28.67
C THR D 171 -25.14 33.64 -29.41
N TYR D 172 -25.06 33.97 -30.68
CA TYR D 172 -23.83 33.76 -31.43
C TYR D 172 -23.14 35.08 -31.76
N SER D 173 -22.16 35.03 -32.66
CA SER D 173 -21.42 36.19 -33.13
C SER D 173 -20.53 35.73 -34.23
N MET D 174 -20.09 36.68 -35.06
CA MET D 174 -19.37 36.32 -36.26
C MET D 174 -18.72 37.54 -36.91
N SER D 175 -17.42 37.45 -37.15
CA SER D 175 -16.69 38.58 -37.67
C SER D 175 -16.36 38.30 -39.11
N SER D 176 -16.30 39.36 -39.90
CA SER D 176 -15.94 39.24 -41.32
C SER D 176 -14.86 40.26 -41.66
N THR D 177 -13.79 39.77 -42.27
CA THR D 177 -12.62 40.60 -42.52
C THR D 177 -12.25 40.55 -43.99
N LEU D 178 -12.29 41.74 -44.59
CA LEU D 178 -11.89 41.91 -45.98
C LEU D 178 -10.49 42.48 -45.96
N THR D 179 -9.56 41.75 -46.55
CA THR D 179 -8.17 42.22 -46.56
C THR D 179 -7.70 42.66 -47.96
N LEU D 180 -7.19 43.89 -48.06
CA LEU D 180 -6.60 44.37 -49.32
C LEU D 180 -5.27 45.07 -49.08
N THR D 181 -4.53 45.31 -50.16
CA THR D 181 -3.36 46.15 -50.03
C THR D 181 -3.85 47.56 -49.77
N LYS D 182 -3.06 48.38 -49.09
CA LYS D 182 -3.36 49.79 -48.99
C LYS D 182 -3.76 50.40 -50.35
N ASP D 183 -3.14 49.94 -51.43
CA ASP D 183 -3.44 50.48 -52.77
C ASP D 183 -4.85 50.22 -53.24
N GLU D 184 -5.25 48.95 -53.29
CA GLU D 184 -6.62 48.65 -53.71
C GLU D 184 -7.61 49.36 -52.81
N TYR D 185 -7.27 49.53 -51.53
CA TYR D 185 -8.19 50.14 -50.59
C TYR D 185 -8.41 51.60 -50.99
N GLU D 186 -7.35 52.23 -51.45
CA GLU D 186 -7.44 53.64 -51.78
C GLU D 186 -8.17 53.97 -53.09
N ARG D 187 -8.22 53.03 -54.03
CA ARG D 187 -8.96 53.25 -55.26
C ARG D 187 -10.44 53.54 -55.01
N HIS D 188 -10.96 53.08 -53.88
CA HIS D 188 -12.41 53.12 -53.68
C HIS D 188 -12.84 53.91 -52.46
N ASN D 189 -14.15 54.05 -52.30
CA ASN D 189 -14.69 55.00 -51.36
C ASN D 189 -15.74 54.45 -50.38
N SER D 190 -16.60 53.59 -50.88
CA SER D 190 -17.72 53.11 -50.06
C SER D 190 -17.60 51.61 -49.78
N TYR D 191 -17.60 51.29 -48.50
CA TYR D 191 -17.44 49.90 -48.07
C TYR D 191 -18.63 49.48 -47.27
N THR D 192 -19.34 48.48 -47.77
CA THR D 192 -20.52 48.00 -47.05
C THR D 192 -20.47 46.51 -46.75
N CYS D 193 -20.99 46.20 -45.57
CA CYS D 193 -21.14 44.86 -45.02
C CYS D 193 -22.65 44.67 -44.88
N GLU D 194 -23.22 43.68 -45.57
CA GLU D 194 -24.65 43.39 -45.45
C GLU D 194 -24.98 42.03 -44.79
N ALA D 195 -25.47 42.08 -43.55
CA ALA D 195 -25.84 40.85 -42.83
C ALA D 195 -27.26 40.35 -43.17
N THR D 196 -27.33 39.22 -43.88
CA THR D 196 -28.62 38.59 -44.16
C THR D 196 -28.90 37.42 -43.18
N HIS D 197 -29.60 37.74 -42.09
CA HIS D 197 -29.95 36.74 -41.06
C HIS D 197 -31.24 35.99 -41.39
N LYS D 198 -31.92 35.51 -40.35
CA LYS D 198 -33.17 34.79 -40.49
C LYS D 198 -34.30 35.69 -40.04
N THR D 199 -33.97 36.57 -39.11
CA THR D 199 -34.98 37.38 -38.47
C THR D 199 -35.47 38.53 -39.35
N SER D 200 -35.30 38.40 -40.67
CA SER D 200 -35.74 39.41 -41.63
C SER D 200 -35.34 39.12 -43.09
N THR D 201 -36.08 39.73 -44.01
CA THR D 201 -35.76 39.70 -45.45
C THR D 201 -34.83 40.85 -45.78
N SER D 202 -34.97 41.93 -45.02
CA SER D 202 -34.20 43.15 -45.22
C SER D 202 -32.89 43.13 -44.43
N PRO D 203 -31.76 42.84 -45.13
CA PRO D 203 -30.44 42.75 -44.51
C PRO D 203 -30.07 43.99 -43.69
N ILE D 204 -29.16 43.84 -42.74
CA ILE D 204 -28.75 44.97 -41.91
C ILE D 204 -27.43 45.54 -42.41
N VAL D 205 -27.50 46.37 -43.44
CA VAL D 205 -26.30 46.97 -44.04
C VAL D 205 -25.65 47.96 -43.09
N LYS D 206 -24.35 47.83 -42.90
CA LYS D 206 -23.58 48.88 -42.24
C LYS D 206 -22.54 49.31 -43.25
N SER D 207 -22.05 50.54 -43.15
CA SER D 207 -21.06 51.00 -44.10
C SER D 207 -20.41 52.33 -43.77
N PHE D 208 -19.37 52.64 -44.55
CA PHE D 208 -18.71 53.93 -44.42
C PHE D 208 -18.14 54.36 -45.77
N ASN D 209 -17.75 55.63 -45.83
CA ASN D 209 -17.07 56.20 -46.99
C ASN D 209 -15.80 56.83 -46.49
N ARG D 210 -14.69 56.56 -47.15
CA ARG D 210 -13.47 57.27 -46.80
C ARG D 210 -13.64 58.74 -47.15
N ALA D 211 -14.31 58.96 -48.28
CA ALA D 211 -14.39 60.27 -48.95
C ALA D 211 -13.01 60.62 -49.52
N VAL E 2 18.55 3.10 -0.80
CA VAL E 2 18.03 3.49 0.52
C VAL E 2 18.93 4.49 1.24
N ARG E 3 18.65 5.79 1.08
CA ARG E 3 19.54 6.83 1.59
C ARG E 3 18.81 7.94 2.35
N LEU E 4 19.53 8.59 3.28
CA LEU E 4 19.03 9.76 3.99
C LEU E 4 19.99 10.91 3.75
N LEU E 5 19.53 11.96 3.09
CA LEU E 5 20.39 13.08 2.79
C LEU E 5 19.88 14.30 3.54
N GLU E 6 20.69 14.82 4.46
CA GLU E 6 20.33 15.98 5.24
C GLU E 6 21.04 17.24 4.76
N SER E 7 20.38 18.40 4.88
CA SER E 7 21.03 19.66 4.51
C SER E 7 20.55 20.84 5.35
N GLY E 8 20.96 22.05 4.95
CA GLY E 8 20.57 23.26 5.63
C GLY E 8 21.57 23.61 6.71
N GLY E 9 22.64 22.81 6.81
CA GLY E 9 23.68 23.08 7.77
C GLY E 9 24.45 24.34 7.45
N GLY E 10 25.30 24.76 8.37
CA GLY E 10 26.11 25.94 8.15
C GLY E 10 26.00 26.98 9.25
N LEU E 11 26.18 28.23 8.88
CA LEU E 11 26.37 29.29 9.85
C LEU E 11 25.05 29.93 10.29
N VAL E 12 24.88 30.07 11.61
CA VAL E 12 23.81 30.88 12.18
C VAL E 12 24.36 31.70 13.33
N GLN E 13 23.80 32.89 13.53
CA GLN E 13 24.24 33.80 14.57
C GLN E 13 23.46 33.54 15.85
N PRO E 14 24.16 33.53 16.99
CA PRO E 14 23.51 33.17 18.27
C PRO E 14 22.17 33.86 18.43
N GLY E 15 21.23 33.20 19.10
CA GLY E 15 19.89 33.74 19.29
C GLY E 15 19.01 33.54 18.06
N GLY E 16 19.65 33.29 16.92
CA GLY E 16 18.93 33.06 15.68
C GLY E 16 18.43 31.63 15.57
N SER E 17 17.75 31.32 14.46
CA SER E 17 17.18 30.00 14.24
C SER E 17 17.53 29.45 12.86
N LEU E 18 17.32 28.16 12.65
CA LEU E 18 17.49 27.59 11.31
C LEU E 18 16.77 26.26 11.09
N LYS E 19 16.65 25.86 9.82
CA LYS E 19 15.79 24.76 9.43
C LYS E 19 16.56 23.70 8.65
N LEU E 20 16.78 22.54 9.28
CA LEU E 20 17.47 21.44 8.63
C LEU E 20 16.44 20.57 7.95
N SER E 21 16.74 20.15 6.72
CA SER E 21 15.94 19.18 6.00
C SER E 21 16.68 17.82 5.86
N CYS E 22 15.91 16.75 5.85
CA CYS E 22 16.43 15.42 5.59
C CYS E 22 15.57 14.74 4.53
N ALA E 23 16.18 14.48 3.38
CA ALA E 23 15.49 13.91 2.22
C ALA E 23 15.65 12.40 2.16
N ALA E 24 14.61 11.66 2.54
CA ALA E 24 14.65 10.21 2.51
C ALA E 24 14.28 9.62 1.14
N SER E 25 14.77 8.42 0.86
CA SER E 25 14.50 7.76 -0.42
C SER E 25 14.98 6.31 -0.42
N GLY E 26 14.29 5.46 -1.18
CA GLY E 26 14.66 4.06 -1.28
C GLY E 26 13.81 3.21 -0.36
N PHE E 27 12.87 3.85 0.33
CA PHE E 27 11.92 3.13 1.15
C PHE E 27 10.63 3.91 1.24
N ASP E 28 9.61 3.27 1.82
CA ASP E 28 8.32 3.91 2.03
C ASP E 28 8.40 4.82 3.26
N TYR E 29 8.83 6.05 3.01
CA TYR E 29 9.02 7.05 4.05
C TYR E 29 7.86 7.14 5.03
N SER E 30 6.64 7.09 4.50
CA SER E 30 5.47 6.99 5.36
C SER E 30 5.52 5.70 6.16
N ARG E 31 4.74 5.64 7.22
CA ARG E 31 4.79 4.46 8.09
C ARG E 31 6.19 4.08 8.60
N TYR E 32 7.08 5.07 8.65
CA TYR E 32 8.29 5.01 9.45
C TYR E 32 8.40 6.18 10.44
N TRP E 33 8.55 5.86 11.72
CA TRP E 33 8.97 6.88 12.69
C TRP E 33 10.38 7.33 12.32
N MET E 34 10.61 8.64 12.25
CA MET E 34 11.90 9.22 11.87
C MET E 34 12.46 9.99 13.05
N SER E 35 13.77 10.18 13.09
CA SER E 35 14.37 10.83 14.25
C SER E 35 15.53 11.77 13.97
N TRP E 36 15.94 12.54 14.96
CA TRP E 36 17.11 13.40 14.84
C TRP E 36 18.00 13.18 16.03
N VAL E 37 19.29 13.06 15.74
CA VAL E 37 20.32 12.97 16.76
C VAL E 37 21.47 13.89 16.34
N ARG E 38 22.16 14.46 17.32
CA ARG E 38 23.28 15.31 17.00
C ARG E 38 24.56 14.89 17.75
N GLN E 39 25.69 15.35 17.25
CA GLN E 39 26.96 15.01 17.90
C GLN E 39 27.85 16.25 17.88
N ALA E 40 28.11 16.81 19.06
CA ALA E 40 28.97 17.97 19.18
C ALA E 40 30.39 17.57 18.74
N PRO E 41 31.21 18.54 18.33
CA PRO E 41 32.50 18.15 17.75
C PRO E 41 33.31 17.25 18.68
N GLY E 42 33.77 16.11 18.16
CA GLY E 42 34.50 15.14 18.95
C GLY E 42 33.81 14.58 20.19
N LYS E 43 32.51 14.83 20.34
CA LYS E 43 31.76 14.26 21.46
C LYS E 43 30.91 13.06 21.07
N GLY E 44 29.97 12.71 21.93
CA GLY E 44 29.09 11.57 21.69
C GLY E 44 27.66 11.95 21.29
N LEU E 45 26.89 10.94 20.94
CA LEU E 45 25.55 11.10 20.39
C LEU E 45 24.48 11.55 21.40
N LYS E 46 23.60 12.44 20.94
CA LYS E 46 22.53 12.97 21.78
C LYS E 46 21.20 13.09 21.03
N TRP E 47 20.16 12.44 21.56
CA TRP E 47 18.85 12.37 20.90
C TRP E 47 18.15 13.71 20.97
N ILE E 48 17.64 14.16 19.83
CA ILE E 48 16.91 15.42 19.79
C ILE E 48 15.39 15.15 19.86
N GLY E 49 14.83 14.51 18.83
CA GLY E 49 13.44 14.14 18.87
C GLY E 49 13.05 13.11 17.84
N GLU E 50 11.76 12.78 17.82
CA GLU E 50 11.17 11.76 16.95
C GLU E 50 9.75 12.17 16.60
N ILE E 51 9.32 11.79 15.40
CA ILE E 51 7.98 12.13 14.97
C ILE E 51 7.41 10.95 14.21
N ASN E 52 6.19 10.54 14.59
CA ASN E 52 5.54 9.37 14.01
C ASN E 52 5.08 9.61 12.59
N PRO E 53 4.64 8.55 11.90
CA PRO E 53 4.47 8.76 10.46
C PRO E 53 3.31 9.72 10.07
N VAL E 54 2.42 10.03 11.00
CA VAL E 54 1.36 11.01 10.73
C VAL E 54 1.49 12.24 11.63
N SER E 55 2.61 12.33 12.34
CA SER E 55 2.82 13.49 13.17
C SER E 55 1.75 13.60 14.26
N SER E 56 1.01 12.52 14.48
CA SER E 56 0.15 12.42 15.66
C SER E 56 0.98 12.59 16.94
N THR E 57 2.02 11.78 17.10
CA THR E 57 2.95 11.88 18.23
C THR E 57 4.27 12.54 17.82
N ILE E 58 4.75 13.46 18.66
CA ILE E 58 6.03 14.16 18.43
C ILE E 58 6.79 14.30 19.74
N ASN E 59 7.91 13.60 19.87
CA ASN E 59 8.61 13.61 21.14
C ASN E 59 9.93 14.39 21.11
N TYR E 60 10.34 14.91 22.26
CA TYR E 60 11.55 15.72 22.36
C TYR E 60 12.36 15.45 23.62
N THR E 61 13.67 15.62 23.50
CA THR E 61 14.56 15.62 24.64
C THR E 61 14.11 16.81 25.48
N PRO E 62 14.40 16.78 26.79
CA PRO E 62 13.97 17.92 27.62
C PRO E 62 14.57 19.25 27.16
N SER E 63 13.92 19.91 26.21
CA SER E 63 14.32 21.25 25.79
C SER E 63 13.40 22.28 26.42
N LEU E 64 13.50 23.54 26.00
CA LEU E 64 12.61 24.57 26.54
C LEU E 64 11.36 24.74 25.68
N LYS E 65 11.04 25.98 25.32
CA LYS E 65 9.80 26.30 24.59
C LYS E 65 9.68 25.56 23.26
N ASP E 66 9.68 26.33 22.18
CA ASP E 66 9.83 25.78 20.84
C ASP E 66 11.32 25.73 20.49
N LYS E 67 12.14 25.27 21.43
CA LYS E 67 13.58 25.17 21.18
C LYS E 67 13.81 24.37 19.88
N PHE E 68 13.23 23.17 19.84
CA PHE E 68 13.24 22.34 18.65
C PHE E 68 11.83 22.20 18.09
N ILE E 69 11.69 22.22 16.77
CA ILE E 69 10.44 21.86 16.13
C ILE E 69 10.64 20.83 14.99
N ILE E 70 10.40 19.56 15.30
CA ILE E 70 10.48 18.49 14.31
C ILE E 70 9.19 18.40 13.49
N SER E 71 9.30 18.16 12.20
CA SER E 71 8.14 18.16 11.31
C SER E 71 8.38 17.31 10.07
N ARG E 72 7.33 16.71 9.52
CA ARG E 72 7.51 15.90 8.32
C ARG E 72 6.50 16.20 7.21
N ASP E 73 6.99 16.19 5.97
CA ASP E 73 6.12 16.29 4.83
C ASP E 73 6.17 14.97 4.06
N ASN E 74 5.28 14.05 4.42
CA ASN E 74 5.29 12.72 3.82
C ASN E 74 5.08 12.79 2.33
N ALA E 75 4.48 13.88 1.88
CA ALA E 75 4.24 14.07 0.45
C ALA E 75 5.55 14.30 -0.33
N LYS E 76 6.57 14.79 0.36
CA LYS E 76 7.87 14.99 -0.27
C LYS E 76 8.96 14.04 0.27
N ASP E 77 8.58 13.18 1.22
CA ASP E 77 9.54 12.32 1.89
C ASP E 77 10.68 13.17 2.41
N THR E 78 10.33 14.16 3.21
CA THR E 78 11.32 15.05 3.78
C THR E 78 11.05 15.27 5.26
N LEU E 79 12.13 15.32 6.03
CA LEU E 79 12.02 15.50 7.48
C LEU E 79 12.61 16.85 7.80
N TYR E 80 12.07 17.50 8.82
CA TYR E 80 12.51 18.86 9.14
C TYR E 80 12.88 19.01 10.59
N LEU E 81 13.69 20.03 10.86
CA LEU E 81 14.06 20.39 12.21
C LEU E 81 14.43 21.85 12.23
N GLN E 82 13.80 22.60 13.12
CA GLN E 82 14.09 24.00 13.29
C GLN E 82 14.67 24.15 14.68
N ILE E 83 15.68 25.00 14.83
CA ILE E 83 16.21 25.31 16.15
C ILE E 83 16.04 26.81 16.35
N SER E 84 15.66 27.22 17.55
CA SER E 84 15.51 28.64 17.85
C SER E 84 16.48 29.02 18.95
N LYS E 85 16.60 30.33 19.19
CA LYS E 85 17.39 30.86 20.31
C LYS E 85 18.71 30.10 20.38
N VAL E 86 19.36 30.02 19.24
CA VAL E 86 20.52 29.16 19.06
C VAL E 86 21.72 29.62 19.89
N ARG E 87 22.26 28.70 20.67
CA ARG E 87 23.43 28.97 21.51
C ARG E 87 24.53 27.95 21.22
N SER E 88 25.75 28.22 21.66
CA SER E 88 26.91 27.45 21.27
C SER E 88 26.72 25.95 21.41
N GLU E 89 25.86 25.52 22.33
CA GLU E 89 25.63 24.10 22.51
C GLU E 89 24.90 23.48 21.32
N ASP E 90 24.40 24.32 20.43
CA ASP E 90 23.70 23.85 19.24
C ASP E 90 24.66 23.61 18.10
N THR E 91 25.91 24.00 18.31
CA THR E 91 26.96 23.73 17.36
C THR E 91 27.31 22.24 17.41
N ALA E 92 26.96 21.53 16.35
CA ALA E 92 27.08 20.09 16.31
C ALA E 92 26.82 19.56 14.91
N LEU E 93 27.07 18.27 14.74
CA LEU E 93 26.68 17.54 13.54
C LEU E 93 25.31 16.87 13.75
N TYR E 94 24.34 17.20 12.90
CA TYR E 94 22.97 16.71 13.05
C TYR E 94 22.69 15.60 12.07
N TYR E 95 22.22 14.49 12.59
CA TYR E 95 21.90 13.34 11.79
C TYR E 95 20.40 13.12 11.74
N CYS E 96 19.92 12.69 10.60
CA CYS E 96 18.57 12.23 10.43
C CYS E 96 18.66 10.73 10.59
N ALA E 97 17.59 10.08 10.98
CA ALA E 97 17.65 8.63 11.10
C ALA E 97 16.27 8.00 11.09
N ARG E 98 16.15 6.93 10.31
CA ARG E 98 14.93 6.16 10.26
C ARG E 98 14.95 5.30 11.51
N LEU E 99 13.79 5.11 12.16
CA LEU E 99 13.77 4.32 13.39
C LEU E 99 13.18 2.96 13.15
N TYR E 100 13.52 2.01 14.01
CA TYR E 100 12.94 0.67 13.90
C TYR E 100 13.22 -0.13 15.14
N TYR E 101 12.79 -1.38 15.17
CA TYR E 101 12.90 -2.23 16.36
C TYR E 101 12.99 -3.67 15.88
N GLY E 102 13.28 -4.59 16.80
CA GLY E 102 13.20 -6.01 16.55
C GLY E 102 12.26 -6.73 17.52
N TYR E 103 12.51 -6.59 18.82
CA TYR E 103 11.69 -7.22 19.82
C TYR E 103 10.70 -6.19 20.35
N GLY E 104 11.00 -4.92 20.08
CA GLY E 104 10.22 -3.84 20.64
C GLY E 104 10.99 -2.65 21.18
N TYR E 105 12.23 -2.87 21.60
CA TYR E 105 13.02 -1.74 22.10
C TYR E 105 13.65 -1.09 20.90
N TRP E 106 13.30 0.17 20.65
CA TRP E 106 13.57 0.76 19.35
C TRP E 106 15.03 1.13 19.17
N TYR E 107 15.45 1.12 17.92
CA TYR E 107 16.82 1.41 17.58
C TYR E 107 16.89 2.39 16.44
N PHE E 108 18.09 2.89 16.18
CA PHE E 108 18.25 3.88 15.13
C PHE E 108 18.74 3.16 13.87
N ASP E 109 17.78 2.77 13.03
CA ASP E 109 17.97 1.78 11.97
C ASP E 109 19.01 2.16 10.93
N VAL E 110 18.78 3.30 10.29
CA VAL E 110 19.69 3.77 9.29
C VAL E 110 19.91 5.27 9.51
N TRP E 111 21.14 5.73 9.29
CA TRP E 111 21.53 7.11 9.54
C TRP E 111 21.98 7.81 8.27
N GLY E 112 21.85 9.12 8.24
CA GLY E 112 22.28 9.88 7.09
C GLY E 112 23.71 10.31 7.30
N ALA E 113 24.28 10.99 6.32
CA ALA E 113 25.65 11.48 6.47
C ALA E 113 25.75 12.56 7.53
N GLY E 114 24.63 13.18 7.86
CA GLY E 114 24.62 14.30 8.77
C GLY E 114 24.82 15.62 8.03
N THR E 115 24.43 16.71 8.67
CA THR E 115 24.71 18.06 8.21
C THR E 115 25.24 18.83 9.41
N THR E 116 26.02 19.87 9.18
CA THR E 116 26.78 20.52 10.25
C THR E 116 26.31 21.93 10.57
N VAL E 117 26.04 22.20 11.85
CA VAL E 117 25.57 23.52 12.23
C VAL E 117 26.63 24.24 13.02
N THR E 118 26.95 25.46 12.58
CA THR E 118 27.97 26.25 13.24
C THR E 118 27.36 27.53 13.82
N VAL E 119 27.39 27.64 15.14
CA VAL E 119 26.89 28.82 15.81
C VAL E 119 28.03 29.80 16.07
N SER E 120 28.10 30.84 15.23
CA SER E 120 29.15 31.86 15.32
C SER E 120 28.74 33.16 14.65
N SER E 121 29.46 34.22 14.95
CA SER E 121 29.12 35.55 14.47
C SER E 121 29.92 35.91 13.23
N ALA E 122 30.78 34.99 12.77
CA ALA E 122 31.70 35.27 11.67
C ALA E 122 30.98 35.38 10.32
N LYS E 123 31.74 35.34 9.24
CA LYS E 123 31.15 35.33 7.90
C LYS E 123 31.35 33.98 7.26
N THR E 124 30.46 33.61 6.36
CA THR E 124 30.69 32.45 5.54
C THR E 124 31.65 32.83 4.42
N THR E 125 32.81 32.19 4.41
CA THR E 125 33.87 32.47 3.43
C THR E 125 34.20 31.21 2.70
N PRO E 126 34.22 31.25 1.36
CA PRO E 126 34.64 30.11 0.55
C PRO E 126 36.16 29.95 0.56
N PRO E 127 36.63 28.71 0.34
CA PRO E 127 38.05 28.36 0.41
C PRO E 127 38.83 28.81 -0.81
N SER E 128 40.10 29.12 -0.61
CA SER E 128 41.04 29.18 -1.72
C SER E 128 41.70 27.82 -1.82
N VAL E 129 41.84 27.31 -3.05
CA VAL E 129 42.48 26.02 -3.25
C VAL E 129 43.79 26.18 -4.05
N TYR E 130 44.89 25.74 -3.44
CA TYR E 130 46.20 25.86 -4.06
C TYR E 130 46.80 24.49 -4.37
N PRO E 131 47.27 24.29 -5.60
CA PRO E 131 47.82 23.00 -6.01
C PRO E 131 49.22 22.78 -5.43
N LEU E 132 49.50 21.57 -4.93
CA LEU E 132 50.83 21.25 -4.40
C LEU E 132 51.53 20.15 -5.21
N ALA E 133 52.48 20.57 -6.03
CA ALA E 133 53.30 19.65 -6.83
C ALA E 133 54.76 19.78 -6.42
N PRO E 134 55.55 18.74 -6.68
CA PRO E 134 56.96 18.73 -6.31
C PRO E 134 57.71 19.90 -6.95
N GLY E 135 58.56 20.56 -6.16
CA GLY E 135 59.37 21.65 -6.68
C GLY E 135 60.31 21.20 -7.78
N SER E 136 60.83 22.16 -8.54
CA SER E 136 61.74 21.86 -9.64
C SER E 136 62.85 20.89 -9.20
N ALA E 137 62.45 19.64 -8.98
CA ALA E 137 63.36 18.59 -8.50
C ALA E 137 62.63 17.25 -8.56
N ALA E 138 62.26 16.84 -9.77
CA ALA E 138 61.48 15.63 -10.00
C ALA E 138 62.27 14.34 -9.70
N ALA E 139 62.76 14.24 -8.46
CA ALA E 139 63.55 13.09 -8.00
C ALA E 139 62.76 11.78 -8.02
N ALA E 140 62.29 11.40 -9.22
CA ALA E 140 61.36 10.29 -9.41
C ALA E 140 61.67 9.00 -8.63
N ALA E 141 60.73 8.60 -7.78
CA ALA E 141 60.71 7.26 -7.18
C ALA E 141 59.67 6.41 -7.93
N SER E 142 59.27 5.28 -7.37
CA SER E 142 58.23 4.49 -8.00
C SER E 142 56.92 5.29 -8.01
N MET E 143 56.69 6.05 -6.95
CA MET E 143 55.45 6.80 -6.77
C MET E 143 55.74 8.29 -6.56
N VAL E 144 54.71 9.10 -6.74
CA VAL E 144 54.83 10.55 -6.57
C VAL E 144 53.73 10.97 -5.60
N THR E 145 53.96 12.04 -4.86
CA THR E 145 52.95 12.53 -3.94
C THR E 145 52.59 13.97 -4.24
N LEU E 146 51.33 14.19 -4.62
CA LEU E 146 50.83 15.52 -4.86
C LEU E 146 49.84 15.85 -3.76
N GLY E 147 49.56 17.13 -3.59
CA GLY E 147 48.47 17.50 -2.68
C GLY E 147 47.71 18.72 -3.13
N CYS E 148 46.68 19.09 -2.39
CA CYS E 148 46.20 20.46 -2.51
C CYS E 148 46.01 21.14 -1.16
N LEU E 149 46.16 22.45 -1.19
CA LEU E 149 46.06 23.27 0.01
C LEU E 149 44.75 24.05 -0.06
N VAL E 150 43.92 23.86 0.96
CA VAL E 150 42.57 24.42 1.05
C VAL E 150 42.55 25.38 2.22
N LYS E 151 42.47 26.67 1.92
CA LYS E 151 42.75 27.67 2.94
C LYS E 151 41.68 28.75 3.09
N GLY E 152 41.53 29.26 4.31
CA GLY E 152 40.67 30.40 4.56
C GLY E 152 39.19 30.21 4.32
N TYR E 153 38.64 29.09 4.77
CA TYR E 153 37.20 28.89 4.66
C TYR E 153 36.50 28.87 6.03
N PHE E 154 35.20 29.09 5.99
CA PHE E 154 34.39 29.05 7.19
C PHE E 154 32.93 29.05 6.77
N PRO E 155 32.11 28.18 7.37
CA PRO E 155 32.49 27.26 8.44
C PRO E 155 32.93 25.91 7.87
N GLU E 156 33.24 24.96 8.75
CA GLU E 156 33.44 23.57 8.34
C GLU E 156 32.12 23.03 7.83
N PRO E 157 32.18 22.00 6.95
CA PRO E 157 33.39 21.35 6.46
C PRO E 157 33.61 21.54 4.97
N VAL E 158 34.75 21.08 4.50
CA VAL E 158 34.98 20.92 3.08
C VAL E 158 35.15 19.45 2.85
N THR E 159 34.93 19.00 1.62
CA THR E 159 35.18 17.61 1.28
C THR E 159 36.17 17.65 0.14
N VAL E 160 37.14 16.73 0.16
CA VAL E 160 38.10 16.68 -0.93
C VAL E 160 38.12 15.31 -1.58
N THR E 161 38.12 15.31 -2.90
CA THR E 161 38.24 14.08 -3.69
C THR E 161 39.29 14.32 -4.75
N TRP E 162 39.68 13.24 -5.42
CA TRP E 162 40.70 13.30 -6.46
C TRP E 162 40.16 12.59 -7.71
N ASN E 163 40.26 13.23 -8.86
CA ASN E 163 39.53 12.74 -10.05
C ASN E 163 38.12 12.26 -9.73
N SER E 164 37.41 13.01 -8.89
CA SER E 164 36.03 12.67 -8.55
C SER E 164 35.89 11.31 -7.90
N GLY E 165 36.97 10.84 -7.27
CA GLY E 165 36.88 9.61 -6.49
C GLY E 165 37.25 8.41 -7.32
N SER E 166 37.82 8.68 -8.50
CA SER E 166 38.49 7.65 -9.28
C SER E 166 39.76 7.25 -8.54
N LEU E 167 40.64 8.23 -8.27
CA LEU E 167 41.69 8.02 -7.30
C LEU E 167 41.04 7.97 -5.93
N ALA E 168 40.95 6.78 -5.37
CA ALA E 168 40.40 6.61 -4.03
C ALA E 168 41.55 6.18 -3.12
N ALA E 169 42.25 5.13 -3.54
CA ALA E 169 43.37 4.62 -2.76
C ALA E 169 44.55 5.60 -2.86
N GLY E 170 45.26 5.79 -1.74
CA GLY E 170 46.42 6.65 -1.73
C GLY E 170 46.11 8.08 -1.35
N VAL E 171 44.92 8.30 -0.80
CA VAL E 171 44.46 9.64 -0.44
C VAL E 171 44.35 9.82 1.08
N HIS E 172 44.95 10.87 1.65
CA HIS E 172 44.56 11.30 3.00
C HIS E 172 44.26 12.77 2.99
N THR E 173 43.19 13.13 3.66
CA THR E 173 42.83 14.51 3.92
C THR E 173 43.05 14.80 5.41
N PHE E 174 43.69 15.92 5.73
CA PHE E 174 43.96 16.20 7.15
C PHE E 174 42.89 17.05 7.82
N PRO E 175 42.53 16.69 9.06
CA PRO E 175 41.61 17.52 9.84
C PRO E 175 42.01 18.98 9.68
N ALA E 176 41.01 19.85 9.58
CA ALA E 176 41.25 21.27 9.38
C ALA E 176 41.76 21.88 10.68
N VAL E 177 42.34 23.08 10.59
CA VAL E 177 42.73 23.80 11.79
C VAL E 177 42.28 25.23 11.73
N LEU E 178 41.82 25.74 12.87
CA LEU E 178 41.25 27.07 12.94
C LEU E 178 42.33 28.07 13.33
N GLN E 179 42.34 29.22 12.65
CA GLN E 179 43.19 30.33 13.05
C GLN E 179 42.75 31.62 12.39
N ALA E 180 42.56 32.66 13.21
CA ALA E 180 42.02 33.92 12.74
C ALA E 180 40.60 33.65 12.25
N ALA E 181 39.92 32.77 12.96
CA ALA E 181 38.56 32.34 12.63
C ALA E 181 38.41 31.92 11.16
N LEU E 182 39.46 31.28 10.62
CA LEU E 182 39.37 30.61 9.32
C LEU E 182 39.91 29.19 9.44
N TYR E 183 39.65 28.36 8.43
CA TYR E 183 40.08 26.95 8.48
C TYR E 183 41.04 26.68 7.35
N THR E 184 42.03 25.82 7.62
CA THR E 184 42.96 25.37 6.61
C THR E 184 43.10 23.87 6.73
N LEU E 185 43.18 23.18 5.60
CA LEU E 185 43.58 21.78 5.57
C LEU E 185 44.26 21.46 4.28
N SER E 186 44.78 20.24 4.19
CA SER E 186 45.47 19.81 3.00
C SER E 186 45.09 18.38 2.70
N SER E 187 45.14 18.04 1.42
CA SER E 187 44.88 16.67 1.01
C SER E 187 46.08 16.14 0.27
N SER E 188 46.35 14.85 0.46
CA SER E 188 47.52 14.23 -0.10
C SER E 188 47.07 13.07 -0.97
N VAL E 189 47.71 12.93 -2.12
CA VAL E 189 47.47 11.77 -2.96
C VAL E 189 48.79 11.19 -3.50
N THR E 190 48.86 9.87 -3.53
CA THR E 190 50.05 9.18 -4.00
C THR E 190 49.70 8.28 -5.17
N VAL E 191 50.28 8.60 -6.32
CA VAL E 191 50.11 7.87 -7.57
C VAL E 191 51.48 7.48 -8.14
N PRO E 192 51.51 6.48 -9.03
CA PRO E 192 52.76 6.11 -9.71
C PRO E 192 53.44 7.28 -10.46
N SER E 193 54.75 7.21 -10.60
CA SER E 193 55.48 8.25 -11.32
C SER E 193 55.15 8.23 -12.80
N SER E 194 54.67 7.07 -13.27
CA SER E 194 54.26 6.93 -14.65
C SER E 194 52.97 7.68 -14.92
N SER E 195 52.05 7.66 -13.95
CA SER E 195 50.73 8.26 -14.12
C SER E 195 50.72 9.78 -14.04
N TRP E 196 51.88 10.39 -13.83
CA TRP E 196 51.93 11.83 -13.66
C TRP E 196 53.33 12.35 -13.90
N PRO E 197 53.47 13.44 -14.68
CA PRO E 197 52.44 14.24 -15.34
C PRO E 197 51.77 13.54 -16.52
N SER E 198 52.26 12.35 -16.88
CA SER E 198 51.72 11.60 -18.01
C SER E 198 50.19 11.65 -18.14
N GLU E 199 49.51 11.76 -17.00
CA GLU E 199 48.05 11.90 -16.99
C GLU E 199 47.56 12.87 -15.92
N THR E 200 46.32 13.31 -16.07
CA THR E 200 45.80 14.41 -15.26
C THR E 200 45.46 14.00 -13.83
N VAL E 201 45.96 14.78 -12.88
CA VAL E 201 45.48 14.66 -11.51
C VAL E 201 44.96 16.02 -11.02
N THR E 202 43.68 16.06 -10.63
CA THR E 202 43.07 17.29 -10.11
C THR E 202 42.31 17.02 -8.80
N CYS E 203 42.40 17.94 -7.84
CA CYS E 203 41.62 17.80 -6.62
C CYS E 203 40.31 18.59 -6.69
N ASN E 204 39.23 17.95 -6.26
CA ASN E 204 37.92 18.55 -6.31
C ASN E 204 37.44 18.91 -4.91
N VAL E 205 37.45 20.20 -4.59
CA VAL E 205 37.03 20.68 -3.29
C VAL E 205 35.58 21.23 -3.33
N ALA E 206 34.77 20.83 -2.37
CA ALA E 206 33.41 21.32 -2.19
C ALA E 206 33.27 21.90 -0.80
N HIS E 207 32.58 23.02 -0.69
CA HIS E 207 32.31 23.66 0.58
C HIS E 207 30.83 24.04 0.60
N PRO E 208 29.95 23.10 1.00
CA PRO E 208 28.51 23.31 0.89
C PRO E 208 28.06 24.68 1.38
N ALA E 209 28.53 25.09 2.55
CA ALA E 209 28.05 26.31 3.19
C ALA E 209 28.09 27.52 2.25
N SER E 210 29.11 27.61 1.43
CA SER E 210 29.19 28.68 0.46
C SER E 210 28.67 28.22 -0.90
N SER E 211 28.11 27.02 -0.92
CA SER E 211 27.65 26.39 -2.18
C SER E 211 28.73 26.42 -3.22
N THR E 212 29.97 26.21 -2.81
CA THR E 212 31.13 26.41 -3.69
C THR E 212 31.90 25.12 -3.92
N LYS E 213 32.22 24.84 -5.18
CA LYS E 213 33.10 23.74 -5.55
C LYS E 213 34.27 24.32 -6.31
N VAL E 214 35.48 23.87 -5.98
CA VAL E 214 36.68 24.23 -6.74
C VAL E 214 37.38 22.94 -7.14
N ASP E 215 37.74 22.83 -8.41
CA ASP E 215 38.45 21.65 -8.90
C ASP E 215 39.75 22.15 -9.54
N LYS E 216 40.85 22.00 -8.82
CA LYS E 216 42.16 22.52 -9.25
C LYS E 216 43.08 21.41 -9.78
N LYS E 217 43.62 21.62 -10.97
CA LYS E 217 44.51 20.63 -11.58
C LYS E 217 45.94 20.81 -11.08
N ILE E 218 46.62 19.69 -10.79
CA ILE E 218 47.98 19.78 -10.27
C ILE E 218 48.97 19.68 -11.42
N VAL E 219 49.72 20.76 -11.64
CA VAL E 219 50.66 20.79 -12.75
C VAL E 219 52.09 20.88 -12.23
N PRO E 220 53.03 20.24 -12.93
CA PRO E 220 54.46 20.29 -12.59
C PRO E 220 54.97 21.72 -12.70
N ARG E 221 56.15 21.99 -12.14
CA ARG E 221 56.72 23.33 -12.19
C ARG E 221 57.90 23.39 -13.18
N ALA E 222 57.68 24.02 -14.34
CA ALA E 222 58.71 24.08 -15.38
C ALA E 222 59.20 25.52 -15.65
N ASP F 1 17.17 10.61 33.47
CA ASP F 1 17.41 9.76 32.30
C ASP F 1 18.47 8.71 32.60
N ILE F 2 18.36 7.55 31.96
CA ILE F 2 19.37 6.50 32.14
C ILE F 2 20.72 6.95 31.65
N VAL F 3 21.72 6.82 32.51
CA VAL F 3 23.07 7.20 32.13
C VAL F 3 23.85 5.95 31.75
N LEU F 4 24.35 5.91 30.51
CA LEU F 4 25.17 4.78 30.06
C LEU F 4 26.66 5.13 30.08
N THR F 5 27.44 4.33 30.79
CA THR F 5 28.86 4.58 30.89
C THR F 5 29.61 3.45 30.23
N GLN F 6 30.37 3.78 29.18
CA GLN F 6 31.15 2.74 28.51
C GLN F 6 32.59 2.71 28.97
N SER F 7 33.07 1.47 29.14
CA SER F 7 34.30 1.08 29.78
C SER F 7 35.49 1.84 29.23
N PRO F 8 36.54 1.13 28.73
CA PRO F 8 37.58 2.14 28.50
C PRO F 8 36.97 3.13 27.54
N ALA F 9 37.18 4.40 27.82
CA ALA F 9 36.91 5.42 26.84
C ALA F 9 37.78 5.11 25.60
N ILE F 10 38.96 4.53 25.85
CA ILE F 10 39.94 4.31 24.79
C ILE F 10 40.75 3.05 25.05
N MET F 11 40.82 2.14 24.06
CA MET F 11 41.60 0.91 24.24
C MET F 11 42.36 0.44 23.00
N SER F 12 43.60 0.00 23.22
CA SER F 12 44.50 -0.53 22.19
C SER F 12 44.49 -2.04 22.19
N ALA F 13 44.71 -2.64 21.01
CA ALA F 13 44.73 -4.09 20.90
C ALA F 13 45.36 -4.55 19.60
N ALA F 14 45.76 -5.81 19.56
CA ALA F 14 46.47 -6.31 18.40
C ALA F 14 45.54 -7.30 17.75
N PRO F 15 45.39 -7.20 16.44
CA PRO F 15 44.63 -8.18 15.67
C PRO F 15 44.99 -9.59 16.12
N GLY F 16 43.97 -10.30 16.61
CA GLY F 16 44.11 -11.66 17.09
C GLY F 16 43.80 -11.69 18.58
N ASP F 17 43.74 -10.50 19.19
CA ASP F 17 43.32 -10.37 20.58
C ASP F 17 41.80 -10.50 20.65
N LYS F 18 41.31 -11.15 21.69
CA LYS F 18 39.90 -11.14 22.00
C LYS F 18 39.71 -9.82 22.73
N VAL F 19 38.69 -9.07 22.34
CA VAL F 19 38.52 -7.71 22.83
C VAL F 19 37.13 -7.59 23.46
N THR F 20 37.05 -6.93 24.61
CA THR F 20 35.77 -6.76 25.29
C THR F 20 35.62 -5.37 25.82
N MET F 21 34.45 -4.79 25.59
CA MET F 21 34.16 -3.45 26.05
C MET F 21 32.79 -3.44 26.76
N THR F 22 32.56 -2.44 27.60
CA THR F 22 31.52 -2.51 28.59
C THR F 22 30.62 -1.31 28.59
N CYS F 23 29.32 -1.57 28.70
CA CYS F 23 28.34 -0.53 28.88
C CYS F 23 27.65 -0.74 30.24
N SER F 24 27.74 0.26 31.12
CA SER F 24 27.02 0.21 32.42
C SER F 24 25.91 1.25 32.46
N ALA F 25 24.76 0.85 33.01
CA ALA F 25 23.58 1.71 33.17
C ALA F 25 23.30 2.08 34.62
N SER F 26 23.00 3.35 34.84
CA SER F 26 22.69 3.88 36.14
C SER F 26 21.50 3.16 36.80
N SER F 27 20.55 2.72 35.98
CA SER F 27 19.51 1.80 36.44
C SER F 27 19.15 0.79 35.35
N SER F 28 18.67 -0.37 35.77
CA SER F 28 18.32 -1.45 34.84
C SER F 28 17.81 -1.04 33.44
N VAL F 29 18.35 -1.70 32.41
CA VAL F 29 17.89 -1.56 31.02
C VAL F 29 17.84 -2.93 30.39
N SER F 30 17.27 -3.04 29.19
CA SER F 30 17.39 -4.32 28.48
C SER F 30 17.33 -4.22 26.95
N TYR F 31 17.82 -5.27 26.30
CA TYR F 31 17.93 -5.29 24.85
C TYR F 31 18.63 -4.03 24.30
N ILE F 32 19.84 -3.75 24.79
CA ILE F 32 20.55 -2.56 24.32
C ILE F 32 21.17 -2.78 22.94
N HIS F 33 21.36 -1.67 22.21
CA HIS F 33 21.95 -1.72 20.89
C HIS F 33 23.39 -1.17 20.87
N TRP F 34 24.14 -1.49 19.80
CA TRP F 34 25.51 -0.97 19.61
C TRP F 34 25.72 -0.40 18.21
N TYR F 35 26.27 0.79 18.13
CA TYR F 35 26.66 1.36 16.84
C TYR F 35 28.17 1.35 16.66
N GLN F 36 28.61 1.12 15.42
CA GLN F 36 29.98 1.30 15.03
C GLN F 36 30.16 2.60 14.26
N GLN F 37 31.13 3.44 14.64
CA GLN F 37 31.40 4.68 13.90
C GLN F 37 32.87 4.79 13.52
N LYS F 38 33.17 4.37 12.29
CA LYS F 38 34.49 4.54 11.76
C LYS F 38 34.73 6.02 11.48
N SER F 39 36.00 6.41 11.46
CA SER F 39 36.39 7.79 11.23
C SER F 39 35.83 8.31 9.90
N GLY F 40 35.16 9.45 9.96
CA GLY F 40 34.62 10.08 8.75
C GLY F 40 33.28 9.52 8.33
N THR F 41 32.70 8.65 9.15
CA THR F 41 31.51 7.89 8.79
C THR F 41 30.37 8.13 9.78
N SER F 42 29.13 7.89 9.36
CA SER F 42 27.97 7.90 10.26
C SER F 42 27.90 6.65 11.16
N PRO F 43 27.26 6.77 12.33
CA PRO F 43 27.18 5.54 13.12
C PRO F 43 26.41 4.52 12.30
N LYS F 44 26.66 3.26 12.55
CA LYS F 44 26.12 2.20 11.73
C LYS F 44 25.59 1.14 12.69
N ARG F 45 24.30 0.85 12.65
CA ARG F 45 23.74 -0.13 13.55
C ARG F 45 24.56 -1.41 13.46
N TRP F 46 25.07 -1.87 14.59
CA TRP F 46 26.01 -2.99 14.56
C TRP F 46 25.42 -4.18 15.29
N ILE F 47 25.13 -4.00 16.57
CA ILE F 47 24.48 -5.06 17.33
C ILE F 47 23.19 -4.49 17.91
N TYR F 48 22.14 -5.30 17.92
CA TYR F 48 20.85 -4.87 18.48
C TYR F 48 20.21 -5.99 19.29
N ASP F 49 19.31 -5.60 20.18
CA ASP F 49 18.70 -6.54 21.14
C ASP F 49 19.71 -7.26 21.98
N THR F 50 20.74 -6.53 22.40
CA THR F 50 21.79 -7.08 23.25
C THR F 50 22.79 -7.97 22.52
N SER F 51 22.32 -8.80 21.61
CA SER F 51 23.16 -9.85 21.05
C SER F 51 22.83 -10.25 19.60
N LYS F 52 21.94 -9.53 18.94
CA LYS F 52 21.66 -9.87 17.56
C LYS F 52 22.57 -9.06 16.66
N LEU F 53 23.01 -9.68 15.57
CA LEU F 53 23.90 -9.02 14.65
C LEU F 53 23.14 -8.48 13.46
N THR F 54 23.46 -7.26 13.09
CA THR F 54 22.86 -6.68 11.91
C THR F 54 23.48 -7.39 10.69
N SER F 55 22.74 -7.48 9.59
CA SER F 55 23.23 -8.22 8.44
C SER F 55 24.54 -7.62 7.93
N GLY F 56 25.54 -8.47 7.68
CA GLY F 56 26.82 -8.01 7.19
C GLY F 56 27.81 -7.59 8.27
N VAL F 57 27.48 -7.90 9.52
CA VAL F 57 28.40 -7.77 10.65
C VAL F 57 29.08 -9.11 10.80
N PRO F 58 30.42 -9.13 10.76
CA PRO F 58 31.09 -10.41 10.75
C PRO F 58 30.99 -11.10 12.09
N VAL F 59 31.05 -12.42 12.06
CA VAL F 59 30.64 -13.21 13.21
C VAL F 59 31.60 -13.04 14.38
N ARG F 60 32.75 -12.44 14.13
CA ARG F 60 33.74 -12.25 15.17
C ARG F 60 33.07 -11.41 16.28
N PHE F 61 32.11 -10.58 15.91
CA PHE F 61 31.37 -9.78 16.91
C PHE F 61 30.26 -10.54 17.68
N SER F 62 30.12 -10.23 18.97
CA SER F 62 29.09 -10.81 19.80
C SER F 62 28.67 -9.80 20.87
N GLY F 63 27.41 -9.86 21.30
CA GLY F 63 26.91 -9.01 22.36
C GLY F 63 26.36 -9.83 23.53
N SER F 64 26.34 -9.23 24.71
CA SER F 64 25.79 -9.92 25.84
C SER F 64 25.55 -8.94 26.98
N GLY F 65 25.00 -9.45 28.09
CA GLY F 65 24.78 -8.66 29.29
C GLY F 65 23.32 -8.70 29.75
N SER F 66 23.05 -8.02 30.86
CA SER F 66 21.69 -7.81 31.35
C SER F 66 21.74 -7.01 32.63
N GLY F 67 20.58 -6.49 33.05
CA GLY F 67 20.51 -5.69 34.25
C GLY F 67 21.15 -4.34 34.00
N THR F 68 22.31 -4.12 34.60
CA THR F 68 23.02 -2.86 34.43
C THR F 68 24.40 -3.05 33.80
N SER F 69 24.68 -4.27 33.38
CA SER F 69 25.99 -4.57 32.81
C SER F 69 25.89 -5.23 31.44
N TYR F 70 26.24 -4.48 30.39
CA TYR F 70 26.33 -5.05 29.04
C TYR F 70 27.72 -4.88 28.40
N SER F 71 28.08 -5.86 27.57
CA SER F 71 29.34 -5.84 26.87
C SER F 71 29.21 -6.11 25.37
N LEU F 72 30.23 -5.68 24.62
CA LEU F 72 30.41 -6.09 23.24
C LEU F 72 31.80 -6.72 23.11
N THR F 73 31.84 -7.87 22.45
CA THR F 73 33.05 -8.67 22.39
C THR F 73 33.48 -8.97 20.93
N ILE F 74 34.78 -8.79 20.62
CA ILE F 74 35.28 -9.21 19.33
C ILE F 74 36.21 -10.39 19.49
N ASN F 75 35.75 -11.57 19.07
CA ASN F 75 36.53 -12.77 19.25
C ASN F 75 37.59 -12.90 18.18
N THR F 76 38.73 -12.33 18.56
CA THR F 76 39.81 -11.93 17.69
C THR F 76 39.44 -10.77 16.75
N MET F 77 39.81 -9.60 17.28
CA MET F 77 39.70 -8.33 16.63
C MET F 77 40.45 -8.40 15.32
N GLU F 78 40.09 -7.54 14.38
CA GLU F 78 40.79 -7.41 13.12
C GLU F 78 41.07 -5.94 12.98
N ALA F 79 42.12 -5.62 12.26
CA ALA F 79 42.50 -4.22 12.08
C ALA F 79 41.35 -3.34 11.58
N GLU F 80 40.51 -3.87 10.70
CA GLU F 80 39.42 -3.06 10.15
C GLU F 80 38.36 -2.72 11.21
N ASP F 81 38.47 -3.31 12.40
CA ASP F 81 37.55 -2.99 13.48
C ASP F 81 37.90 -1.69 14.21
N ALA F 82 38.98 -1.02 13.84
CA ALA F 82 39.22 0.33 14.33
C ALA F 82 37.98 1.20 14.13
N ALA F 83 37.41 1.63 15.24
CA ALA F 83 36.31 2.62 15.27
C ALA F 83 36.00 3.01 16.71
N THR F 84 35.10 3.99 16.86
CA THR F 84 34.45 4.28 18.11
C THR F 84 33.08 3.56 18.17
N TYR F 85 32.84 2.80 19.23
CA TYR F 85 31.60 2.05 19.43
C TYR F 85 30.71 2.72 20.47
N TYR F 86 29.44 2.91 20.11
CA TYR F 86 28.44 3.46 21.03
C TYR F 86 27.37 2.45 21.44
N CYS F 87 27.08 2.38 22.74
CA CYS F 87 25.92 1.59 23.16
C CYS F 87 24.69 2.51 23.26
N GLN F 88 23.51 1.90 23.39
CA GLN F 88 22.24 2.64 23.34
C GLN F 88 21.11 1.82 23.93
N GLN F 89 20.26 2.52 24.68
CA GLN F 89 19.10 1.93 25.36
C GLN F 89 17.81 2.67 25.02
N TRP F 90 16.73 1.91 24.84
CA TRP F 90 15.39 2.49 24.71
C TRP F 90 14.37 1.64 25.44
N SER F 91 14.83 0.85 26.40
CA SER F 91 13.93 0.16 27.31
C SER F 91 13.30 1.19 28.26
N SER F 92 13.92 2.37 28.35
CA SER F 92 13.33 3.47 29.09
C SER F 92 13.35 4.70 28.22
N HIS F 93 12.40 5.60 28.42
CA HIS F 93 12.31 6.79 27.61
C HIS F 93 12.66 7.98 28.47
N PRO F 94 13.32 8.99 27.89
CA PRO F 94 13.85 8.99 26.52
C PRO F 94 15.10 8.09 26.44
N GLN F 95 15.47 7.72 25.22
CA GLN F 95 16.62 6.84 25.01
C GLN F 95 17.94 7.60 25.09
N THR F 96 19.01 6.85 25.33
CA THR F 96 20.28 7.47 25.66
C THR F 96 21.46 6.66 25.15
N PHE F 97 22.60 7.32 25.06
CA PHE F 97 23.79 6.75 24.44
C PHE F 97 24.98 6.70 25.40
N GLY F 98 25.77 5.64 25.30
CA GLY F 98 27.09 5.63 25.94
C GLY F 98 27.96 6.77 25.44
N GLY F 99 29.05 7.05 26.16
CA GLY F 99 30.01 8.06 25.71
C GLY F 99 30.92 7.55 24.61
N GLY F 100 30.98 6.22 24.46
CA GLY F 100 31.73 5.62 23.39
C GLY F 100 33.01 4.94 23.84
N THR F 101 33.33 3.83 23.20
CA THR F 101 34.65 3.23 23.31
C THR F 101 35.43 3.35 21.99
N LYS F 102 36.52 4.12 22.03
CA LYS F 102 37.41 4.24 20.88
C LYS F 102 38.37 3.06 20.90
N LEU F 103 38.36 2.29 19.81
CA LEU F 103 39.23 1.13 19.70
C LEU F 103 40.39 1.44 18.77
N GLU F 104 41.61 1.31 19.29
CA GLU F 104 42.79 1.60 18.49
C GLU F 104 43.56 0.32 18.20
N ILE F 105 44.26 0.31 17.07
CA ILE F 105 44.97 -0.88 16.61
C ILE F 105 46.50 -0.80 16.89
N LEU F 106 47.08 -1.93 17.25
CA LEU F 106 48.50 -2.03 17.52
C LEU F 106 49.04 -2.89 16.44
N ARG F 107 50.04 -2.40 15.72
CA ARG F 107 50.61 -3.15 14.60
C ARG F 107 52.12 -2.98 14.61
N ALA F 108 52.82 -3.58 13.63
CA ALA F 108 54.28 -3.41 13.49
C ALA F 108 54.66 -1.99 13.01
N ASP F 109 55.96 -1.71 13.01
CA ASP F 109 56.45 -0.36 12.73
C ASP F 109 56.31 -0.01 11.27
N ALA F 110 56.28 1.29 11.01
CA ALA F 110 56.24 1.77 9.65
C ALA F 110 56.82 3.15 9.75
N ALA F 111 57.68 3.49 8.81
CA ALA F 111 58.43 4.72 8.85
C ALA F 111 57.80 5.73 7.93
N PRO F 112 57.82 6.99 8.36
CA PRO F 112 57.20 8.06 7.59
C PRO F 112 57.73 8.15 6.18
N THR F 113 56.87 8.50 5.24
CA THR F 113 57.34 8.91 3.94
C THR F 113 57.16 10.42 3.86
N VAL F 114 58.26 11.15 3.68
CA VAL F 114 58.20 12.60 3.76
C VAL F 114 58.18 13.28 2.39
N SER F 115 57.31 14.29 2.26
CA SER F 115 57.18 15.10 1.03
C SER F 115 57.15 16.57 1.39
N ILE F 116 57.87 17.38 0.63
CA ILE F 116 57.92 18.81 0.88
C ILE F 116 57.46 19.59 -0.35
N PHE F 117 56.72 20.66 -0.11
CA PHE F 117 56.13 21.45 -1.19
C PHE F 117 56.35 22.94 -0.96
N PRO F 118 56.81 23.64 -2.00
CA PRO F 118 57.05 25.08 -1.96
C PRO F 118 55.73 25.81 -2.18
N PRO F 119 55.56 26.98 -1.57
CA PRO F 119 54.32 27.74 -1.78
C PRO F 119 54.03 27.79 -3.27
N SER F 120 52.77 27.66 -3.68
CA SER F 120 52.46 27.62 -5.11
C SER F 120 52.47 29.01 -5.73
N SER F 121 52.62 29.05 -7.05
CA SER F 121 52.52 30.31 -7.76
C SER F 121 51.22 31.02 -7.42
N GLU F 122 50.10 30.30 -7.54
CA GLU F 122 48.79 30.86 -7.26
C GLU F 122 48.77 31.57 -5.92
N GLN F 123 49.35 30.93 -4.91
CA GLN F 123 49.27 31.44 -3.53
C GLN F 123 50.12 32.69 -3.34
N LEU F 124 51.30 32.71 -3.95
CA LEU F 124 52.20 33.85 -3.84
C LEU F 124 51.52 35.11 -4.34
N THR F 125 50.73 34.98 -5.41
CA THR F 125 49.95 36.10 -5.95
C THR F 125 49.02 36.74 -4.91
N SER F 126 48.66 35.99 -3.88
CA SER F 126 47.73 36.51 -2.87
C SER F 126 48.46 37.19 -1.72
N GLY F 127 49.79 37.05 -1.69
CA GLY F 127 50.60 37.66 -0.65
C GLY F 127 50.88 36.78 0.57
N GLY F 128 50.80 35.47 0.40
CA GLY F 128 51.13 34.55 1.48
C GLY F 128 51.99 33.43 0.94
N ALA F 129 52.70 32.75 1.83
CA ALA F 129 53.50 31.59 1.43
C ALA F 129 53.40 30.47 2.46
N SER F 130 52.74 29.37 2.08
CA SER F 130 52.66 28.19 2.95
C SER F 130 53.57 27.06 2.48
N VAL F 131 54.58 26.76 3.30
CA VAL F 131 55.44 25.63 3.00
C VAL F 131 54.80 24.44 3.70
N VAL F 132 54.60 23.37 2.93
CA VAL F 132 53.81 22.24 3.41
C VAL F 132 54.59 20.94 3.35
N CYS F 133 54.57 20.22 4.47
CA CYS F 133 55.27 18.97 4.60
C CYS F 133 54.28 17.86 4.95
N PHE F 134 54.22 16.84 4.08
CA PHE F 134 53.45 15.62 4.36
C PHE F 134 54.33 14.53 4.94
N LEU F 135 53.89 13.93 6.04
CA LEU F 135 54.51 12.72 6.57
C LEU F 135 53.51 11.56 6.59
N ASN F 136 53.62 10.66 5.60
CA ASN F 136 52.57 9.68 5.38
C ASN F 136 52.81 8.24 5.83
N ASN F 137 51.79 7.64 6.41
CA ASN F 137 51.79 6.20 6.63
C ASN F 137 52.89 5.68 7.57
N PHE F 138 53.01 6.30 8.74
CA PHE F 138 53.94 5.83 9.74
C PHE F 138 53.24 5.15 10.94
N TYR F 139 54.02 4.48 11.78
CA TYR F 139 53.51 3.85 13.00
C TYR F 139 54.71 3.50 13.88
N PRO F 140 54.71 3.96 15.14
CA PRO F 140 53.53 4.54 15.82
C PRO F 140 53.26 6.01 15.54
N LYS F 141 52.36 6.57 16.35
CA LYS F 141 51.76 7.86 16.07
C LYS F 141 52.70 8.97 16.44
N ASP F 142 53.42 8.79 17.53
CA ASP F 142 54.29 9.83 18.05
C ASP F 142 55.34 10.10 17.01
N ILE F 143 55.49 11.38 16.69
CA ILE F 143 56.42 11.79 15.67
C ILE F 143 56.71 13.26 15.92
N ASN F 144 57.94 13.68 15.63
CA ASN F 144 58.33 15.07 15.79
C ASN F 144 58.72 15.63 14.44
N VAL F 145 58.37 16.88 14.22
CA VAL F 145 58.67 17.50 12.94
C VAL F 145 59.36 18.81 13.23
N LYS F 146 60.43 19.08 12.49
CA LYS F 146 61.34 20.15 12.84
C LYS F 146 61.59 21.00 11.60
N TRP F 147 61.26 22.29 11.69
CA TRP F 147 61.43 23.22 10.57
C TRP F 147 62.72 24.06 10.63
N LYS F 148 63.60 23.82 9.65
CA LYS F 148 64.79 24.63 9.48
C LYS F 148 64.68 25.55 8.26
N ILE F 149 64.78 26.85 8.51
CA ILE F 149 64.86 27.84 7.44
C ILE F 149 66.30 28.34 7.33
N ASP F 150 66.91 28.16 6.17
CA ASP F 150 68.29 28.60 5.95
C ASP F 150 69.19 28.09 7.07
N GLY F 151 68.90 26.89 7.57
CA GLY F 151 69.69 26.27 8.60
C GLY F 151 69.21 26.53 10.01
N SER F 152 68.49 27.64 10.21
CA SER F 152 67.95 27.98 11.53
C SER F 152 66.71 27.14 11.90
N GLU F 153 66.07 27.47 13.01
CA GLU F 153 64.94 26.69 13.47
C GLU F 153 63.70 27.54 13.72
N ARG F 154 62.61 27.19 13.06
CA ARG F 154 61.39 27.98 13.13
C ARG F 154 60.35 27.29 14.00
N GLN F 155 59.75 28.05 14.91
CA GLN F 155 58.79 27.48 15.85
C GLN F 155 57.51 28.31 15.86
N ASN F 156 57.56 29.45 15.18
CA ASN F 156 56.39 30.30 15.03
C ASN F 156 55.80 30.15 13.64
N GLY F 157 54.50 29.87 13.58
CA GLY F 157 53.81 29.72 12.31
C GLY F 157 53.76 28.30 11.78
N VAL F 158 53.98 27.31 12.64
CA VAL F 158 53.91 25.93 12.21
C VAL F 158 52.65 25.24 12.73
N LEU F 159 51.89 24.64 11.81
CA LEU F 159 50.64 23.97 12.17
C LEU F 159 50.65 22.50 11.78
N ASN F 160 50.43 21.63 12.75
CA ASN F 160 50.43 20.19 12.52
C ASN F 160 49.03 19.59 12.67
N SER F 161 48.78 18.51 11.93
CA SER F 161 47.50 17.83 12.01
C SER F 161 47.71 16.37 11.68
N TRP F 162 47.23 15.49 12.52
CA TRP F 162 47.30 14.06 12.27
C TRP F 162 45.97 13.56 11.73
N THR F 163 45.98 12.66 10.76
CA THR F 163 44.80 11.89 10.50
C THR F 163 44.56 10.93 11.69
N ASP F 164 43.36 10.39 11.80
CA ASP F 164 43.11 9.22 12.62
C ASP F 164 43.77 8.03 11.96
N GLN F 165 43.75 6.91 12.66
CA GLN F 165 44.33 5.66 12.19
C GLN F 165 43.59 5.13 10.95
N ASP F 166 44.32 4.60 10.00
CA ASP F 166 43.71 4.06 8.80
C ASP F 166 43.01 2.71 9.05
N SER F 167 41.84 2.57 8.43
CA SER F 167 40.93 1.46 8.70
C SER F 167 41.44 0.13 8.15
N LYS F 168 42.36 0.18 7.21
CA LYS F 168 42.81 -1.05 6.60
C LYS F 168 44.23 -1.41 7.02
N ASP F 169 45.12 -0.42 7.00
CA ASP F 169 46.53 -0.67 7.35
C ASP F 169 46.96 -0.05 8.67
N SER F 170 46.04 0.57 9.39
CA SER F 170 46.33 1.07 10.74
C SER F 170 47.48 2.07 10.87
N THR F 171 47.90 2.68 9.77
CA THR F 171 48.97 3.68 9.88
C THR F 171 48.40 5.04 10.20
N TYR F 172 49.28 5.98 10.52
CA TYR F 172 48.88 7.37 10.72
C TYR F 172 49.64 8.16 9.71
N SER F 173 49.17 9.40 9.53
CA SER F 173 49.77 10.37 8.65
C SER F 173 49.65 11.71 9.32
N MET F 174 50.34 12.72 8.80
CA MET F 174 50.40 14.01 9.47
C MET F 174 50.85 15.04 8.47
N SER F 175 50.45 16.30 8.66
CA SER F 175 50.93 17.39 7.83
C SER F 175 51.44 18.46 8.76
N SER F 176 52.45 19.19 8.28
CA SER F 176 52.99 20.32 9.02
C SER F 176 53.11 21.45 8.03
N THR F 177 52.64 22.62 8.44
CA THR F 177 52.45 23.72 7.52
C THR F 177 53.04 24.99 8.09
N LEU F 178 54.04 25.52 7.38
CA LEU F 178 54.71 26.73 7.80
C LEU F 178 54.13 27.93 7.05
N THR F 179 53.64 28.90 7.80
CA THR F 179 52.97 30.06 7.21
C THR F 179 53.75 31.35 7.34
N LEU F 180 54.12 31.92 6.20
CA LEU F 180 54.86 33.17 6.14
C LEU F 180 54.26 34.08 5.08
N THR F 181 54.52 35.38 5.19
CA THR F 181 54.10 36.33 4.17
C THR F 181 54.91 36.12 2.89
N LYS F 182 54.42 36.67 1.79
CA LYS F 182 55.18 36.60 0.54
C LYS F 182 56.57 37.21 0.74
N ASP F 183 56.67 38.15 1.68
CA ASP F 183 57.95 38.82 1.95
C ASP F 183 58.89 37.95 2.76
N GLU F 184 58.47 37.60 3.98
CA GLU F 184 59.26 36.76 4.87
C GLU F 184 59.79 35.53 4.15
N TYR F 185 58.95 34.91 3.33
CA TYR F 185 59.35 33.73 2.58
C TYR F 185 60.53 34.05 1.69
N GLU F 186 60.53 35.24 1.12
CA GLU F 186 61.55 35.61 0.13
C GLU F 186 62.90 35.98 0.78
N ARG F 187 62.85 36.69 1.90
CA ARG F 187 64.08 37.00 2.65
C ARG F 187 64.73 35.75 3.24
N HIS F 188 64.69 34.65 2.48
CA HIS F 188 65.35 33.39 2.85
C HIS F 188 65.44 32.51 1.61
N ASN F 189 66.15 31.39 1.67
CA ASN F 189 66.33 30.60 0.45
C ASN F 189 66.15 29.11 0.63
N SER F 190 66.58 28.60 1.77
CA SER F 190 66.54 27.18 2.03
C SER F 190 65.46 26.82 3.04
N TYR F 191 64.59 25.89 2.65
CA TYR F 191 63.56 25.40 3.55
C TYR F 191 63.68 23.90 3.63
N THR F 192 63.66 23.41 4.86
CA THR F 192 63.83 21.99 5.14
C THR F 192 63.03 21.61 6.37
N CYS F 193 62.23 20.56 6.26
CA CYS F 193 61.54 20.03 7.42
C CYS F 193 62.15 18.67 7.77
N GLU F 194 62.23 18.40 9.07
CA GLU F 194 62.82 17.18 9.56
C GLU F 194 61.84 16.36 10.37
N ALA F 195 61.76 15.07 10.04
CA ALA F 195 60.87 14.14 10.70
C ALA F 195 61.65 13.16 11.57
N THR F 196 61.33 13.11 12.86
CA THR F 196 61.97 12.17 13.77
C THR F 196 61.01 11.11 14.31
N HIS F 197 61.29 9.84 13.99
CA HIS F 197 60.40 8.74 14.32
C HIS F 197 61.16 7.50 14.84
N LYS F 198 60.52 6.67 15.65
CA LYS F 198 61.25 5.57 16.29
C LYS F 198 61.87 4.58 15.30
N THR F 199 61.40 4.60 14.07
CA THR F 199 61.87 3.66 13.05
C THR F 199 63.25 4.05 12.53
N SER F 200 63.79 5.15 13.06
CA SER F 200 65.10 5.64 12.66
C SER F 200 65.78 6.51 13.74
N THR F 201 67.08 6.28 13.93
CA THR F 201 67.87 7.11 14.83
C THR F 201 68.18 8.47 14.17
N SER F 202 68.41 8.43 12.87
CA SER F 202 68.64 9.64 12.09
C SER F 202 67.36 10.15 11.45
N PRO F 203 67.05 11.44 11.67
CA PRO F 203 65.84 12.08 11.17
C PRO F 203 65.75 12.01 9.64
N ILE F 204 64.54 11.76 9.14
CA ILE F 204 64.28 11.96 7.74
C ILE F 204 64.07 13.46 7.57
N VAL F 205 64.81 14.04 6.63
CA VAL F 205 64.72 15.46 6.37
C VAL F 205 64.57 15.70 4.87
N LYS F 206 63.64 16.57 4.51
CA LYS F 206 63.46 16.95 3.11
C LYS F 206 63.57 18.47 2.97
N SER F 207 64.05 18.94 1.82
CA SER F 207 64.17 20.37 1.61
C SER F 207 64.12 20.80 0.15
N PHE F 208 64.08 22.12 -0.05
CA PHE F 208 64.21 22.68 -1.38
C PHE F 208 64.86 24.06 -1.23
N ASN F 209 65.45 24.57 -2.30
CA ASN F 209 66.02 25.91 -2.28
C ASN F 209 65.26 26.85 -3.19
N ARG F 210 64.85 27.99 -2.64
CA ARG F 210 64.05 28.95 -3.38
C ARG F 210 64.70 29.30 -4.72
N ALA F 211 66.03 29.28 -4.73
CA ALA F 211 66.79 29.45 -5.97
C ALA F 211 66.81 28.13 -6.74
#